data_7NWC
#
_entry.id   7NWC
#
_cell.length_a   81.069
_cell.length_b   110.431
_cell.length_c   107.043
_cell.angle_alpha   90.000
_cell.angle_beta   103.200
_cell.angle_gamma   90.000
#
_symmetry.space_group_name_H-M   'P 1 21 1'
#
loop_
_entity.id
_entity.type
_entity.pdbx_description
1 polymer 'Branched-chain-amino-acid aminotransferase, cytosolic'
2 non-polymer 3-(5-chloranyl-2,4-dimethoxy-phenyl)-6-(trifluoromethyl)-1H-pyrimidine-2,4-dione
3 non-polymer "PYRIDOXAL-5'-PHOSPHATE"
4 water water
#
_entity_poly.entity_id   1
_entity_poly.type   'polypeptide(L)'
_entity_poly.pdbx_seq_one_letter_code
;GPGMKDCSNGCSAECTGEGGSKEVVGTFKAKDLIVTPATILKEKPDPNNLVFGTVFTDHMLTVEWSSEFGWEKPHIKPLQ
NLSLHPGSSALHYAVELFEGLKAFRGVDNKIRLFQPNLNMDRMYRSAVRATLPVFDKEELLECIQQLVKLDQEWVPYSTS
ASLYIRPTFIGTEPSLGVKKPTKALLFVLLSPVGPYFSSGTFNPVSLWANPKYVRAWKGGTGDCKMGGNYGSSLFAQCEA
VDNGCQQVLWLYGEDHQITEVGTMNLFLYWINEDGEEELATPPLDGIILPGVTRRCILDLAHQWGEFKVSERYLTMDDLT
TALEGNRVREMFGSGTACVVCPVSDILYKGETIHIPTMENGPKLASRILSKLTDIQYGREERDWTIVLS
;
_entity_poly.pdbx_strand_id   A,B,C,D
#
loop_
_chem_comp.id
_chem_comp.type
_chem_comp.name
_chem_comp.formula
PLP non-polymer PYRIDOXAL-5'-PHOSPHATE 'C8 H10 N O6 P'
UTQ non-polymer 3-(5-chloranyl-2,4-dimethoxy-phenyl)-6-(trifluoromethyl)-1H-pyrimidine-2,4-dione 'C13 H10 Cl F3 N2 O4'
#
# COMPACT_ATOMS: atom_id res chain seq x y z
N VAL A 25 -17.74 -7.65 45.91
CA VAL A 25 -18.82 -7.36 44.90
C VAL A 25 -19.80 -6.33 45.49
N GLY A 26 -20.61 -5.74 44.63
CA GLY A 26 -21.62 -4.72 44.95
C GLY A 26 -21.92 -3.83 43.74
N THR A 27 -22.60 -2.70 43.95
CA THR A 27 -23.03 -1.78 42.87
C THR A 27 -23.32 -0.38 43.41
N PHE A 28 -23.09 0.63 42.57
CA PHE A 28 -23.63 2.01 42.72
C PHE A 28 -25.13 1.94 42.45
N LYS A 29 -25.89 2.89 43.00
CA LYS A 29 -27.38 2.90 42.97
C LYS A 29 -27.83 4.27 42.47
N ALA A 30 -28.83 4.29 41.59
CA ALA A 30 -29.36 5.52 40.95
C ALA A 30 -29.92 6.46 42.02
N LYS A 31 -30.50 5.91 43.09
CA LYS A 31 -31.14 6.68 44.19
C LYS A 31 -30.09 7.47 44.98
N ASP A 32 -28.81 7.12 44.88
CA ASP A 32 -27.70 7.84 45.56
C ASP A 32 -27.12 8.92 44.64
N LEU A 33 -27.69 9.12 43.44
CA LEU A 33 -27.17 10.08 42.42
C LEU A 33 -26.94 11.45 43.07
N ILE A 34 -25.76 12.03 42.87
CA ILE A 34 -25.42 13.42 43.26
C ILE A 34 -25.37 14.27 41.99
N VAL A 35 -26.41 15.05 41.75
CA VAL A 35 -26.55 15.89 40.51
C VAL A 35 -25.97 17.27 40.80
N THR A 36 -24.99 17.70 40.00
CA THR A 36 -24.34 19.03 40.06
C THR A 36 -24.62 19.75 38.74
N PRO A 37 -25.76 20.47 38.60
CA PRO A 37 -26.05 21.19 37.37
C PRO A 37 -24.93 22.17 36.97
N ALA A 38 -24.77 22.39 35.67
CA ALA A 38 -23.84 23.38 35.09
C ALA A 38 -24.46 24.76 35.26
N THR A 39 -23.64 25.78 35.56
CA THR A 39 -24.07 27.19 35.71
C THR A 39 -24.08 27.87 34.34
N ILE A 40 -23.25 27.40 33.40
CA ILE A 40 -23.15 27.93 32.01
C ILE A 40 -23.53 26.81 31.03
N LEU A 41 -24.51 27.06 30.17
CA LEU A 41 -25.05 26.06 29.21
C LEU A 41 -24.57 26.44 27.80
N LYS A 42 -24.27 25.42 26.99
CA LYS A 42 -23.73 25.60 25.61
C LYS A 42 -24.90 25.66 24.63
N GLU A 43 -24.75 26.43 23.55
CA GLU A 43 -25.70 26.43 22.41
C GLU A 43 -25.62 25.06 21.74
N LYS A 44 -26.78 24.46 21.47
CA LYS A 44 -26.90 23.18 20.71
C LYS A 44 -26.41 23.41 19.29
N PRO A 45 -25.94 22.35 18.60
CA PRO A 45 -25.49 22.47 17.21
C PRO A 45 -26.67 22.37 16.24
N ASP A 46 -26.46 22.79 14.99
CA ASP A 46 -27.40 22.59 13.86
C ASP A 46 -27.47 21.10 13.55
N PRO A 47 -28.63 20.42 13.75
CA PRO A 47 -28.77 18.99 13.51
C PRO A 47 -28.39 18.52 12.09
N ASN A 48 -28.44 19.45 11.12
CA ASN A 48 -28.25 19.18 9.67
C ASN A 48 -26.75 19.11 9.35
N ASN A 49 -25.88 19.74 10.15
CA ASN A 49 -24.41 19.81 9.90
C ASN A 49 -23.66 19.30 11.13
N LEU A 50 -23.85 18.01 11.45
CA LEU A 50 -23.25 17.33 12.62
C LEU A 50 -22.24 16.27 12.16
N VAL A 51 -21.00 16.36 12.63
CA VAL A 51 -19.96 15.30 12.46
C VAL A 51 -20.03 14.36 13.68
N PHE A 52 -19.91 13.06 13.46
CA PHE A 52 -20.14 11.99 14.48
C PHE A 52 -19.11 12.11 15.61
N GLY A 53 -19.59 12.19 16.85
CA GLY A 53 -18.79 12.13 18.08
C GLY A 53 -17.93 13.37 18.29
N THR A 54 -18.28 14.48 17.63
CA THR A 54 -17.51 15.75 17.64
C THR A 54 -17.99 16.67 18.77
N VAL A 55 -19.31 16.79 18.94
CA VAL A 55 -19.97 17.77 19.86
C VAL A 55 -20.50 17.00 21.07
N PHE A 56 -20.34 17.56 22.27
CA PHE A 56 -20.75 16.94 23.56
C PHE A 56 -21.72 17.86 24.31
N THR A 57 -22.55 17.27 25.16
CA THR A 57 -23.65 17.95 25.89
C THR A 57 -23.08 18.61 27.14
N ASP A 58 -23.94 19.16 28.00
CA ASP A 58 -23.55 19.95 29.18
C ASP A 58 -23.01 19.04 30.28
N HIS A 59 -23.55 17.83 30.42
CA HIS A 59 -23.31 16.93 31.59
C HIS A 59 -22.79 15.56 31.15
N MET A 60 -22.19 14.85 32.11
CA MET A 60 -21.64 13.48 31.97
C MET A 60 -21.97 12.73 33.26
N LEU A 61 -22.03 11.40 33.20
CA LEU A 61 -22.07 10.53 34.41
C LEU A 61 -20.64 10.12 34.74
N THR A 62 -20.27 10.12 36.03
CA THR A 62 -19.01 9.52 36.54
C THR A 62 -19.34 8.69 37.79
N VAL A 63 -18.76 7.49 37.88
CA VAL A 63 -18.82 6.61 39.08
C VAL A 63 -17.39 6.07 39.33
N GLU A 64 -16.85 6.37 40.50
CA GLU A 64 -15.51 5.88 40.96
C GLU A 64 -15.67 4.49 41.57
N TRP A 65 -14.66 3.63 41.39
CA TRP A 65 -14.57 2.30 42.04
C TRP A 65 -13.16 2.09 42.59
N SER A 66 -13.07 1.41 43.74
CA SER A 66 -11.82 0.86 44.33
C SER A 66 -12.10 -0.56 44.81
N SER A 67 -11.07 -1.42 44.82
CA SER A 67 -11.13 -2.79 45.40
C SER A 67 -11.42 -2.69 46.89
N GLU A 68 -10.88 -1.66 47.55
CA GLU A 68 -10.95 -1.50 49.04
C GLU A 68 -12.39 -1.15 49.44
N PHE A 69 -12.95 -0.06 48.90
CA PHE A 69 -14.23 0.54 49.35
C PHE A 69 -15.39 0.19 48.41
N GLY A 70 -15.10 -0.30 47.20
CA GLY A 70 -16.12 -0.66 46.20
C GLY A 70 -16.62 0.56 45.43
N TRP A 71 -17.85 0.47 44.91
CA TRP A 71 -18.49 1.52 44.09
C TRP A 71 -18.85 2.73 44.96
N GLU A 72 -18.29 3.91 44.65
CA GLU A 72 -18.71 5.21 45.22
C GLU A 72 -20.11 5.55 44.67
N LYS A 73 -20.71 6.62 45.18
CA LYS A 73 -22.03 7.12 44.71
C LYS A 73 -21.84 7.72 43.32
N PRO A 74 -22.80 7.51 42.38
CA PRO A 74 -22.68 8.05 41.03
C PRO A 74 -22.93 9.56 41.02
N HIS A 75 -22.29 10.27 40.07
CA HIS A 75 -22.36 11.74 39.90
C HIS A 75 -22.80 12.08 38.48
N ILE A 76 -23.84 12.91 38.33
CA ILE A 76 -24.12 13.66 37.08
C ILE A 76 -23.63 15.08 37.34
N LYS A 77 -22.72 15.58 36.49
CA LYS A 77 -21.99 16.85 36.71
C LYS A 77 -21.57 17.40 35.36
N PRO A 78 -21.08 18.66 35.29
CA PRO A 78 -20.70 19.25 34.01
C PRO A 78 -19.62 18.45 33.28
N LEU A 79 -19.70 18.38 31.95
CA LEU A 79 -18.66 17.78 31.09
C LEU A 79 -17.34 18.44 31.43
N GLN A 80 -16.34 17.63 31.81
CA GLN A 80 -14.99 18.11 32.20
C GLN A 80 -13.95 17.06 31.77
N ASN A 81 -12.70 17.49 31.63
CA ASN A 81 -11.54 16.58 31.46
C ASN A 81 -11.47 15.64 32.66
N LEU A 82 -11.01 14.41 32.42
CA LEU A 82 -10.69 13.44 33.50
C LEU A 82 -9.28 13.74 34.01
N SER A 83 -9.13 13.81 35.32
CA SER A 83 -7.80 13.90 36.00
C SER A 83 -7.34 12.46 36.29
N LEU A 84 -6.41 11.95 35.48
CA LEU A 84 -5.96 10.53 35.53
C LEU A 84 -4.47 10.48 35.90
N HIS A 85 -4.10 9.64 36.86
CA HIS A 85 -2.70 9.28 37.15
C HIS A 85 -2.09 8.78 35.84
N PRO A 86 -0.89 9.25 35.44
CA PRO A 86 -0.32 8.87 34.15
C PRO A 86 0.00 7.37 34.01
N GLY A 87 -0.05 6.62 35.11
CA GLY A 87 0.17 5.16 35.14
C GLY A 87 -1.13 4.36 35.00
N SER A 88 -2.27 5.05 34.88
CA SER A 88 -3.63 4.45 34.73
C SER A 88 -3.57 3.34 33.66
N SER A 89 -4.02 2.14 34.02
CA SER A 89 -3.91 0.90 33.20
C SER A 89 -4.66 1.05 31.87
N ALA A 90 -5.66 1.94 31.81
CA ALA A 90 -6.41 2.27 30.58
C ALA A 90 -5.45 2.82 29.51
N LEU A 91 -4.40 3.54 29.91
CA LEU A 91 -3.44 4.23 29.01
C LEU A 91 -2.31 3.29 28.59
N HIS A 92 -2.00 2.28 29.41
CA HIS A 92 -0.83 1.39 29.22
C HIS A 92 -1.25 0.03 28.66
N TYR A 93 -2.29 -0.57 29.24
CA TYR A 93 -2.70 -1.98 28.99
C TYR A 93 -4.15 -2.04 28.49
N ALA A 94 -4.67 -0.93 27.98
CA ALA A 94 -6.01 -0.83 27.34
C ALA A 94 -7.04 -1.60 28.18
N VAL A 95 -6.97 -1.45 29.51
CA VAL A 95 -8.00 -1.95 30.46
C VAL A 95 -9.21 -1.01 30.34
N GLU A 96 -10.05 -1.26 29.34
CA GLU A 96 -11.13 -0.33 28.94
C GLU A 96 -12.15 -1.07 28.07
N LEU A 97 -13.40 -0.64 28.15
CA LEU A 97 -14.50 -1.04 27.26
C LEU A 97 -15.46 0.14 27.13
N PHE A 98 -16.29 0.12 26.09
CA PHE A 98 -17.31 1.16 25.81
C PHE A 98 -18.59 0.49 25.32
N GLU A 99 -19.62 1.32 25.16
CA GLU A 99 -20.90 0.94 24.50
C GLU A 99 -21.31 2.06 23.56
N GLY A 100 -22.20 1.73 22.63
CA GLY A 100 -22.83 2.67 21.69
C GLY A 100 -24.32 2.37 21.61
N LEU A 101 -25.15 3.27 22.13
CA LEU A 101 -26.63 3.23 21.97
C LEU A 101 -27.12 4.66 21.78
N LYS A 102 -28.37 4.82 21.37
CA LYS A 102 -28.93 6.15 20.98
C LYS A 102 -30.22 6.43 21.75
N ALA A 103 -30.50 7.72 21.98
CA ALA A 103 -31.82 8.28 22.35
C ALA A 103 -32.38 9.02 21.13
N PHE A 104 -33.66 8.86 20.83
CA PHE A 104 -34.34 9.40 19.62
C PHE A 104 -35.54 10.26 20.03
N ARG A 105 -35.61 11.50 19.55
CA ARG A 105 -36.80 12.37 19.69
C ARG A 105 -37.81 11.96 18.62
N GLY A 106 -38.90 11.30 19.03
CA GLY A 106 -39.89 10.70 18.11
C GLY A 106 -40.78 11.73 17.44
N VAL A 107 -41.65 11.30 16.53
CA VAL A 107 -42.63 12.15 15.79
C VAL A 107 -43.66 12.73 16.76
N ASP A 108 -43.84 12.10 17.93
CA ASP A 108 -44.75 12.54 19.02
C ASP A 108 -43.98 13.33 20.08
N ASN A 109 -42.73 13.71 19.78
CA ASN A 109 -41.81 14.50 20.64
C ASN A 109 -41.49 13.78 21.96
N LYS A 110 -41.77 12.48 22.06
CA LYS A 110 -41.34 11.63 23.20
C LYS A 110 -39.95 11.08 22.86
N ILE A 111 -39.04 11.10 23.84
CA ILE A 111 -37.65 10.57 23.70
C ILE A 111 -37.68 9.07 24.05
N ARG A 112 -37.07 8.25 23.20
CA ARG A 112 -37.03 6.76 23.34
C ARG A 112 -35.58 6.26 23.30
N LEU A 113 -35.26 5.34 24.21
CA LEU A 113 -34.06 4.45 24.11
C LEU A 113 -34.46 3.22 23.29
N PHE A 114 -33.51 2.63 22.58
CA PHE A 114 -33.73 1.47 21.68
C PHE A 114 -32.91 0.27 22.20
N GLN A 115 -33.62 -0.74 22.72
CA GLN A 115 -33.05 -2.00 23.25
C GLN A 115 -31.86 -1.72 24.16
N PRO A 116 -31.92 -0.74 25.09
CA PRO A 116 -30.77 -0.40 25.92
C PRO A 116 -30.32 -1.52 26.88
N ASN A 117 -31.22 -2.46 27.20
CA ASN A 117 -30.92 -3.63 28.08
C ASN A 117 -29.90 -4.55 27.42
N LEU A 118 -29.88 -4.62 26.09
CA LEU A 118 -28.91 -5.44 25.32
C LEU A 118 -27.53 -4.80 25.43
N ASN A 119 -27.45 -3.48 25.50
CA ASN A 119 -26.18 -2.73 25.67
C ASN A 119 -25.65 -2.99 27.08
N MET A 120 -26.52 -2.95 28.09
CA MET A 120 -26.19 -3.21 29.52
C MET A 120 -25.69 -4.66 29.67
N ASP A 121 -26.39 -5.63 29.08
CA ASP A 121 -25.99 -7.06 29.05
C ASP A 121 -24.57 -7.16 28.49
N ARG A 122 -24.33 -6.50 27.35
CA ARG A 122 -23.06 -6.60 26.57
C ARG A 122 -21.93 -5.88 27.32
N MET A 123 -22.23 -4.77 27.99
CA MET A 123 -21.24 -3.99 28.78
C MET A 123 -20.82 -4.77 30.03
N TYR A 124 -21.78 -5.41 30.71
CA TYR A 124 -21.53 -6.28 31.89
C TYR A 124 -20.57 -7.39 31.47
N ARG A 125 -20.93 -8.11 30.41
CA ARG A 125 -20.17 -9.26 29.87
C ARG A 125 -18.75 -8.80 29.50
N SER A 126 -18.62 -7.63 28.90
CA SER A 126 -17.33 -6.99 28.52
C SER A 126 -16.51 -6.69 29.78
N ALA A 127 -17.17 -6.18 30.83
CA ALA A 127 -16.53 -5.84 32.12
C ALA A 127 -15.90 -7.09 32.72
N VAL A 128 -16.62 -8.22 32.68
CA VAL A 128 -16.15 -9.53 33.20
C VAL A 128 -14.90 -9.96 32.41
N ARG A 129 -14.94 -9.82 31.08
CA ARG A 129 -13.83 -10.25 30.18
C ARG A 129 -12.62 -9.33 30.33
N ALA A 130 -12.82 -8.07 30.72
CA ALA A 130 -11.74 -7.06 30.91
C ALA A 130 -11.15 -7.16 32.33
N THR A 131 -11.83 -7.88 33.23
CA THR A 131 -11.56 -8.01 34.68
C THR A 131 -11.83 -6.68 35.40
N LEU A 132 -12.63 -5.79 34.79
CA LEU A 132 -13.18 -4.59 35.45
C LEU A 132 -14.36 -5.04 36.32
N PRO A 133 -14.66 -4.33 37.42
CA PRO A 133 -15.65 -4.79 38.40
C PRO A 133 -17.08 -4.77 37.83
N VAL A 134 -17.89 -5.77 38.19
CA VAL A 134 -19.32 -5.86 37.78
C VAL A 134 -20.11 -4.75 38.49
N PHE A 135 -21.33 -4.50 38.02
CA PHE A 135 -22.27 -3.45 38.50
C PHE A 135 -23.69 -3.92 38.22
N ASP A 136 -24.71 -3.34 38.86
CA ASP A 136 -26.12 -3.67 38.59
C ASP A 136 -26.55 -2.97 37.28
N LYS A 137 -26.95 -3.76 36.28
CA LYS A 137 -27.30 -3.27 34.92
C LYS A 137 -28.50 -2.31 34.98
N GLU A 138 -29.51 -2.61 35.80
CA GLU A 138 -30.71 -1.76 35.99
C GLU A 138 -30.30 -0.40 36.56
N GLU A 139 -29.33 -0.37 37.48
CA GLU A 139 -28.86 0.87 38.16
C GLU A 139 -28.10 1.75 37.15
N LEU A 140 -27.28 1.15 36.27
CA LEU A 140 -26.56 1.91 35.20
C LEU A 140 -27.61 2.50 34.25
N LEU A 141 -28.52 1.68 33.74
CA LEU A 141 -29.53 2.14 32.77
C LEU A 141 -30.28 3.33 33.38
N GLU A 142 -30.72 3.24 34.64
CA GLU A 142 -31.50 4.31 35.32
C GLU A 142 -30.63 5.57 35.45
N CYS A 143 -29.33 5.42 35.75
CA CYS A 143 -28.36 6.56 35.82
C CYS A 143 -28.23 7.23 34.46
N ILE A 144 -28.22 6.45 33.38
CA ILE A 144 -28.15 6.93 31.97
C ILE A 144 -29.44 7.67 31.62
N GLN A 145 -30.59 7.14 32.04
CA GLN A 145 -31.92 7.77 31.82
C GLN A 145 -31.90 9.17 32.45
N GLN A 146 -31.42 9.29 33.68
CA GLN A 146 -31.37 10.58 34.44
C GLN A 146 -30.46 11.57 33.70
N LEU A 147 -29.33 11.08 33.16
CA LEU A 147 -28.33 11.91 32.43
C LEU A 147 -28.99 12.48 31.17
N VAL A 148 -29.59 11.60 30.35
CA VAL A 148 -30.29 11.97 29.10
C VAL A 148 -31.44 12.92 29.45
N LYS A 149 -32.15 12.66 30.56
CA LYS A 149 -33.29 13.51 31.00
C LYS A 149 -32.78 14.93 31.27
N LEU A 150 -31.69 15.07 32.03
CA LEU A 150 -31.10 16.40 32.36
C LEU A 150 -30.76 17.11 31.04
N ASP A 151 -30.18 16.39 30.08
CA ASP A 151 -29.65 16.94 28.81
C ASP A 151 -30.61 16.62 27.65
N GLN A 152 -31.91 16.50 27.94
CA GLN A 152 -32.91 16.00 26.96
C GLN A 152 -33.02 16.95 25.76
N GLU A 153 -32.76 18.25 25.94
CA GLU A 153 -32.83 19.25 24.84
C GLU A 153 -31.71 19.04 23.82
N TRP A 154 -30.69 18.25 24.17
CA TRP A 154 -29.57 17.87 23.27
C TRP A 154 -30.00 16.76 22.31
N VAL A 155 -31.03 15.99 22.66
CA VAL A 155 -31.65 15.02 21.71
C VAL A 155 -32.21 15.86 20.57
N PRO A 156 -31.61 15.79 19.36
CA PRO A 156 -31.91 16.76 18.31
C PRO A 156 -33.39 16.84 17.94
N TYR A 157 -33.86 18.06 17.64
CA TYR A 157 -35.21 18.33 17.07
C TYR A 157 -35.14 18.06 15.57
N SER A 158 -35.09 16.77 15.23
CA SER A 158 -34.87 16.25 13.86
C SER A 158 -35.19 14.75 13.83
N THR A 159 -35.92 14.30 12.80
CA THR A 159 -36.37 12.90 12.60
C THR A 159 -35.26 12.08 11.92
N SER A 160 -34.15 12.72 11.58
CA SER A 160 -32.97 12.11 10.90
C SER A 160 -31.72 12.18 11.79
N ALA A 161 -31.84 12.66 13.03
CA ALA A 161 -30.72 12.85 13.99
C ALA A 161 -31.07 12.21 15.34
N SER A 162 -30.08 12.04 16.20
CA SER A 162 -30.16 11.28 17.48
C SER A 162 -29.11 11.77 18.46
N LEU A 163 -29.26 11.40 19.73
CA LEU A 163 -28.23 11.58 20.78
C LEU A 163 -27.47 10.26 20.93
N TYR A 164 -26.18 10.26 20.58
CA TYR A 164 -25.28 9.09 20.80
C TYR A 164 -24.91 9.08 22.28
N ILE A 165 -25.08 7.91 22.92
CA ILE A 165 -24.78 7.66 24.36
C ILE A 165 -23.55 6.75 24.40
N ARG A 166 -22.45 7.23 25.00
CA ARG A 166 -21.14 6.54 25.04
C ARG A 166 -20.81 6.21 26.49
N PRO A 167 -21.34 5.10 27.06
CA PRO A 167 -20.84 4.59 28.33
C PRO A 167 -19.40 4.09 28.12
N THR A 168 -18.52 4.42 29.06
CA THR A 168 -17.08 4.07 29.01
C THR A 168 -16.65 3.60 30.40
N PHE A 169 -15.85 2.53 30.44
CA PHE A 169 -15.37 1.86 31.68
C PHE A 169 -13.85 1.68 31.55
N ILE A 170 -13.07 2.39 32.37
CA ILE A 170 -11.58 2.44 32.24
C ILE A 170 -10.95 2.06 33.58
N GLY A 171 -9.85 1.31 33.53
CA GLY A 171 -8.99 1.05 34.71
C GLY A 171 -8.13 2.26 35.01
N THR A 172 -8.13 2.71 36.27
CA THR A 172 -7.38 3.91 36.73
C THR A 172 -6.35 3.50 37.81
N GLU A 173 -6.01 2.21 37.85
CA GLU A 173 -4.89 1.63 38.63
C GLU A 173 -3.62 2.45 38.38
N PRO A 174 -3.08 3.16 39.39
CA PRO A 174 -1.91 4.01 39.17
C PRO A 174 -0.56 3.28 39.13
N SER A 175 -0.55 1.96 38.93
CA SER A 175 0.68 1.13 38.87
C SER A 175 0.87 0.52 37.47
N LEU A 176 2.12 0.30 37.08
CA LEU A 176 2.49 -0.27 35.76
C LEU A 176 2.46 -1.80 35.85
N GLY A 177 2.12 -2.35 37.01
CA GLY A 177 1.84 -3.79 37.18
C GLY A 177 0.70 -4.25 36.30
N VAL A 178 0.94 -5.28 35.48
CA VAL A 178 -0.07 -5.93 34.59
C VAL A 178 -0.94 -6.85 35.45
N LYS A 179 -2.12 -6.37 35.87
CA LYS A 179 -2.99 -7.11 36.83
C LYS A 179 -4.42 -6.57 36.78
N LYS A 180 -5.34 -7.30 37.42
CA LYS A 180 -6.72 -6.83 37.73
C LYS A 180 -6.61 -5.43 38.32
N PRO A 181 -7.31 -4.41 37.78
CA PRO A 181 -7.24 -3.07 38.35
C PRO A 181 -7.95 -3.02 39.72
N THR A 182 -7.36 -2.28 40.66
CA THR A 182 -7.90 -2.05 42.04
C THR A 182 -8.63 -0.70 42.08
N LYS A 183 -8.68 0.01 40.95
CA LYS A 183 -9.35 1.34 40.79
C LYS A 183 -9.90 1.42 39.37
N ALA A 184 -11.10 1.98 39.22
CA ALA A 184 -11.80 2.10 37.92
C ALA A 184 -12.69 3.35 37.90
N LEU A 185 -12.93 3.88 36.71
CA LEU A 185 -13.90 4.95 36.41
C LEU A 185 -14.89 4.42 35.37
N LEU A 186 -16.18 4.48 35.67
CA LEU A 186 -17.28 4.30 34.69
C LEU A 186 -17.91 5.67 34.47
N PHE A 187 -17.88 6.17 33.23
CA PHE A 187 -18.43 7.49 32.85
C PHE A 187 -19.24 7.36 31.57
N VAL A 188 -20.22 8.25 31.39
CA VAL A 188 -21.09 8.28 30.18
C VAL A 188 -21.01 9.68 29.56
N LEU A 189 -20.85 9.73 28.24
CA LEU A 189 -20.87 10.97 27.43
C LEU A 189 -22.08 10.92 26.50
N LEU A 190 -22.69 12.08 26.26
CA LEU A 190 -23.78 12.28 25.27
C LEU A 190 -23.24 13.18 24.16
N SER A 191 -23.45 12.78 22.92
CA SER A 191 -22.98 13.47 21.69
C SER A 191 -24.11 13.47 20.66
N PRO A 192 -24.68 14.64 20.31
CA PRO A 192 -25.67 14.71 19.24
C PRO A 192 -25.00 14.38 17.90
N VAL A 193 -25.61 13.48 17.12
CA VAL A 193 -25.08 12.99 15.81
C VAL A 193 -26.19 13.14 14.77
N GLY A 194 -25.85 13.53 13.56
CA GLY A 194 -26.81 13.70 12.45
C GLY A 194 -26.98 12.40 11.68
N PRO A 195 -27.54 12.45 10.45
CA PRO A 195 -27.61 11.26 9.61
C PRO A 195 -26.19 10.75 9.27
N TYR A 196 -26.03 9.45 8.99
CA TYR A 196 -24.73 8.75 8.87
C TYR A 196 -23.86 9.43 7.80
N PHE A 197 -24.40 9.57 6.58
CA PHE A 197 -23.85 10.47 5.53
C PHE A 197 -24.75 11.72 5.47
N SER A 198 -24.13 12.90 5.46
CA SER A 198 -24.79 14.22 5.63
C SER A 198 -25.74 14.53 4.46
N SER A 199 -25.70 13.75 3.37
CA SER A 199 -26.64 13.83 2.23
C SER A 199 -28.01 13.21 2.58
N GLY A 200 -28.07 12.37 3.62
CA GLY A 200 -29.33 11.79 4.14
C GLY A 200 -29.72 10.52 3.42
N THR A 201 -29.70 10.52 2.07
CA THR A 201 -30.01 9.34 1.21
C THR A 201 -28.85 8.35 1.24
N PHE A 202 -29.07 7.14 0.72
CA PHE A 202 -28.07 6.04 0.76
C PHE A 202 -26.83 6.42 -0.04
N ASN A 203 -25.68 6.47 0.63
CA ASN A 203 -24.32 6.57 0.02
C ASN A 203 -23.62 5.24 0.25
N PRO A 204 -23.52 4.36 -0.78
CA PRO A 204 -22.94 3.02 -0.59
C PRO A 204 -21.43 3.11 -0.30
N VAL A 205 -20.94 2.25 0.59
CA VAL A 205 -19.52 2.21 1.02
C VAL A 205 -18.75 1.27 0.09
N SER A 206 -17.48 1.61 -0.20
CA SER A 206 -16.47 0.70 -0.80
C SER A 206 -15.62 0.11 0.34
N LEU A 207 -15.42 -1.20 0.36
CA LEU A 207 -14.69 -1.91 1.43
C LEU A 207 -13.28 -2.25 0.94
N TRP A 208 -12.28 -2.04 1.81
CA TRP A 208 -10.87 -2.51 1.62
C TRP A 208 -10.72 -3.89 2.25
N ALA A 209 -10.49 -4.91 1.43
CA ALA A 209 -10.29 -6.32 1.85
C ALA A 209 -8.83 -6.71 1.64
N ASN A 210 -8.06 -6.73 2.73
CA ASN A 210 -6.63 -7.16 2.77
C ASN A 210 -6.48 -8.19 3.88
N PRO A 211 -6.33 -9.50 3.56
CA PRO A 211 -6.31 -10.54 4.58
C PRO A 211 -5.04 -10.53 5.45
N LYS A 212 -4.09 -9.64 5.14
CA LYS A 212 -2.86 -9.41 5.95
C LYS A 212 -3.25 -9.04 7.39
N TYR A 213 -4.36 -8.32 7.56
CA TYR A 213 -4.86 -7.79 8.86
C TYR A 213 -6.04 -8.66 9.32
N VAL A 214 -6.07 -8.96 10.62
CA VAL A 214 -7.13 -9.79 11.26
C VAL A 214 -7.65 -9.05 12.48
N ARG A 215 -8.95 -8.78 12.52
CA ARG A 215 -9.65 -7.97 13.56
C ARG A 215 -9.66 -8.76 14.88
N ALA A 216 -10.01 -10.05 14.81
CA ALA A 216 -10.25 -10.90 16.00
C ALA A 216 -9.90 -12.36 15.67
N TRP A 217 -9.60 -13.14 16.72
CA TRP A 217 -9.17 -14.57 16.66
C TRP A 217 -9.92 -15.36 17.73
N LYS A 218 -10.08 -16.67 17.52
CA LYS A 218 -10.70 -17.58 18.52
C LYS A 218 -9.83 -17.54 19.78
N GLY A 219 -10.43 -17.24 20.92
CA GLY A 219 -9.74 -17.08 22.22
C GLY A 219 -9.35 -15.65 22.50
N GLY A 220 -9.68 -14.73 21.58
CA GLY A 220 -9.50 -13.28 21.74
C GLY A 220 -10.75 -12.65 22.33
N THR A 221 -10.94 -11.35 22.09
CA THR A 221 -11.98 -10.49 22.72
C THR A 221 -12.85 -9.84 21.64
N GLY A 222 -12.84 -10.38 20.43
CA GLY A 222 -13.59 -9.86 19.27
C GLY A 222 -15.09 -9.78 19.54
N ASP A 223 -15.62 -10.63 20.42
CA ASP A 223 -17.07 -10.69 20.74
C ASP A 223 -17.39 -9.77 21.92
N CYS A 224 -16.43 -8.94 22.35
CA CYS A 224 -16.61 -7.89 23.38
C CYS A 224 -16.30 -6.53 22.76
N LYS A 225 -16.90 -5.47 23.29
CA LYS A 225 -16.64 -4.08 22.84
C LYS A 225 -15.56 -3.49 23.76
N MET A 226 -14.36 -4.06 23.67
CA MET A 226 -13.15 -3.67 24.45
C MET A 226 -12.22 -2.87 23.54
N GLY A 227 -11.67 -1.78 24.05
CA GLY A 227 -10.88 -0.80 23.27
C GLY A 227 -9.76 -1.45 22.46
N GLY A 228 -9.15 -2.50 23.00
CA GLY A 228 -8.04 -3.24 22.36
C GLY A 228 -8.35 -3.66 20.93
N ASN A 229 -9.61 -4.06 20.68
CA ASN A 229 -10.09 -4.56 19.37
C ASN A 229 -9.98 -3.48 18.30
N TYR A 230 -9.96 -2.20 18.69
CA TYR A 230 -10.12 -1.03 17.79
C TYR A 230 -8.75 -0.38 17.53
N GLY A 231 -7.88 -0.30 18.56
CA GLY A 231 -6.49 0.18 18.44
C GLY A 231 -5.76 -0.56 17.32
N SER A 232 -5.89 -1.89 17.27
CA SER A 232 -5.26 -2.79 16.27
C SER A 232 -5.90 -2.63 14.89
N SER A 233 -7.17 -2.24 14.83
CA SER A 233 -7.97 -2.12 13.58
CA SER A 233 -7.98 -2.11 13.58
C SER A 233 -7.59 -0.86 12.79
N LEU A 234 -6.95 0.10 13.45
CA LEU A 234 -6.89 1.52 12.99
C LEU A 234 -5.98 1.65 11.77
N PHE A 235 -4.91 0.85 11.66
CA PHE A 235 -3.95 0.89 10.53
C PHE A 235 -4.67 0.51 9.24
N ALA A 236 -5.43 -0.60 9.26
CA ALA A 236 -6.19 -1.12 8.11
C ALA A 236 -7.24 -0.09 7.68
N GLN A 237 -7.88 0.59 8.65
CA GLN A 237 -8.90 1.64 8.40
C GLN A 237 -8.27 2.80 7.60
N CYS A 238 -7.09 3.26 8.00
CA CYS A 238 -6.36 4.37 7.33
C CYS A 238 -5.88 3.92 5.95
N GLU A 239 -5.46 2.66 5.82
CA GLU A 239 -5.02 2.05 4.53
C GLU A 239 -6.23 2.00 3.59
N ALA A 240 -7.42 1.73 4.13
CA ALA A 240 -8.70 1.71 3.36
C ALA A 240 -8.98 3.12 2.82
N VAL A 241 -9.02 4.13 3.71
CA VAL A 241 -9.31 5.55 3.37
C VAL A 241 -8.36 6.02 2.27
N ASP A 242 -7.08 5.60 2.34
CA ASP A 242 -6.04 5.95 1.34
C ASP A 242 -6.50 5.51 -0.05
N ASN A 243 -7.10 4.31 -0.15
CA ASN A 243 -7.51 3.66 -1.42
C ASN A 243 -9.01 3.90 -1.69
N GLY A 244 -9.56 5.00 -1.16
CA GLY A 244 -10.90 5.51 -1.50
C GLY A 244 -12.03 4.69 -0.90
N CYS A 245 -11.73 3.83 0.09
CA CYS A 245 -12.72 2.98 0.79
C CYS A 245 -13.09 3.64 2.12
N GLN A 246 -14.31 3.42 2.62
CA GLN A 246 -14.84 4.04 3.86
C GLN A 246 -14.68 3.08 5.04
N GLN A 247 -14.69 1.77 4.77
CA GLN A 247 -14.64 0.70 5.80
C GLN A 247 -13.72 -0.43 5.33
N VAL A 248 -13.31 -1.29 6.27
CA VAL A 248 -12.48 -2.50 6.05
C VAL A 248 -13.42 -3.70 6.06
N LEU A 249 -13.29 -4.60 5.08
CA LEU A 249 -13.91 -5.95 5.14
C LEU A 249 -12.94 -6.89 5.87
N TRP A 250 -13.29 -7.28 7.09
CA TRP A 250 -12.43 -8.10 7.97
C TRP A 250 -12.51 -9.56 7.54
N LEU A 251 -11.40 -10.10 7.03
CA LEU A 251 -11.27 -11.51 6.58
C LEU A 251 -10.62 -12.33 7.69
N TYR A 252 -10.98 -13.61 7.79
CA TYR A 252 -10.47 -14.57 8.81
C TYR A 252 -10.27 -15.96 8.18
N GLY A 253 -9.11 -16.58 8.45
CA GLY A 253 -8.86 -18.02 8.22
C GLY A 253 -8.33 -18.30 6.84
N GLU A 254 -7.93 -19.56 6.60
CA GLU A 254 -7.32 -20.06 5.34
C GLU A 254 -8.26 -19.73 4.17
N ASP A 255 -9.57 -19.87 4.39
CA ASP A 255 -10.63 -19.82 3.35
C ASP A 255 -11.22 -18.40 3.26
N HIS A 256 -10.63 -17.41 3.93
CA HIS A 256 -10.98 -15.97 3.80
C HIS A 256 -12.47 -15.76 4.10
N GLN A 257 -12.92 -16.13 5.29
CA GLN A 257 -14.28 -15.85 5.79
C GLN A 257 -14.49 -14.33 5.86
N ILE A 258 -15.58 -13.84 5.29
CA ILE A 258 -16.04 -12.43 5.50
C ILE A 258 -16.83 -12.41 6.81
N THR A 259 -16.38 -11.58 7.76
CA THR A 259 -16.81 -11.61 9.20
C THR A 259 -17.60 -10.35 9.54
N GLU A 260 -16.98 -9.17 9.39
CA GLU A 260 -17.58 -7.86 9.73
C GLU A 260 -17.20 -6.85 8.65
N VAL A 261 -18.05 -5.85 8.41
CA VAL A 261 -17.72 -4.69 7.53
C VAL A 261 -17.38 -3.52 8.45
N GLY A 262 -16.08 -3.38 8.74
CA GLY A 262 -15.52 -2.31 9.58
C GLY A 262 -16.00 -2.43 11.01
N THR A 263 -16.79 -1.46 11.45
CA THR A 263 -17.36 -1.32 12.81
C THR A 263 -18.79 -1.88 12.84
N MET A 264 -19.18 -2.65 11.81
CA MET A 264 -20.58 -3.11 11.59
C MET A 264 -20.58 -4.61 11.34
N ASN A 265 -21.68 -5.29 11.69
CA ASN A 265 -21.92 -6.70 11.36
C ASN A 265 -22.21 -6.78 9.85
N LEU A 266 -21.90 -7.93 9.24
N LEU A 266 -21.91 -7.93 9.25
CA LEU A 266 -21.97 -8.17 7.78
CA LEU A 266 -21.98 -8.16 7.78
C LEU A 266 -23.21 -9.00 7.44
C LEU A 266 -23.21 -9.00 7.44
N PHE A 267 -24.08 -8.46 6.58
CA PHE A 267 -25.28 -9.15 6.05
C PHE A 267 -25.12 -9.33 4.54
N LEU A 268 -25.46 -10.52 4.04
CA LEU A 268 -25.50 -10.85 2.60
C LEU A 268 -26.90 -11.36 2.27
N TYR A 269 -27.58 -10.69 1.33
CA TYR A 269 -28.91 -11.07 0.80
C TYR A 269 -28.69 -11.63 -0.60
N TRP A 270 -28.97 -12.93 -0.80
CA TRP A 270 -28.53 -13.68 -2.02
C TRP A 270 -29.35 -14.95 -2.23
N ILE A 271 -29.20 -15.56 -3.41
CA ILE A 271 -29.62 -16.96 -3.71
C ILE A 271 -28.45 -17.86 -3.28
N ASN A 272 -28.69 -18.76 -2.34
CA ASN A 272 -27.68 -19.63 -1.83
C ASN A 272 -27.41 -20.85 -2.71
N GLU A 273 -26.45 -21.68 -2.32
CA GLU A 273 -25.94 -22.77 -3.20
C GLU A 273 -27.07 -23.77 -3.53
N ASP A 274 -28.07 -23.90 -2.64
CA ASP A 274 -29.26 -24.78 -2.82
C ASP A 274 -30.32 -24.10 -3.71
N GLY A 275 -30.14 -22.83 -4.09
CA GLY A 275 -31.08 -22.09 -4.96
C GLY A 275 -32.20 -21.39 -4.20
N GLU A 276 -32.23 -21.51 -2.86
CA GLU A 276 -33.14 -20.75 -1.97
C GLU A 276 -32.65 -19.30 -1.83
N GLU A 277 -33.60 -18.35 -1.75
CA GLU A 277 -33.39 -16.94 -1.39
C GLU A 277 -33.00 -16.88 0.10
N GLU A 278 -31.91 -16.19 0.46
CA GLU A 278 -31.31 -16.26 1.81
C GLU A 278 -30.80 -14.89 2.30
N LEU A 279 -31.09 -14.56 3.56
CA LEU A 279 -30.35 -13.55 4.35
C LEU A 279 -29.34 -14.26 5.25
N ALA A 280 -28.04 -14.08 4.98
CA ALA A 280 -26.93 -14.76 5.68
C ALA A 280 -26.10 -13.74 6.46
N THR A 281 -25.64 -14.13 7.65
CA THR A 281 -24.71 -13.35 8.50
C THR A 281 -23.78 -14.33 9.23
N PRO A 282 -22.47 -14.00 9.40
CA PRO A 282 -21.56 -14.88 10.13
C PRO A 282 -22.06 -15.17 11.55
N PRO A 283 -21.89 -16.41 12.05
CA PRO A 283 -22.40 -16.78 13.37
C PRO A 283 -21.48 -16.31 14.50
N LEU A 284 -22.05 -16.18 15.72
CA LEU A 284 -21.38 -15.69 16.94
C LEU A 284 -20.49 -16.80 17.51
N ASP A 285 -19.38 -17.10 16.83
CA ASP A 285 -18.45 -18.20 17.22
C ASP A 285 -17.18 -17.62 17.87
N GLY A 286 -17.22 -16.36 18.33
CA GLY A 286 -16.15 -15.73 19.13
C GLY A 286 -15.47 -14.57 18.42
N ILE A 287 -15.48 -14.53 17.09
CA ILE A 287 -14.77 -13.47 16.31
C ILE A 287 -15.75 -12.41 15.80
N ILE A 288 -17.03 -12.48 16.21
CA ILE A 288 -18.12 -11.56 15.77
C ILE A 288 -18.65 -10.83 16.99
N LEU A 289 -18.70 -9.49 16.93
CA LEU A 289 -19.36 -8.65 17.96
C LEU A 289 -20.88 -8.83 17.84
N PRO A 290 -21.56 -9.38 18.86
CA PRO A 290 -23.01 -9.58 18.80
C PRO A 290 -23.73 -8.23 18.84
N GLY A 291 -23.90 -7.63 17.66
CA GLY A 291 -24.51 -6.29 17.51
C GLY A 291 -25.98 -6.29 17.88
N VAL A 292 -26.48 -5.17 18.41
CA VAL A 292 -27.92 -4.97 18.70
C VAL A 292 -28.67 -4.91 17.37
N THR A 293 -28.19 -4.12 16.41
CA THR A 293 -28.80 -3.98 15.06
C THR A 293 -28.88 -5.38 14.41
N ARG A 294 -27.79 -6.14 14.48
CA ARG A 294 -27.69 -7.53 13.96
C ARG A 294 -28.83 -8.39 14.54
N ARG A 295 -29.01 -8.37 15.86
CA ARG A 295 -30.08 -9.09 16.60
C ARG A 295 -31.45 -8.69 16.02
N CYS A 296 -31.73 -7.38 15.95
CA CYS A 296 -33.02 -6.82 15.48
C CYS A 296 -33.29 -7.25 14.04
N ILE A 297 -32.29 -7.20 13.16
CA ILE A 297 -32.44 -7.57 11.72
C ILE A 297 -32.78 -9.05 11.60
N LEU A 298 -32.07 -9.92 12.35
CA LEU A 298 -32.35 -11.38 12.35
C LEU A 298 -33.79 -11.60 12.87
N ASP A 299 -34.17 -10.91 13.95
CA ASP A 299 -35.51 -11.03 14.58
C ASP A 299 -36.59 -10.67 13.54
N LEU A 300 -36.41 -9.57 12.81
CA LEU A 300 -37.36 -9.07 11.79
C LEU A 300 -37.48 -10.10 10.65
N ALA A 301 -36.34 -10.53 10.09
CA ALA A 301 -36.27 -11.47 8.94
C ALA A 301 -36.97 -12.79 9.31
N HIS A 302 -36.68 -13.34 10.49
CA HIS A 302 -37.36 -14.53 11.07
C HIS A 302 -38.87 -14.26 11.10
N GLN A 303 -39.30 -13.15 11.70
CA GLN A 303 -40.73 -12.78 11.91
C GLN A 303 -41.45 -12.74 10.55
N TRP A 304 -40.87 -12.08 9.54
CA TRP A 304 -41.46 -11.90 8.19
C TRP A 304 -41.65 -13.27 7.52
N GLY A 305 -40.68 -14.17 7.68
CA GLY A 305 -40.74 -15.56 7.20
C GLY A 305 -40.94 -15.66 5.70
N GLU A 306 -40.31 -14.76 4.95
CA GLU A 306 -40.44 -14.64 3.47
C GLU A 306 -39.23 -15.27 2.77
N PHE A 307 -38.14 -15.50 3.50
CA PHE A 307 -36.88 -16.08 2.96
C PHE A 307 -36.12 -16.77 4.09
N LYS A 308 -35.16 -17.63 3.71
CA LYS A 308 -34.29 -18.36 4.66
C LYS A 308 -33.39 -17.34 5.38
N VAL A 309 -33.30 -17.48 6.71
CA VAL A 309 -32.39 -16.68 7.58
C VAL A 309 -31.36 -17.65 8.17
N SER A 310 -30.10 -17.47 7.79
CA SER A 310 -28.98 -18.38 8.14
C SER A 310 -27.86 -17.58 8.80
N GLU A 311 -27.61 -17.83 10.09
CA GLU A 311 -26.31 -17.57 10.73
C GLU A 311 -25.37 -18.68 10.26
N ARG A 312 -24.42 -18.34 9.39
CA ARG A 312 -23.57 -19.34 8.68
C ARG A 312 -22.33 -18.64 8.12
N TYR A 313 -21.26 -19.40 7.89
CA TYR A 313 -19.94 -18.91 7.41
C TYR A 313 -20.08 -18.49 5.95
N LEU A 314 -19.51 -17.33 5.61
CA LEU A 314 -19.43 -16.78 4.24
C LEU A 314 -17.96 -16.53 3.92
N THR A 315 -17.49 -17.05 2.78
CA THR A 315 -16.10 -16.86 2.27
C THR A 315 -16.13 -15.93 1.06
N MET A 316 -14.98 -15.32 0.73
CA MET A 316 -14.82 -14.50 -0.49
C MET A 316 -15.11 -15.36 -1.72
N ASP A 317 -14.76 -16.65 -1.68
CA ASP A 317 -14.99 -17.60 -2.80
CA ASP A 317 -14.98 -17.61 -2.80
C ASP A 317 -16.49 -17.82 -2.96
N ASP A 318 -17.22 -18.04 -1.86
CA ASP A 318 -18.70 -18.15 -1.85
C ASP A 318 -19.31 -16.93 -2.55
N LEU A 319 -18.80 -15.74 -2.22
CA LEU A 319 -19.33 -14.41 -2.68
C LEU A 319 -19.05 -14.23 -4.18
N THR A 320 -17.81 -14.46 -4.62
CA THR A 320 -17.39 -14.26 -6.03
C THR A 320 -18.08 -15.29 -6.93
N THR A 321 -18.21 -16.55 -6.47
CA THR A 321 -18.92 -17.64 -7.18
C THR A 321 -20.38 -17.21 -7.42
N ALA A 322 -21.01 -16.59 -6.43
CA ALA A 322 -22.42 -16.12 -6.48
C ALA A 322 -22.54 -14.90 -7.40
N LEU A 323 -21.53 -14.03 -7.42
CA LEU A 323 -21.54 -12.77 -8.21
C LEU A 323 -21.51 -13.08 -9.71
N GLU A 324 -20.63 -13.99 -10.15
CA GLU A 324 -20.51 -14.39 -11.58
C GLU A 324 -21.76 -15.20 -11.98
N GLY A 325 -22.48 -15.77 -11.02
CA GLY A 325 -23.77 -16.47 -11.24
C GLY A 325 -24.99 -15.58 -11.02
N ASN A 326 -24.80 -14.27 -10.83
CA ASN A 326 -25.86 -13.25 -10.62
C ASN A 326 -26.80 -13.67 -9.48
N ARG A 327 -26.26 -14.25 -8.40
CA ARG A 327 -27.05 -14.77 -7.25
C ARG A 327 -27.05 -13.76 -6.10
N VAL A 328 -26.19 -12.73 -6.14
CA VAL A 328 -26.08 -11.70 -5.05
C VAL A 328 -27.09 -10.58 -5.35
N ARG A 329 -27.97 -10.29 -4.38
CA ARG A 329 -28.96 -9.19 -4.45
C ARG A 329 -28.36 -7.95 -3.75
N GLU A 330 -28.13 -8.06 -2.44
CA GLU A 330 -27.65 -6.93 -1.59
C GLU A 330 -26.62 -7.43 -0.58
N MET A 331 -25.62 -6.59 -0.29
CA MET A 331 -24.74 -6.71 0.90
C MET A 331 -24.83 -5.39 1.68
N PHE A 332 -24.91 -5.44 3.01
CA PHE A 332 -24.91 -4.23 3.86
C PHE A 332 -24.30 -4.54 5.24
N GLY A 333 -23.73 -3.50 5.85
CA GLY A 333 -23.30 -3.49 7.26
C GLY A 333 -24.43 -2.99 8.14
N SER A 334 -24.49 -3.50 9.38
CA SER A 334 -25.46 -3.08 10.42
C SER A 334 -24.69 -2.60 11.66
N GLY A 335 -25.22 -1.59 12.36
CA GLY A 335 -24.58 -0.94 13.51
C GLY A 335 -25.35 0.28 13.98
N THR A 336 -25.16 0.69 15.23
CA THR A 336 -25.89 1.81 15.88
C THR A 336 -25.70 3.11 15.08
N ALA A 337 -24.52 3.33 14.51
CA ALA A 337 -24.17 4.61 13.84
C ALA A 337 -24.88 4.73 12.50
N CYS A 338 -24.87 3.67 11.68
CA CYS A 338 -25.40 3.68 10.29
C CYS A 338 -26.79 3.02 10.19
N VAL A 339 -27.10 2.04 11.05
CA VAL A 339 -28.31 1.17 11.01
C VAL A 339 -28.16 0.19 9.84
N VAL A 340 -28.23 0.68 8.60
CA VAL A 340 -28.03 -0.12 7.36
C VAL A 340 -27.12 0.67 6.41
N CYS A 341 -25.94 0.14 6.13
CA CYS A 341 -24.92 0.72 5.22
C CYS A 341 -24.73 -0.19 4.02
N PRO A 342 -25.41 0.08 2.88
CA PRO A 342 -25.23 -0.72 1.67
C PRO A 342 -23.77 -0.75 1.21
N VAL A 343 -23.33 -1.88 0.67
CA VAL A 343 -21.96 -2.09 0.10
C VAL A 343 -22.10 -2.20 -1.43
N SER A 344 -21.39 -1.34 -2.17
CA SER A 344 -21.38 -1.33 -3.66
C SER A 344 -20.14 -2.04 -4.20
N ASP A 345 -19.00 -1.94 -3.49
CA ASP A 345 -17.68 -2.35 -4.03
C ASP A 345 -16.77 -2.93 -2.94
N ILE A 346 -15.99 -3.95 -3.31
CA ILE A 346 -14.93 -4.59 -2.46
C ILE A 346 -13.63 -4.61 -3.26
N LEU A 347 -12.57 -3.99 -2.75
CA LEU A 347 -11.21 -4.01 -3.34
C LEU A 347 -10.44 -5.16 -2.68
N TYR A 348 -10.09 -6.20 -3.44
CA TYR A 348 -9.49 -7.47 -2.96
C TYR A 348 -8.51 -8.03 -4.00
N LYS A 349 -7.27 -8.27 -3.58
CA LYS A 349 -6.16 -8.74 -4.47
C LYS A 349 -6.08 -7.82 -5.70
N GLY A 350 -6.16 -6.49 -5.51
CA GLY A 350 -5.91 -5.48 -6.55
C GLY A 350 -7.04 -5.32 -7.57
N GLU A 351 -8.06 -6.18 -7.58
CA GLU A 351 -9.27 -6.02 -8.43
C GLU A 351 -10.38 -5.32 -7.64
N THR A 352 -11.31 -4.69 -8.35
CA THR A 352 -12.52 -4.01 -7.79
C THR A 352 -13.75 -4.88 -8.06
N ILE A 353 -14.16 -5.69 -7.08
CA ILE A 353 -15.39 -6.54 -7.13
C ILE A 353 -16.58 -5.65 -6.83
N HIS A 354 -17.46 -5.42 -7.82
CA HIS A 354 -18.70 -4.64 -7.66
C HIS A 354 -19.78 -5.55 -7.06
N ILE A 355 -20.56 -5.00 -6.12
CA ILE A 355 -21.73 -5.68 -5.48
C ILE A 355 -22.97 -4.93 -5.95
N PRO A 356 -23.99 -5.62 -6.52
CA PRO A 356 -25.11 -4.95 -7.18
C PRO A 356 -26.21 -4.48 -6.22
N THR A 357 -25.84 -4.10 -5.00
CA THR A 357 -26.77 -3.71 -3.91
C THR A 357 -27.69 -2.58 -4.38
N MET A 358 -27.11 -1.51 -4.93
CA MET A 358 -27.84 -0.28 -5.34
C MET A 358 -28.65 -0.54 -6.62
N GLU A 359 -28.25 -1.51 -7.44
CA GLU A 359 -28.97 -1.90 -8.69
C GLU A 359 -30.17 -2.80 -8.34
N ASN A 360 -30.27 -3.31 -7.10
CA ASN A 360 -31.39 -4.17 -6.63
C ASN A 360 -32.25 -3.41 -5.60
N GLY A 361 -32.24 -2.07 -5.66
CA GLY A 361 -33.11 -1.18 -4.85
C GLY A 361 -32.31 -0.10 -4.12
N PRO A 362 -31.67 -0.43 -2.97
CA PRO A 362 -31.66 -1.78 -2.42
C PRO A 362 -32.93 -2.12 -1.64
N LYS A 363 -33.65 -3.17 -2.08
CA LYS A 363 -35.02 -3.49 -1.60
C LYS A 363 -34.99 -3.79 -0.09
N LEU A 364 -34.26 -4.84 0.31
CA LEU A 364 -34.26 -5.35 1.71
C LEU A 364 -33.64 -4.32 2.66
N ALA A 365 -32.47 -3.79 2.30
CA ALA A 365 -31.78 -2.72 3.05
C ALA A 365 -32.73 -1.56 3.34
N SER A 366 -33.46 -1.08 2.33
CA SER A 366 -34.40 0.07 2.46
C SER A 366 -35.54 -0.30 3.42
N ARG A 367 -36.04 -1.54 3.34
CA ARG A 367 -37.16 -2.04 4.18
C ARG A 367 -36.73 -2.10 5.66
N ILE A 368 -35.52 -2.60 5.91
CA ILE A 368 -34.93 -2.73 7.28
C ILE A 368 -34.73 -1.34 7.86
N LEU A 369 -34.08 -0.44 7.11
CA LEU A 369 -33.78 0.94 7.56
C LEU A 369 -35.10 1.62 7.98
N SER A 370 -36.13 1.51 7.13
CA SER A 370 -37.46 2.11 7.33
C SER A 370 -38.12 1.49 8.59
N LYS A 371 -38.03 0.18 8.75
CA LYS A 371 -38.65 -0.54 9.89
C LYS A 371 -37.99 -0.09 11.19
N LEU A 372 -36.65 -0.11 11.26
CA LEU A 372 -35.88 0.27 12.48
C LEU A 372 -36.11 1.75 12.77
N THR A 373 -36.05 2.61 11.74
CA THR A 373 -36.26 4.07 11.86
C THR A 373 -37.67 4.34 12.41
N ASP A 374 -38.70 3.70 11.83
CA ASP A 374 -40.11 3.85 12.28
C ASP A 374 -40.19 3.52 13.78
N ILE A 375 -39.53 2.46 14.22
CA ILE A 375 -39.58 1.98 15.63
C ILE A 375 -38.88 3.00 16.53
N GLN A 376 -37.70 3.47 16.12
CA GLN A 376 -36.83 4.36 16.93
C GLN A 376 -37.53 5.70 17.18
N TYR A 377 -38.19 6.24 16.17
CA TYR A 377 -38.82 7.58 16.19
C TYR A 377 -40.32 7.49 16.50
N GLY A 378 -40.78 6.33 16.96
CA GLY A 378 -42.13 6.14 17.52
C GLY A 378 -43.24 6.15 16.48
N ARG A 379 -42.94 5.89 15.21
CA ARG A 379 -43.96 5.85 14.12
C ARG A 379 -44.79 4.56 14.24
N GLU A 380 -44.23 3.48 14.80
CA GLU A 380 -45.01 2.28 15.23
C GLU A 380 -44.53 1.87 16.63
N GLU A 381 -45.42 1.26 17.43
CA GLU A 381 -45.11 0.80 18.81
C GLU A 381 -44.26 -0.47 18.70
N ARG A 382 -43.39 -0.69 19.69
CA ARG A 382 -42.52 -1.88 19.80
C ARG A 382 -42.10 -2.07 21.27
N ASP A 383 -41.88 -3.33 21.67
CA ASP A 383 -41.29 -3.71 22.97
C ASP A 383 -39.82 -3.23 23.02
N TRP A 384 -39.21 -3.02 21.86
CA TRP A 384 -37.78 -2.62 21.68
C TRP A 384 -37.52 -1.20 22.18
N THR A 385 -38.57 -0.37 22.33
CA THR A 385 -38.44 1.05 22.75
C THR A 385 -38.91 1.25 24.19
N ILE A 386 -38.22 2.13 24.91
CA ILE A 386 -38.60 2.64 26.26
C ILE A 386 -38.64 4.16 26.16
N VAL A 387 -39.76 4.77 26.52
CA VAL A 387 -39.91 6.25 26.66
C VAL A 387 -39.10 6.66 27.89
N LEU A 388 -38.37 7.78 27.81
CA LEU A 388 -37.46 8.28 28.87
C LEU A 388 -38.28 8.53 30.15
N SER A 389 -37.76 8.08 31.29
CA SER A 389 -38.36 8.20 32.65
C SER A 389 -38.72 9.67 32.92
N VAL B 25 4.72 16.26 8.75
CA VAL B 25 5.54 15.23 9.46
C VAL B 25 6.88 15.87 9.87
N GLY B 26 7.11 15.97 11.19
CA GLY B 26 8.30 16.57 11.83
C GLY B 26 8.63 15.92 13.16
N THR B 27 9.26 16.65 14.09
CA THR B 27 9.69 16.12 15.41
C THR B 27 9.91 17.24 16.41
N PHE B 28 9.67 16.94 17.69
CA PHE B 28 10.14 17.72 18.87
C PHE B 28 11.66 17.52 18.97
N LYS B 29 12.36 18.47 19.58
CA LYS B 29 13.84 18.52 19.66
C LYS B 29 14.25 18.70 21.12
N ALA B 30 15.27 17.97 21.57
CA ALA B 30 15.78 17.99 22.96
C ALA B 30 16.25 19.40 23.33
N LYS B 31 16.82 20.14 22.38
CA LYS B 31 17.39 21.49 22.61
C LYS B 31 16.28 22.50 22.91
N ASP B 32 15.02 22.18 22.59
CA ASP B 32 13.85 23.05 22.88
C ASP B 32 13.24 22.69 24.24
N LEU B 33 13.84 21.74 24.99
CA LEU B 33 13.31 21.26 26.30
C LEU B 33 13.02 22.45 27.21
N ILE B 34 11.81 22.48 27.78
CA ILE B 34 11.39 23.44 28.84
C ILE B 34 11.33 22.68 30.16
N VAL B 35 12.33 22.85 31.02
CA VAL B 35 12.44 22.15 32.34
C VAL B 35 11.76 23.02 33.39
N THR B 36 10.79 22.45 34.11
CA THR B 36 10.09 23.07 35.27
C THR B 36 10.39 22.23 36.51
N PRO B 37 11.51 22.47 37.23
CA PRO B 37 11.81 21.71 38.45
C PRO B 37 10.67 21.78 39.48
N ALA B 38 10.52 20.73 40.28
CA ALA B 38 9.58 20.65 41.42
C ALA B 38 10.16 21.45 42.59
N THR B 39 9.30 22.16 43.32
CA THR B 39 9.70 22.98 44.50
C THR B 39 9.73 22.10 45.75
N ILE B 40 8.93 21.01 45.78
CA ILE B 40 8.91 20.01 46.89
C ILE B 40 9.33 18.65 46.33
N LEU B 41 10.32 18.00 46.94
CA LEU B 41 10.90 16.70 46.49
C LEU B 41 10.46 15.59 47.45
N LYS B 42 10.21 14.40 46.92
CA LYS B 42 9.70 13.22 47.68
C LYS B 42 10.89 12.41 48.20
N GLU B 43 10.73 11.77 49.37
CA GLU B 43 11.72 10.82 49.92
C GLU B 43 11.77 9.58 49.00
N LYS B 44 12.96 9.14 48.61
CA LYS B 44 13.18 7.89 47.83
C LYS B 44 12.75 6.68 48.65
N PRO B 45 12.35 5.58 48.00
CA PRO B 45 11.89 4.38 48.71
C PRO B 45 13.06 3.47 49.10
N ASP B 46 12.83 2.55 50.03
CA ASP B 46 13.78 1.46 50.37
C ASP B 46 13.85 0.49 49.19
N PRO B 47 15.00 0.34 48.50
CA PRO B 47 15.12 -0.57 47.36
C PRO B 47 14.76 -2.04 47.62
N ASN B 48 14.77 -2.46 48.89
CA ASN B 48 14.52 -3.86 49.34
C ASN B 48 13.01 -4.13 49.46
N ASN B 49 12.18 -3.08 49.57
CA ASN B 49 10.70 -3.22 49.71
C ASN B 49 10.01 -2.43 48.60
N LEU B 50 10.32 -2.76 47.34
CA LEU B 50 9.78 -2.09 46.13
C LEU B 50 8.92 -3.09 45.36
N VAL B 51 7.63 -2.77 45.18
CA VAL B 51 6.72 -3.47 44.24
C VAL B 51 6.83 -2.78 42.88
N PHE B 52 6.81 -3.56 41.79
CA PHE B 52 7.06 -3.09 40.40
C PHE B 52 6.00 -2.08 39.96
N GLY B 53 6.44 -0.91 39.50
CA GLY B 53 5.60 0.13 38.88
C GLY B 53 4.68 0.82 39.88
N THR B 54 5.00 0.73 41.18
CA THR B 54 4.18 1.27 42.31
C THR B 54 4.60 2.71 42.64
N VAL B 55 5.90 2.97 42.71
CA VAL B 55 6.49 4.26 43.19
C VAL B 55 7.02 5.03 41.99
N PHE B 56 6.77 6.35 41.94
CA PHE B 56 7.18 7.25 40.82
C PHE B 56 8.07 8.39 41.34
N THR B 57 8.90 8.91 40.45
CA THR B 57 9.94 9.93 40.74
C THR B 57 9.29 11.30 40.76
N ASP B 58 10.10 12.36 40.89
CA ASP B 58 9.63 13.76 41.06
C ASP B 58 9.09 14.30 39.72
N HIS B 59 9.69 13.91 38.58
CA HIS B 59 9.45 14.54 37.26
C HIS B 59 9.01 13.51 36.22
N MET B 60 8.40 14.01 35.13
CA MET B 60 7.94 13.24 33.95
C MET B 60 8.24 14.07 32.71
N LEU B 61 8.39 13.42 31.55
CA LEU B 61 8.46 14.08 30.22
C LEU B 61 7.06 14.12 29.64
N THR B 62 6.65 15.23 29.04
CA THR B 62 5.39 15.37 28.24
C THR B 62 5.71 16.13 26.95
N VAL B 63 5.18 15.63 25.83
CA VAL B 63 5.24 16.29 24.50
C VAL B 63 3.85 16.21 23.88
N GLU B 64 3.24 17.37 23.60
CA GLU B 64 1.92 17.49 22.93
C GLU B 64 2.13 17.42 21.41
N TRP B 65 1.17 16.81 20.69
CA TRP B 65 1.13 16.79 19.22
C TRP B 65 -0.29 17.12 18.74
N SER B 66 -0.39 17.83 17.62
CA SER B 66 -1.62 18.06 16.84
C SER B 66 -1.30 17.86 15.36
N SER B 67 -2.28 17.44 14.56
CA SER B 67 -2.19 17.35 13.08
C SER B 67 -1.95 18.75 12.50
N GLU B 68 -2.55 19.77 13.11
CA GLU B 68 -2.54 21.17 12.61
C GLU B 68 -1.13 21.76 12.75
N PHE B 69 -0.59 21.79 13.98
CA PHE B 69 0.67 22.51 14.33
C PHE B 69 1.85 21.55 14.45
N GLY B 70 1.61 20.24 14.55
CA GLY B 70 2.67 19.24 14.73
C GLY B 70 3.14 19.13 16.18
N TRP B 71 4.38 18.69 16.38
CA TRP B 71 5.00 18.46 17.71
C TRP B 71 5.29 19.79 18.41
N GLU B 72 4.67 20.02 19.58
CA GLU B 72 5.02 21.14 20.48
C GLU B 72 6.41 20.88 21.07
N LYS B 73 6.95 21.85 21.80
CA LYS B 73 8.27 21.73 22.49
C LYS B 73 8.10 20.76 23.65
N PRO B 74 9.08 19.87 23.91
CA PRO B 74 8.97 18.90 25.01
C PRO B 74 9.15 19.57 26.37
N HIS B 75 8.50 19.02 27.40
CA HIS B 75 8.51 19.53 28.80
C HIS B 75 8.98 18.43 29.74
N ILE B 76 9.98 18.73 30.58
CA ILE B 76 10.25 17.99 31.84
C ILE B 76 9.65 18.83 32.98
N LYS B 77 8.76 18.24 33.77
CA LYS B 77 7.97 18.98 34.79
C LYS B 77 7.57 18.01 35.90
N PRO B 78 7.02 18.49 37.04
CA PRO B 78 6.67 17.61 38.15
C PRO B 78 5.64 16.53 37.74
N LEU B 79 5.78 15.33 38.29
CA LEU B 79 4.80 14.23 38.12
C LEU B 79 3.43 14.76 38.52
N GLN B 80 2.46 14.68 37.61
CA GLN B 80 1.08 15.18 37.82
C GLN B 80 0.12 14.29 37.04
N ASN B 81 -1.15 14.30 37.46
CA ASN B 81 -2.27 13.68 36.71
C ASN B 81 -2.33 14.33 35.32
N LEU B 82 -2.74 13.55 34.32
CA LEU B 82 -3.04 14.03 32.95
C LEU B 82 -4.48 14.56 32.96
N SER B 83 -4.69 15.75 32.43
CA SER B 83 -6.04 16.32 32.13
C SER B 83 -6.40 15.91 30.70
N LEU B 84 -7.28 14.91 30.55
CA LEU B 84 -7.64 14.32 29.24
C LEU B 84 -9.14 14.55 28.97
N HIS B 85 -9.46 15.00 27.76
CA HIS B 85 -10.86 15.04 27.26
C HIS B 85 -11.43 13.64 27.40
N PRO B 86 -12.64 13.46 27.96
CA PRO B 86 -13.18 12.12 28.20
C PRO B 86 -13.44 11.30 26.91
N GLY B 87 -13.36 11.94 25.73
CA GLY B 87 -13.51 11.29 24.42
C GLY B 87 -12.17 10.85 23.82
N SER B 88 -11.06 11.11 24.52
CA SER B 88 -9.69 10.73 24.10
C SER B 88 -9.67 9.28 23.58
N SER B 89 -9.17 9.06 22.36
CA SER B 89 -9.20 7.75 21.65
C SER B 89 -8.41 6.69 22.43
N ALA B 90 -7.46 7.08 23.28
CA ALA B 90 -6.70 6.16 24.17
C ALA B 90 -7.66 5.44 25.12
N LEU B 91 -8.76 6.10 25.52
CA LEU B 91 -9.72 5.59 26.53
C LEU B 91 -10.82 4.73 25.85
N HIS B 92 -11.08 4.97 24.57
CA HIS B 92 -12.21 4.35 23.83
C HIS B 92 -11.69 3.24 22.91
N TYR B 93 -10.65 3.52 22.14
CA TYR B 93 -10.16 2.68 21.01
C TYR B 93 -8.71 2.25 21.24
N ALA B 94 -8.23 2.33 22.48
CA ALA B 94 -6.88 1.87 22.91
C ALA B 94 -5.83 2.30 21.87
N VAL B 95 -5.93 3.54 21.38
CA VAL B 95 -4.90 4.18 20.53
C VAL B 95 -3.74 4.57 21.45
N GLU B 96 -2.86 3.60 21.72
CA GLU B 96 -1.81 3.73 22.75
C GLU B 96 -0.73 2.67 22.52
N LEU B 97 0.49 3.01 22.90
CA LEU B 97 1.64 2.08 22.98
C LEU B 97 2.56 2.54 24.11
N PHE B 98 3.43 1.65 24.58
CA PHE B 98 4.41 1.94 25.64
C PHE B 98 5.74 1.26 25.30
N GLU B 99 6.74 1.56 26.13
CA GLU B 99 8.05 0.88 26.11
C GLU B 99 8.47 0.60 27.57
N GLY B 100 9.43 -0.30 27.71
CA GLY B 100 10.06 -0.67 28.99
C GLY B 100 11.55 -0.81 28.79
N LEU B 101 12.32 0.09 29.39
CA LEU B 101 13.80 0.02 29.46
C LEU B 101 14.23 0.52 30.84
N LYS B 102 15.49 0.29 31.22
CA LYS B 102 15.98 0.56 32.60
C LYS B 102 17.23 1.44 32.53
N ALA B 103 17.44 2.24 33.58
CA ALA B 103 18.72 2.89 33.93
C ALA B 103 19.30 2.16 35.16
N PHE B 104 20.61 1.89 35.15
CA PHE B 104 21.31 1.10 36.18
C PHE B 104 22.46 1.92 36.78
N ARG B 105 22.49 2.04 38.10
CA ARG B 105 23.64 2.64 38.85
C ARG B 105 24.72 1.57 38.97
N GLY B 106 25.82 1.72 38.22
CA GLY B 106 26.89 0.70 38.14
C GLY B 106 27.75 0.63 39.40
N VAL B 107 28.66 -0.34 39.45
CA VAL B 107 29.62 -0.56 40.57
C VAL B 107 30.59 0.62 40.66
N ASP B 108 30.77 1.38 39.57
CA ASP B 108 31.62 2.60 39.50
C ASP B 108 30.77 3.86 39.70
N ASN B 109 29.51 3.70 40.13
CA ASN B 109 28.53 4.79 40.42
C ASN B 109 28.21 5.62 39.15
N LYS B 110 28.55 5.14 37.96
CA LYS B 110 28.09 5.73 36.68
C LYS B 110 26.75 5.10 36.30
N ILE B 111 25.79 5.92 35.87
CA ILE B 111 24.43 5.47 35.45
C ILE B 111 24.49 5.13 33.97
N ARG B 112 23.94 3.96 33.60
CA ARG B 112 23.96 3.42 32.22
C ARG B 112 22.53 3.08 31.77
N LEU B 113 22.21 3.45 30.52
CA LEU B 113 21.06 2.91 29.77
C LEU B 113 21.53 1.64 29.04
N PHE B 114 20.62 0.69 28.81
CA PHE B 114 20.93 -0.63 28.22
C PHE B 114 20.17 -0.77 26.89
N GLN B 115 20.90 -0.75 25.78
CA GLN B 115 20.38 -0.89 24.39
C GLN B 115 19.14 -0.02 24.19
N PRO B 116 19.15 1.27 24.61
CA PRO B 116 17.96 2.10 24.52
C PRO B 116 17.53 2.41 23.08
N ASN B 117 18.45 2.31 22.11
CA ASN B 117 18.20 2.56 20.67
C ASN B 117 17.22 1.50 20.13
N LEU B 118 17.24 0.28 20.67
CA LEU B 118 16.33 -0.82 20.27
C LEU B 118 14.92 -0.51 20.74
N ASN B 119 14.78 0.14 21.90
CA ASN B 119 13.47 0.56 22.46
C ASN B 119 12.90 1.67 21.57
N MET B 120 13.73 2.63 21.17
CA MET B 120 13.34 3.78 20.30
C MET B 120 12.91 3.23 18.93
N ASP B 121 13.69 2.31 18.34
CA ASP B 121 13.34 1.62 17.07
C ASP B 121 11.95 0.99 17.21
N ARG B 122 11.73 0.26 18.30
CA ARG B 122 10.51 -0.56 18.54
C ARG B 122 9.30 0.35 18.81
N MET B 123 9.53 1.47 19.50
CA MET B 123 8.46 2.46 19.83
C MET B 123 8.03 3.19 18.55
N TYR B 124 8.98 3.57 17.70
CA TYR B 124 8.73 4.22 16.39
C TYR B 124 7.85 3.27 15.56
N ARG B 125 8.29 2.02 15.41
CA ARG B 125 7.62 0.96 14.61
C ARG B 125 6.19 0.78 15.14
N SER B 126 6.02 0.77 16.47
CA SER B 126 4.71 0.62 17.16
C SER B 126 3.84 1.84 16.85
N ALA B 127 4.43 3.04 16.85
CA ALA B 127 3.73 4.31 16.56
C ALA B 127 3.13 4.25 15.15
N VAL B 128 3.92 3.76 14.18
CA VAL B 128 3.49 3.60 12.76
C VAL B 128 2.30 2.65 12.71
N ARG B 129 2.37 1.52 13.42
CA ARG B 129 1.33 0.46 13.41
C ARG B 129 0.07 0.95 14.12
N ALA B 130 0.18 1.86 15.09
CA ALA B 130 -0.95 2.43 15.87
C ALA B 130 -1.57 3.63 15.13
N THR B 131 -0.88 4.15 14.11
CA THR B 131 -1.20 5.38 13.34
C THR B 131 -1.01 6.63 14.21
N LEU B 132 -0.24 6.53 15.29
CA LEU B 132 0.26 7.70 16.07
C LEU B 132 1.41 8.33 15.29
N PRO B 133 1.64 9.66 15.44
CA PRO B 133 2.61 10.37 14.59
C PRO B 133 4.05 9.96 14.90
N VAL B 134 4.89 9.88 13.88
CA VAL B 134 6.34 9.54 14.01
C VAL B 134 7.06 10.71 14.70
N PHE B 135 8.28 10.47 15.17
CA PHE B 135 9.15 11.42 15.92
C PHE B 135 10.61 11.02 15.66
N ASP B 136 11.56 11.91 15.92
CA ASP B 136 13.00 11.60 15.78
C ASP B 136 13.43 10.77 17.00
N LYS B 137 13.92 9.55 16.76
CA LYS B 137 14.31 8.58 17.82
C LYS B 137 15.45 9.13 18.67
N GLU B 138 16.45 9.78 18.06
CA GLU B 138 17.60 10.41 18.75
C GLU B 138 17.10 11.51 19.71
N GLU B 139 16.10 12.27 19.29
CA GLU B 139 15.55 13.41 20.09
C GLU B 139 14.79 12.89 21.31
N LEU B 140 14.03 11.79 21.16
CA LEU B 140 13.32 11.14 22.30
C LEU B 140 14.37 10.60 23.28
N LEU B 141 15.35 9.83 22.79
CA LEU B 141 16.39 9.24 23.66
C LEU B 141 17.04 10.35 24.49
N GLU B 142 17.43 11.45 23.84
CA GLU B 142 18.15 12.58 24.52
C GLU B 142 17.22 13.22 25.55
N CYS B 143 15.92 13.35 25.26
CA CYS B 143 14.90 13.89 26.19
C CYS B 143 14.78 12.98 27.42
N ILE B 144 14.82 11.65 27.20
CA ILE B 144 14.76 10.62 28.28
C ILE B 144 16.02 10.72 29.13
N GLN B 145 17.20 10.90 28.49
CA GLN B 145 18.50 11.05 29.20
C GLN B 145 18.38 12.25 30.17
N GLN B 146 17.87 13.38 29.69
CA GLN B 146 17.73 14.62 30.50
C GLN B 146 16.78 14.37 31.68
N LEU B 147 15.69 13.62 31.47
CA LEU B 147 14.68 13.29 32.51
C LEU B 147 15.35 12.46 33.60
N VAL B 148 16.02 11.37 33.20
CA VAL B 148 16.75 10.45 34.12
C VAL B 148 17.83 11.26 34.84
N LYS B 149 18.52 12.15 34.13
CA LYS B 149 19.60 12.99 34.71
C LYS B 149 19.02 13.86 35.84
N LEU B 150 17.89 14.54 35.59
CA LEU B 150 17.23 15.39 36.61
C LEU B 150 16.90 14.52 37.84
N ASP B 151 16.38 13.31 37.61
CA ASP B 151 15.88 12.39 38.66
C ASP B 151 16.89 11.27 38.93
N GLN B 152 18.18 11.54 38.71
CA GLN B 152 19.24 10.49 38.73
C GLN B 152 19.36 9.87 40.13
N GLU B 153 19.02 10.60 41.20
CA GLU B 153 19.09 10.08 42.59
C GLU B 153 18.03 9.01 42.84
N TRP B 154 17.03 8.90 41.96
CA TRP B 154 15.96 7.86 42.01
C TRP B 154 16.50 6.52 41.47
N VAL B 155 17.56 6.55 40.64
CA VAL B 155 18.27 5.31 40.24
C VAL B 155 18.85 4.72 41.51
N PRO B 156 18.33 3.57 42.01
CA PRO B 156 18.65 3.09 43.35
C PRO B 156 20.15 2.88 43.60
N TYR B 157 20.60 3.18 44.80
CA TYR B 157 21.98 2.86 45.29
C TYR B 157 21.97 1.40 45.74
N SER B 158 21.95 0.51 44.76
CA SER B 158 21.78 -0.96 44.92
C SER B 158 22.14 -1.65 43.60
N THR B 159 22.91 -2.73 43.69
CA THR B 159 23.44 -3.51 42.54
C THR B 159 22.39 -4.54 42.08
N SER B 160 21.25 -4.62 42.79
CA SER B 160 20.13 -5.55 42.52
C SER B 160 18.84 -4.79 42.15
N ALA B 161 18.90 -3.47 42.02
CA ALA B 161 17.73 -2.58 41.76
C ALA B 161 18.06 -1.64 40.59
N SER B 162 17.03 -1.01 40.03
CA SER B 162 17.11 -0.20 38.80
C SER B 162 16.00 0.86 38.77
N LEU B 163 16.13 1.83 37.87
CA LEU B 163 15.04 2.77 37.52
C LEU B 163 14.34 2.27 36.25
N TYR B 164 13.07 1.88 36.37
CA TYR B 164 12.22 1.52 35.20
C TYR B 164 11.79 2.81 34.49
N ILE B 165 12.00 2.87 33.18
CA ILE B 165 11.65 4.01 32.29
C ILE B 165 10.45 3.57 31.43
N ARG B 166 9.32 4.25 31.56
CA ARG B 166 8.05 3.92 30.88
C ARG B 166 7.69 5.05 29.91
N PRO B 167 8.25 5.07 28.68
CA PRO B 167 7.72 5.93 27.64
C PRO B 167 6.31 5.44 27.26
N THR B 168 5.37 6.37 27.08
CA THR B 168 3.96 6.10 26.77
C THR B 168 3.50 7.09 25.71
N PHE B 169 2.75 6.61 24.71
CA PHE B 169 2.24 7.38 23.56
C PHE B 169 0.74 7.10 23.42
N ILE B 170 -0.10 8.10 23.67
CA ILE B 170 -1.58 7.96 23.72
C ILE B 170 -2.23 8.94 22.75
N GLY B 171 -3.29 8.50 22.06
CA GLY B 171 -4.17 9.38 21.26
C GLY B 171 -5.09 10.17 22.17
N THR B 172 -5.15 11.50 22.00
CA THR B 172 -5.97 12.42 22.82
C THR B 172 -6.99 13.14 21.94
N GLU B 173 -7.28 12.57 20.76
CA GLU B 173 -8.38 12.97 19.84
C GLU B 173 -9.68 13.07 20.65
N PRO B 174 -10.29 14.27 20.79
CA PRO B 174 -11.48 14.43 21.63
C PRO B 174 -12.79 14.00 20.96
N SER B 175 -12.75 13.22 19.87
CA SER B 175 -13.95 12.76 19.12
C SER B 175 -14.07 11.23 19.21
N LEU B 176 -15.31 10.73 19.16
CA LEU B 176 -15.64 9.29 19.24
C LEU B 176 -15.52 8.66 17.86
N GLY B 177 -15.19 9.46 16.84
CA GLY B 177 -14.88 8.98 15.49
C GLY B 177 -13.68 8.04 15.50
N VAL B 178 -13.85 6.85 14.94
CA VAL B 178 -12.77 5.82 14.77
C VAL B 178 -11.92 6.21 13.57
N LYS B 179 -10.80 6.90 13.80
CA LYS B 179 -9.86 7.33 12.72
C LYS B 179 -8.49 7.69 13.32
N LYS B 180 -7.50 7.90 12.45
CA LYS B 180 -6.15 8.43 12.77
C LYS B 180 -6.32 9.61 13.72
N PRO B 181 -5.69 9.61 14.90
CA PRO B 181 -5.83 10.72 15.85
C PRO B 181 -5.15 11.99 15.32
N THR B 182 -5.79 13.15 15.53
CA THR B 182 -5.31 14.50 15.14
C THR B 182 -4.66 15.18 16.35
N LYS B 183 -4.61 14.48 17.50
CA LYS B 183 -4.00 14.97 18.77
C LYS B 183 -3.40 13.78 19.50
N ALA B 184 -2.23 13.95 20.11
CA ALA B 184 -1.50 12.88 20.83
C ALA B 184 -0.66 13.46 21.97
N LEU B 185 -0.42 12.65 23.00
CA LEU B 185 0.50 12.92 24.13
C LEU B 185 1.54 11.80 24.15
N LEU B 186 2.82 12.16 24.10
CA LEU B 186 3.96 11.26 24.40
C LEU B 186 4.54 11.72 25.74
N PHE B 187 4.54 10.83 26.74
CA PHE B 187 5.02 11.13 28.11
C PHE B 187 5.89 9.97 28.59
N VAL B 188 6.82 10.26 29.50
CA VAL B 188 7.73 9.25 30.10
C VAL B 188 7.63 9.34 31.62
N LEU B 189 7.50 8.18 32.26
CA LEU B 189 7.48 8.03 33.73
C LEU B 189 8.72 7.23 34.14
N LEU B 190 9.27 7.57 35.31
CA LEU B 190 10.37 6.83 35.96
C LEU B 190 9.82 6.22 37.25
N SER B 191 10.10 4.94 37.46
CA SER B 191 9.64 4.14 38.62
C SER B 191 10.81 3.28 39.12
N PRO B 192 11.34 3.53 40.34
CA PRO B 192 12.36 2.67 40.91
C PRO B 192 11.76 1.29 41.19
N VAL B 193 12.45 0.23 40.76
CA VAL B 193 11.99 -1.17 40.92
C VAL B 193 13.11 -1.95 41.59
N GLY B 194 12.74 -2.86 42.50
CA GLY B 194 13.67 -3.73 43.23
C GLY B 194 14.01 -4.98 42.41
N PRO B 195 14.66 -5.99 43.03
CA PRO B 195 14.90 -7.27 42.38
C PRO B 195 13.59 -7.93 41.94
N TYR B 196 13.67 -8.78 40.91
CA TYR B 196 12.54 -9.35 40.14
C TYR B 196 11.57 -10.08 41.07
N PHE B 197 12.07 -11.03 41.85
CA PHE B 197 11.41 -11.56 43.07
C PHE B 197 12.10 -10.93 44.30
N SER B 198 11.30 -10.41 45.23
CA SER B 198 11.73 -9.56 46.37
C SER B 198 12.64 -10.34 47.34
N SER B 199 12.69 -11.68 47.23
CA SER B 199 13.59 -12.57 48.04
C SER B 199 14.95 -12.77 47.33
N GLY B 200 15.22 -12.03 46.25
CA GLY B 200 16.58 -11.80 45.71
C GLY B 200 17.02 -12.88 44.73
N THR B 201 17.49 -14.02 45.26
CA THR B 201 17.94 -15.21 44.46
C THR B 201 16.71 -15.94 43.91
N PHE B 202 16.91 -16.88 42.97
CA PHE B 202 15.91 -17.32 41.98
C PHE B 202 14.68 -17.92 42.67
N ASN B 203 13.50 -17.32 42.43
CA ASN B 203 12.17 -17.91 42.76
C ASN B 203 11.48 -18.30 41.46
N PRO B 204 11.44 -19.61 41.13
CA PRO B 204 10.88 -20.06 39.86
C PRO B 204 9.36 -19.85 39.78
N VAL B 205 8.86 -19.48 38.61
CA VAL B 205 7.41 -19.25 38.34
C VAL B 205 6.72 -20.56 37.93
N SER B 206 5.46 -20.73 38.34
CA SER B 206 4.50 -21.73 37.81
C SER B 206 3.62 -21.05 36.76
N LEU B 207 3.49 -21.66 35.57
CA LEU B 207 2.75 -21.09 34.41
C LEU B 207 1.38 -21.77 34.29
N TRP B 208 0.34 -20.98 34.02
CA TRP B 208 -1.02 -21.45 33.67
C TRP B 208 -1.13 -21.57 32.14
N ALA B 209 -1.27 -22.79 31.62
CA ALA B 209 -1.38 -23.12 30.19
C ALA B 209 -2.82 -23.58 29.89
N ASN B 210 -3.62 -22.67 29.34
CA ASN B 210 -5.02 -22.92 28.90
C ASN B 210 -5.16 -22.41 27.47
N PRO B 211 -5.23 -23.31 26.47
CA PRO B 211 -5.24 -22.89 25.06
C PRO B 211 -6.53 -22.18 24.63
N LYS B 212 -7.52 -22.09 25.53
CA LYS B 212 -8.80 -21.35 25.31
C LYS B 212 -8.48 -19.89 25.00
N TYR B 213 -7.44 -19.32 25.60
CA TYR B 213 -7.03 -17.90 25.42
C TYR B 213 -5.81 -17.81 24.51
N VAL B 214 -5.78 -16.80 23.65
CA VAL B 214 -4.70 -16.56 22.65
C VAL B 214 -4.26 -15.10 22.76
N ARG B 215 -2.96 -14.88 23.01
CA ARG B 215 -2.34 -13.55 23.25
C ARG B 215 -2.37 -12.74 21.95
N ALA B 216 -1.97 -13.37 20.85
CA ALA B 216 -1.73 -12.72 19.54
C ALA B 216 -1.95 -13.74 18.42
N TRP B 217 -2.26 -13.22 17.22
CA TRP B 217 -2.61 -13.99 15.99
C TRP B 217 -1.87 -13.40 14.80
N LYS B 218 -1.65 -14.21 13.75
CA LYS B 218 -1.13 -13.75 12.44
C LYS B 218 -2.08 -12.68 11.91
N GLY B 219 -1.55 -11.49 11.61
CA GLY B 219 -2.32 -10.33 11.12
C GLY B 219 -2.70 -9.39 12.26
N GLY B 220 -2.34 -9.74 13.49
CA GLY B 220 -2.57 -8.91 14.69
C GLY B 220 -1.41 -7.96 14.95
N THR B 221 -1.26 -7.51 16.19
CA THR B 221 -0.26 -6.51 16.66
C THR B 221 0.60 -7.11 17.78
N GLY B 222 0.64 -8.44 17.90
CA GLY B 222 1.40 -9.16 18.93
C GLY B 222 2.89 -8.82 18.91
N ASP B 223 3.42 -8.42 17.75
CA ASP B 223 4.87 -8.10 17.57
C ASP B 223 5.10 -6.60 17.81
N CYS B 224 4.10 -5.87 18.31
CA CYS B 224 4.19 -4.46 18.74
C CYS B 224 3.82 -4.38 20.22
N LYS B 225 4.34 -3.37 20.92
CA LYS B 225 4.04 -3.14 22.36
C LYS B 225 2.91 -2.12 22.44
N MET B 226 1.73 -2.51 21.94
CA MET B 226 0.48 -1.71 21.89
C MET B 226 -0.46 -2.20 23.00
N GLY B 227 -1.09 -1.26 23.72
CA GLY B 227 -1.87 -1.53 24.95
C GLY B 227 -2.91 -2.62 24.76
N GLY B 228 -3.52 -2.67 23.57
CA GLY B 228 -4.57 -3.64 23.20
C GLY B 228 -4.18 -5.08 23.49
N ASN B 229 -2.90 -5.42 23.27
CA ASN B 229 -2.37 -6.80 23.43
C ASN B 229 -2.45 -7.25 24.89
N TYR B 230 -2.55 -6.32 25.84
CA TYR B 230 -2.41 -6.58 27.31
C TYR B 230 -3.80 -6.56 27.97
N GLY B 231 -4.69 -5.66 27.54
CA GLY B 231 -6.11 -5.63 27.95
C GLY B 231 -6.78 -6.99 27.79
N SER B 232 -6.55 -7.65 26.65
CA SER B 232 -7.10 -8.98 26.30
CA SER B 232 -7.10 -8.98 26.30
C SER B 232 -6.46 -10.09 27.14
N SER B 233 -5.21 -9.91 27.57
CA SER B 233 -4.37 -10.91 28.28
C SER B 233 -4.80 -11.02 29.76
N LEU B 234 -5.53 -10.03 30.27
CA LEU B 234 -5.67 -9.77 31.72
C LEU B 234 -6.53 -10.87 32.39
N PHE B 235 -7.54 -11.38 31.69
CA PHE B 235 -8.47 -12.41 32.21
C PHE B 235 -7.69 -13.71 32.51
N ALA B 236 -6.87 -14.15 31.56
CA ALA B 236 -6.04 -15.37 31.67
C ALA B 236 -5.04 -15.21 32.82
N GLN B 237 -4.49 -14.01 33.01
CA GLN B 237 -3.53 -13.68 34.09
C GLN B 237 -4.21 -13.88 35.45
N CYS B 238 -5.44 -13.39 35.63
CA CYS B 238 -6.23 -13.52 36.89
C CYS B 238 -6.61 -14.98 37.12
N GLU B 239 -6.93 -15.71 36.05
CA GLU B 239 -7.27 -17.15 36.09
C GLU B 239 -6.04 -17.94 36.52
N ALA B 240 -4.85 -17.50 36.10
CA ALA B 240 -3.54 -18.09 36.48
C ALA B 240 -3.33 -17.91 37.99
N VAL B 241 -3.41 -16.67 38.47
CA VAL B 241 -3.22 -16.28 39.90
C VAL B 241 -4.17 -17.12 40.78
N ASP B 242 -5.41 -17.34 40.32
CA ASP B 242 -6.43 -18.15 41.04
C ASP B 242 -5.87 -19.56 41.30
N ASN B 243 -5.17 -20.14 40.33
CA ASN B 243 -4.65 -21.53 40.38
C ASN B 243 -3.16 -21.54 40.79
N GLY B 244 -2.73 -20.51 41.53
CA GLY B 244 -1.41 -20.45 42.20
C GLY B 244 -0.25 -20.22 41.24
N CYS B 245 -0.52 -19.79 40.01
CA CYS B 245 0.50 -19.51 38.96
C CYS B 245 0.77 -18.00 38.93
N GLN B 246 1.98 -17.60 38.54
CA GLN B 246 2.44 -16.19 38.54
C GLN B 246 2.32 -15.61 37.12
N GLN B 247 2.42 -16.45 36.09
CA GLN B 247 2.39 -16.03 34.67
C GLN B 247 1.55 -17.03 33.86
N VAL B 248 1.17 -16.64 32.64
CA VAL B 248 0.42 -17.47 31.65
C VAL B 248 1.44 -17.97 30.62
N LEU B 249 1.39 -19.27 30.28
CA LEU B 249 2.09 -19.83 29.10
C LEU B 249 1.14 -19.67 27.90
N TRP B 250 1.45 -18.76 26.98
CA TRP B 250 0.59 -18.41 25.84
C TRP B 250 0.76 -19.48 24.75
N LEU B 251 -0.31 -20.25 24.52
CA LEU B 251 -0.37 -21.33 23.50
C LEU B 251 -1.03 -20.76 22.25
N TYR B 252 -0.60 -21.22 21.07
CA TYR B 252 -1.12 -20.78 19.75
C TYR B 252 -1.23 -21.96 18.78
N GLY B 253 -2.38 -22.07 18.11
CA GLY B 253 -2.56 -22.96 16.94
C GLY B 253 -3.07 -24.33 17.32
N GLU B 254 -3.42 -25.12 16.31
CA GLU B 254 -3.93 -26.52 16.44
C GLU B 254 -2.95 -27.35 17.26
N ASP B 255 -1.64 -27.14 17.04
CA ASP B 255 -0.53 -27.97 17.57
C ASP B 255 0.00 -27.39 18.89
N HIS B 256 -0.67 -26.39 19.47
CA HIS B 256 -0.36 -25.83 20.81
C HIS B 256 1.11 -25.40 20.89
N GLN B 257 1.53 -24.48 20.02
CA GLN B 257 2.87 -23.86 20.08
C GLN B 257 3.00 -23.08 21.39
N ILE B 258 4.08 -23.30 22.14
CA ILE B 258 4.48 -22.43 23.28
C ILE B 258 5.22 -21.21 22.69
N THR B 259 4.70 -20.01 22.95
CA THR B 259 5.08 -18.74 22.26
C THR B 259 5.81 -17.80 23.23
N GLU B 260 5.14 -17.40 24.31
CA GLU B 260 5.68 -16.45 25.32
C GLU B 260 5.28 -16.95 26.71
N VAL B 261 6.10 -16.64 27.71
CA VAL B 261 5.75 -16.90 29.13
C VAL B 261 5.32 -15.56 29.74
N GLY B 262 4.01 -15.32 29.70
CA GLY B 262 3.35 -14.10 30.21
C GLY B 262 3.80 -12.89 29.42
N THR B 263 4.51 -11.97 30.06
CA THR B 263 5.00 -10.70 29.47
C THR B 263 6.46 -10.84 29.07
N MET B 264 6.94 -12.08 28.93
CA MET B 264 8.36 -12.40 28.64
C MET B 264 8.45 -13.35 27.44
N ASN B 265 9.56 -13.27 26.70
CA ASN B 265 9.88 -14.23 25.61
C ASN B 265 10.24 -15.57 26.27
N LEU B 266 10.01 -16.67 25.55
N LEU B 266 10.01 -16.67 25.55
CA LEU B 266 10.15 -18.07 26.05
CA LEU B 266 10.16 -18.06 26.05
C LEU B 266 11.44 -18.68 25.51
C LEU B 266 11.45 -18.67 25.50
N PHE B 267 12.33 -19.13 26.40
CA PHE B 267 13.58 -19.87 26.06
C PHE B 267 13.49 -21.28 26.63
N LEU B 268 13.92 -22.26 25.83
CA LEU B 268 14.00 -23.69 26.22
C LEU B 268 15.42 -24.16 25.95
N TYR B 269 16.11 -24.62 27.00
CA TYR B 269 17.47 -25.22 26.94
C TYR B 269 17.31 -26.73 27.10
N TRP B 270 17.65 -27.50 26.06
CA TRP B 270 17.28 -28.94 25.97
C TRP B 270 18.16 -29.68 24.96
N ILE B 271 18.07 -31.01 24.98
CA ILE B 271 18.56 -31.91 23.89
C ILE B 271 17.42 -32.01 22.88
N ASN B 272 17.64 -31.58 21.64
CA ASN B 272 16.62 -31.60 20.60
C ASN B 272 16.48 -32.95 19.94
N GLU B 273 15.56 -33.08 18.99
CA GLU B 273 15.13 -34.39 18.44
C GLU B 273 16.31 -35.09 17.74
N ASP B 274 17.29 -34.33 17.25
CA ASP B 274 18.53 -34.84 16.59
C ASP B 274 19.59 -35.25 17.63
N GLY B 275 19.35 -34.99 18.93
CA GLY B 275 20.29 -35.35 20.01
C GLY B 275 21.34 -34.28 20.29
N GLU B 276 21.32 -33.16 19.55
CA GLU B 276 22.16 -31.97 19.80
C GLU B 276 21.62 -31.17 21.00
N GLU B 277 22.52 -30.62 21.80
CA GLU B 277 22.26 -29.64 22.89
C GLU B 277 21.83 -28.32 22.24
N GLU B 278 20.69 -27.74 22.67
CA GLU B 278 20.03 -26.62 21.95
C GLU B 278 19.45 -25.58 22.91
N LEU B 279 19.68 -24.29 22.62
CA LEU B 279 18.88 -23.15 23.13
C LEU B 279 17.87 -22.73 22.05
N ALA B 280 16.57 -22.96 22.31
CA ALA B 280 15.47 -22.74 21.34
C ALA B 280 14.56 -21.62 21.85
N THR B 281 14.05 -20.78 20.95
CA THR B 281 13.07 -19.71 21.21
C THR B 281 12.15 -19.58 20.00
N PRO B 282 10.83 -19.34 20.19
CA PRO B 282 9.92 -19.18 19.05
C PRO B 282 10.37 -18.05 18.13
N PRO B 283 10.20 -18.22 16.79
CA PRO B 283 10.67 -17.23 15.83
C PRO B 283 9.72 -16.03 15.71
N LEU B 284 10.26 -14.91 15.22
CA LEU B 284 9.53 -13.62 15.03
C LEU B 284 8.65 -13.73 13.77
N ASP B 285 7.57 -14.51 13.84
CA ASP B 285 6.65 -14.75 12.71
C ASP B 285 5.36 -13.95 12.88
N GLY B 286 5.34 -12.95 13.78
CA GLY B 286 4.22 -11.99 13.93
C GLY B 286 3.52 -12.09 15.27
N ILE B 287 3.57 -13.24 15.95
CA ILE B 287 2.85 -13.46 17.23
C ILE B 287 3.82 -13.35 18.42
N ILE B 288 5.07 -12.96 18.18
CA ILE B 288 6.14 -12.84 19.22
C ILE B 288 6.60 -11.38 19.28
N LEU B 289 6.59 -10.79 20.48
CA LEU B 289 7.16 -9.45 20.74
C LEU B 289 8.69 -9.56 20.66
N PRO B 290 9.35 -8.90 19.68
CA PRO B 290 10.81 -8.99 19.56
C PRO B 290 11.46 -8.26 20.74
N GLY B 291 11.66 -8.98 21.85
CA GLY B 291 12.20 -8.45 23.11
C GLY B 291 13.65 -8.04 22.96
N VAL B 292 14.08 -7.01 23.70
CA VAL B 292 15.51 -6.59 23.76
C VAL B 292 16.31 -7.69 24.46
N THR B 293 15.83 -8.18 25.61
CA THR B 293 16.51 -9.27 26.37
C THR B 293 16.65 -10.50 25.46
N ARG B 294 15.60 -10.86 24.73
CA ARG B 294 15.57 -11.99 23.77
C ARG B 294 16.72 -11.83 22.75
N ARG B 295 16.85 -10.64 22.15
CA ARG B 295 17.93 -10.29 21.17
C ARG B 295 19.29 -10.52 21.82
N CYS B 296 19.52 -9.94 23.00
CA CYS B 296 20.80 -10.01 23.75
C CYS B 296 21.16 -11.46 24.07
N ILE B 297 20.19 -12.27 24.50
CA ILE B 297 20.42 -13.70 24.88
C ILE B 297 20.83 -14.48 23.64
N LEU B 298 20.13 -14.30 22.52
CA LEU B 298 20.50 -14.96 21.23
C LEU B 298 21.90 -14.52 20.82
N ASP B 299 22.21 -13.22 20.92
CA ASP B 299 23.54 -12.65 20.54
C ASP B 299 24.64 -13.33 21.37
N LEU B 300 24.43 -13.45 22.69
CA LEU B 300 25.40 -14.08 23.64
C LEU B 300 25.62 -15.55 23.28
N ALA B 301 24.52 -16.30 23.14
CA ALA B 301 24.53 -17.76 22.86
C ALA B 301 25.28 -18.03 21.53
N HIS B 302 24.96 -17.26 20.48
CA HIS B 302 25.69 -17.27 19.18
C HIS B 302 27.19 -17.04 19.43
N GLN B 303 27.53 -15.97 20.15
CA GLN B 303 28.93 -15.54 20.41
C GLN B 303 29.70 -16.66 21.11
N TRP B 304 29.13 -17.28 22.14
CA TRP B 304 29.77 -18.37 22.93
C TRP B 304 30.05 -19.57 22.05
N GLY B 305 29.11 -19.91 21.16
CA GLY B 305 29.24 -20.98 20.14
C GLY B 305 29.49 -22.34 20.76
N GLU B 306 28.87 -22.61 21.92
CA GLU B 306 29.06 -23.86 22.70
C GLU B 306 27.91 -24.85 22.46
N PHE B 307 26.79 -24.38 21.91
CA PHE B 307 25.58 -25.20 21.63
C PHE B 307 24.78 -24.58 20.49
N LYS B 308 23.87 -25.37 19.90
CA LYS B 308 22.99 -24.93 18.80
C LYS B 308 22.03 -23.86 19.34
N VAL B 309 21.88 -22.76 18.59
CA VAL B 309 20.92 -21.66 18.88
C VAL B 309 19.91 -21.64 17.73
N SER B 310 18.64 -21.96 18.03
CA SER B 310 17.56 -22.17 17.04
C SER B 310 16.36 -21.28 17.38
N GLU B 311 16.06 -20.30 16.52
CA GLU B 311 14.73 -19.65 16.45
C GLU B 311 13.83 -20.62 15.69
N ARG B 312 12.92 -21.29 16.39
CA ARG B 312 12.14 -22.44 15.84
C ARG B 312 10.90 -22.68 16.69
N TYR B 313 9.87 -23.30 16.11
CA TYR B 313 8.56 -23.58 16.76
C TYR B 313 8.75 -24.67 17.83
N LEU B 314 8.15 -24.44 19.00
CA LEU B 314 8.11 -25.39 20.13
C LEU B 314 6.64 -25.63 20.47
N THR B 315 6.23 -26.90 20.52
CA THR B 315 4.85 -27.35 20.88
C THR B 315 4.87 -27.97 22.26
N MET B 316 3.71 -28.04 22.93
CA MET B 316 3.55 -28.75 24.23
C MET B 316 3.94 -30.22 24.05
N ASP B 317 3.65 -30.81 22.88
CA ASP B 317 3.96 -32.22 22.56
CA ASP B 317 3.96 -32.22 22.56
C ASP B 317 5.49 -32.38 22.51
N ASP B 318 6.18 -31.46 21.81
CA ASP B 318 7.67 -31.43 21.75
C ASP B 318 8.23 -31.44 23.17
N LEU B 319 7.66 -30.61 24.05
CA LEU B 319 8.13 -30.37 25.44
C LEU B 319 7.90 -31.62 26.31
N THR B 320 6.69 -32.19 26.29
CA THR B 320 6.30 -33.37 27.12
C THR B 320 7.09 -34.61 26.65
N THR B 321 7.26 -34.78 25.34
CA THR B 321 8.07 -35.87 24.72
C THR B 321 9.50 -35.81 25.26
N ALA B 322 10.06 -34.60 25.35
CA ALA B 322 11.45 -34.34 25.82
C ALA B 322 11.54 -34.56 27.33
N LEU B 323 10.49 -34.23 28.08
CA LEU B 323 10.48 -34.33 29.58
C LEU B 323 10.53 -35.79 30.00
N GLU B 324 9.70 -36.66 29.40
CA GLU B 324 9.66 -38.11 29.72
C GLU B 324 10.96 -38.77 29.25
N GLY B 325 11.67 -38.17 28.29
CA GLY B 325 12.99 -38.63 27.79
C GLY B 325 14.16 -37.95 28.50
N ASN B 326 13.91 -37.15 29.56
CA ASN B 326 14.92 -36.43 30.37
C ASN B 326 15.83 -35.58 29.47
N ARG B 327 15.27 -34.95 28.44
CA ARG B 327 16.03 -34.13 27.46
C ARG B 327 15.94 -32.64 27.80
N VAL B 328 15.04 -32.24 28.70
CA VAL B 328 14.84 -30.81 29.10
C VAL B 328 15.80 -30.48 30.25
N ARG B 329 16.63 -29.44 30.06
N ARG B 329 16.63 -29.44 30.06
CA ARG B 329 17.59 -28.95 31.08
CA ARG B 329 17.59 -28.95 31.08
C ARG B 329 16.93 -27.77 31.82
C ARG B 329 16.94 -27.77 31.82
N GLU B 330 16.67 -26.66 31.11
CA GLU B 330 16.12 -25.41 31.70
C GLU B 330 15.10 -24.79 30.76
N MET B 331 14.06 -24.18 31.34
CA MET B 331 13.14 -23.26 30.64
C MET B 331 13.10 -21.94 31.45
N PHE B 332 13.14 -20.80 30.76
CA PHE B 332 13.06 -19.47 31.41
C PHE B 332 12.42 -18.44 30.47
N GLY B 333 11.77 -17.46 31.08
CA GLY B 333 11.30 -16.24 30.41
C GLY B 333 12.34 -15.15 30.45
N SER B 334 12.38 -14.31 29.41
CA SER B 334 13.30 -13.13 29.30
C SER B 334 12.45 -11.87 29.11
N GLY B 335 12.92 -10.75 29.66
CA GLY B 335 12.22 -9.45 29.61
C GLY B 335 12.90 -8.45 30.50
N THR B 336 12.63 -7.16 30.28
CA THR B 336 13.27 -6.03 31.01
C THR B 336 13.02 -6.16 32.52
N ALA B 337 11.84 -6.62 32.92
CA ALA B 337 11.39 -6.66 34.33
C ALA B 337 12.15 -7.74 35.11
N CYS B 338 12.29 -8.96 34.56
CA CYS B 338 12.90 -10.12 35.24
C CYS B 338 14.32 -10.42 34.75
N VAL B 339 14.63 -10.12 33.49
CA VAL B 339 15.89 -10.49 32.77
C VAL B 339 15.87 -12.00 32.47
N VAL B 340 15.97 -12.85 33.50
CA VAL B 340 15.87 -14.33 33.40
C VAL B 340 14.97 -14.84 34.53
N CYS B 341 13.81 -15.40 34.17
CA CYS B 341 12.78 -15.96 35.09
C CYS B 341 12.66 -17.46 34.88
N PRO B 342 13.37 -18.29 35.68
CA PRO B 342 13.26 -19.75 35.56
C PRO B 342 11.81 -20.21 35.72
N VAL B 343 11.45 -21.27 34.99
CA VAL B 343 10.12 -21.95 35.05
C VAL B 343 10.32 -23.32 35.69
N SER B 344 9.61 -23.62 36.79
CA SER B 344 9.64 -24.92 37.49
C SER B 344 8.45 -25.80 37.09
N ASP B 345 7.28 -25.19 36.82
CA ASP B 345 6.00 -25.94 36.71
C ASP B 345 5.06 -25.30 35.67
N ILE B 346 4.33 -26.15 34.94
CA ILE B 346 3.28 -25.78 33.93
C ILE B 346 2.01 -26.56 34.26
N LEU B 347 0.91 -25.86 34.53
CA LEU B 347 -0.44 -26.47 34.74
C LEU B 347 -1.18 -26.50 33.40
N TYR B 348 -1.45 -27.70 32.87
CA TYR B 348 -1.97 -27.96 31.51
C TYR B 348 -2.83 -29.22 31.50
N LYS B 349 -4.07 -29.13 31.01
CA LYS B 349 -5.07 -30.23 31.02
C LYS B 349 -5.21 -30.77 32.45
N GLY B 350 -5.30 -29.87 33.44
CA GLY B 350 -5.62 -30.20 34.84
C GLY B 350 -4.46 -30.78 35.64
N GLU B 351 -3.39 -31.25 34.99
CA GLU B 351 -2.23 -31.87 35.69
C GLU B 351 -1.10 -30.85 35.81
N THR B 352 -0.13 -31.11 36.70
CA THR B 352 1.03 -30.23 36.98
C THR B 352 2.30 -30.85 36.39
N ILE B 353 2.70 -30.40 35.20
CA ILE B 353 3.97 -30.80 34.51
C ILE B 353 5.12 -30.03 35.17
N HIS B 354 6.03 -30.72 35.86
CA HIS B 354 7.24 -30.14 36.47
C HIS B 354 8.32 -30.00 35.40
N ILE B 355 9.05 -28.87 35.43
CA ILE B 355 10.23 -28.58 34.56
C ILE B 355 11.46 -28.57 35.45
N PRO B 356 12.52 -29.35 35.12
CA PRO B 356 13.65 -29.54 36.03
C PRO B 356 14.69 -28.42 35.99
N THR B 357 14.26 -27.18 35.74
CA THR B 357 15.14 -25.99 35.58
C THR B 357 16.03 -25.83 36.82
N MET B 358 15.42 -25.86 38.01
CA MET B 358 16.10 -25.60 39.30
C MET B 358 16.98 -26.79 39.71
N GLU B 359 16.66 -28.00 39.23
CA GLU B 359 17.44 -29.24 39.48
C GLU B 359 18.67 -29.30 38.55
N ASN B 360 18.74 -28.44 37.53
CA ASN B 360 19.87 -28.36 36.57
C ASN B 360 20.66 -27.07 36.79
N GLY B 361 20.59 -26.48 37.99
CA GLY B 361 21.40 -25.32 38.41
C GLY B 361 20.55 -24.20 38.99
N PRO B 362 19.90 -23.37 38.14
CA PRO B 362 19.93 -23.53 36.69
C PRO B 362 21.19 -22.95 36.05
N LYS B 363 21.97 -23.80 35.36
CA LYS B 363 23.34 -23.47 34.87
C LYS B 363 23.28 -22.31 33.88
N LEU B 364 22.59 -22.48 32.76
CA LEU B 364 22.57 -21.50 31.62
C LEU B 364 21.87 -20.21 32.06
N ALA B 365 20.68 -20.33 32.67
CA ALA B 365 19.90 -19.20 33.23
C ALA B 365 20.80 -18.33 34.11
N SER B 366 21.53 -18.94 35.05
CA SER B 366 22.42 -18.22 36.00
C SER B 366 23.54 -17.50 35.22
N ARG B 367 24.10 -18.15 34.20
CA ARG B 367 25.22 -17.60 33.38
C ARG B 367 24.74 -16.37 32.60
N ILE B 368 23.54 -16.45 32.01
CA ILE B 368 22.92 -15.36 31.21
C ILE B 368 22.65 -14.18 32.14
N LEU B 369 21.99 -14.43 33.28
CA LEU B 369 21.62 -13.38 34.26
C LEU B 369 22.90 -12.64 34.68
N SER B 370 23.96 -13.38 35.01
CA SER B 370 25.27 -12.84 35.45
C SER B 370 25.90 -12.01 34.32
N LYS B 371 25.85 -12.50 33.07
CA LYS B 371 26.44 -11.79 31.92
C LYS B 371 25.71 -10.45 31.69
N LEU B 372 24.37 -10.50 31.63
CA LEU B 372 23.54 -9.28 31.40
C LEU B 372 23.70 -8.32 32.58
N THR B 373 23.67 -8.83 33.81
CA THR B 373 23.82 -8.04 35.06
C THR B 373 25.20 -7.36 35.06
N ASP B 374 26.27 -8.11 34.77
CA ASP B 374 27.65 -7.58 34.70
C ASP B 374 27.68 -6.38 33.75
N ILE B 375 27.04 -6.51 32.58
CA ILE B 375 27.05 -5.48 31.51
C ILE B 375 26.26 -4.25 32.01
N GLN B 376 25.08 -4.48 32.59
CA GLN B 376 24.13 -3.41 33.00
C GLN B 376 24.77 -2.53 34.07
N TYR B 377 25.45 -3.14 35.04
CA TYR B 377 26.01 -2.47 36.24
C TYR B 377 27.50 -2.15 36.04
N GLY B 378 28.01 -2.27 34.80
CA GLY B 378 29.34 -1.78 34.40
C GLY B 378 30.50 -2.62 34.92
N ARG B 379 30.26 -3.89 35.27
CA ARG B 379 31.32 -4.83 35.74
C ARG B 379 32.19 -5.27 34.56
N GLU B 380 31.66 -5.29 33.32
CA GLU B 380 32.48 -5.38 32.07
C GLU B 380 31.96 -4.34 31.07
N GLU B 381 32.84 -3.84 30.20
CA GLU B 381 32.50 -2.82 29.16
C GLU B 381 31.71 -3.52 28.05
N ARG B 382 30.81 -2.80 27.40
CA ARG B 382 29.97 -3.31 26.28
C ARG B 382 29.49 -2.13 25.41
N ASP B 383 29.29 -2.39 24.13
CA ASP B 383 28.64 -1.47 23.15
C ASP B 383 27.17 -1.28 23.54
N TRP B 384 26.61 -2.25 24.28
CA TRP B 384 25.18 -2.31 24.68
C TRP B 384 24.84 -1.22 25.71
N THR B 385 25.84 -0.64 26.39
CA THR B 385 25.64 0.37 27.46
C THR B 385 26.05 1.77 26.97
N ILE B 386 25.30 2.77 27.42
CA ILE B 386 25.57 4.22 27.24
C ILE B 386 25.56 4.83 28.65
N VAL B 387 26.63 5.52 29.04
CA VAL B 387 26.69 6.32 30.29
C VAL B 387 25.82 7.56 30.06
N LEU B 388 25.07 7.96 31.09
CA LEU B 388 24.14 9.14 31.06
C LEU B 388 24.89 10.40 30.60
N SER B 389 24.27 11.16 29.68
CA SER B 389 24.70 12.49 29.18
C SER B 389 25.00 13.42 30.37
N VAL C 25 -18.57 -10.75 -21.32
CA VAL C 25 -17.75 -11.85 -20.71
C VAL C 25 -16.67 -11.21 -19.83
N GLY C 26 -16.76 -11.43 -18.51
CA GLY C 26 -15.81 -10.93 -17.49
C GLY C 26 -14.43 -11.54 -17.65
N THR C 27 -14.35 -12.79 -18.10
CA THR C 27 -13.07 -13.56 -18.22
C THR C 27 -13.21 -14.75 -19.19
N PHE C 28 -12.11 -15.08 -19.87
CA PHE C 28 -11.90 -16.37 -20.56
C PHE C 28 -11.74 -17.45 -19.49
N LYS C 29 -12.05 -18.71 -19.84
CA LYS C 29 -12.04 -19.86 -18.92
C LYS C 29 -11.17 -20.98 -19.51
N ALA C 30 -10.34 -21.62 -18.69
CA ALA C 30 -9.42 -22.71 -19.10
C ALA C 30 -10.21 -23.86 -19.71
N LYS C 31 -11.40 -24.14 -19.19
CA LYS C 31 -12.25 -25.29 -19.62
C LYS C 31 -12.78 -25.06 -21.05
N ASP C 32 -12.72 -23.83 -21.57
CA ASP C 32 -13.13 -23.51 -22.97
C ASP C 32 -11.92 -23.58 -23.91
N LEU C 33 -10.75 -23.98 -23.42
CA LEU C 33 -9.48 -24.03 -24.20
C LEU C 33 -9.72 -24.80 -25.50
N ILE C 34 -9.32 -24.21 -26.62
CA ILE C 34 -9.29 -24.86 -27.96
C ILE C 34 -7.83 -25.13 -28.30
N VAL C 35 -7.41 -26.39 -28.17
CA VAL C 35 -6.01 -26.82 -28.45
C VAL C 35 -5.90 -27.23 -29.92
N THR C 36 -4.98 -26.62 -30.66
CA THR C 36 -4.62 -26.98 -32.05
C THR C 36 -3.17 -27.44 -32.07
N PRO C 37 -2.89 -28.75 -31.82
CA PRO C 37 -1.51 -29.24 -31.85
C PRO C 37 -0.84 -28.96 -33.20
N ALA C 38 0.49 -28.79 -33.18
CA ALA C 38 1.34 -28.63 -34.37
C ALA C 38 1.52 -30.01 -35.02
N THR C 39 1.54 -30.05 -36.36
CA THR C 39 1.70 -31.30 -37.14
C THR C 39 3.19 -31.62 -37.30
N ILE C 40 4.05 -30.59 -37.27
CA ILE C 40 5.54 -30.73 -37.34
C ILE C 40 6.13 -30.16 -36.04
N LEU C 41 6.98 -30.93 -35.34
CA LEU C 41 7.60 -30.52 -34.05
C LEU C 41 9.09 -30.21 -34.27
N LYS C 42 9.61 -29.22 -33.54
CA LYS C 42 11.01 -28.72 -33.70
C LYS C 42 11.92 -29.50 -32.75
N GLU C 43 13.19 -29.71 -33.14
CA GLU C 43 14.24 -30.29 -32.28
C GLU C 43 14.54 -29.28 -31.16
N LYS C 44 14.59 -29.75 -29.91
CA LYS C 44 14.95 -28.92 -28.72
C LYS C 44 16.41 -28.48 -28.83
N PRO C 45 16.78 -27.36 -28.20
CA PRO C 45 18.15 -26.83 -28.28
C PRO C 45 19.07 -27.48 -27.24
N ASP C 46 20.38 -27.35 -27.44
CA ASP C 46 21.41 -27.71 -26.44
C ASP C 46 21.32 -26.73 -25.27
N PRO C 47 20.96 -27.17 -24.05
CA PRO C 47 20.85 -26.26 -22.90
C PRO C 47 22.11 -25.45 -22.55
N ASN C 48 23.28 -25.90 -23.02
CA ASN C 48 24.60 -25.28 -22.73
C ASN C 48 24.88 -24.11 -23.68
N ASN C 49 24.20 -24.03 -24.82
CA ASN C 49 24.38 -22.95 -25.82
C ASN C 49 23.02 -22.26 -26.07
N LEU C 50 22.42 -21.72 -25.01
CA LEU C 50 21.11 -21.02 -25.02
C LEU C 50 21.33 -19.57 -24.67
N VAL C 51 21.04 -18.66 -25.59
CA VAL C 51 20.94 -17.19 -25.34
C VAL C 51 19.50 -16.89 -24.90
N PHE C 52 19.35 -15.98 -23.94
CA PHE C 52 18.05 -15.67 -23.27
C PHE C 52 17.03 -15.10 -24.27
N GLY C 53 15.85 -15.73 -24.32
CA GLY C 53 14.69 -15.26 -25.11
C GLY C 53 14.89 -15.41 -26.60
N THR C 54 15.83 -16.25 -27.05
CA THR C 54 16.22 -16.44 -28.47
C THR C 54 15.39 -17.56 -29.11
N VAL C 55 15.22 -18.69 -28.41
CA VAL C 55 14.61 -19.94 -28.93
C VAL C 55 13.21 -20.09 -28.32
N PHE C 56 12.22 -20.47 -29.14
CA PHE C 56 10.80 -20.62 -28.73
C PHE C 56 10.31 -22.05 -29.00
N THR C 57 9.29 -22.45 -28.23
CA THR C 57 8.73 -23.82 -28.22
C THR C 57 7.75 -23.96 -29.39
N ASP C 58 7.04 -25.08 -29.45
CA ASP C 58 6.14 -25.44 -30.58
C ASP C 58 4.86 -24.60 -30.51
N HIS C 59 4.36 -24.29 -29.31
CA HIS C 59 3.00 -23.73 -29.08
C HIS C 59 3.05 -22.42 -28.29
N MET C 60 1.97 -21.65 -28.38
CA MET C 60 1.74 -20.36 -27.67
C MET C 60 0.28 -20.33 -27.24
N LEU C 61 -0.04 -19.57 -26.19
CA LEU C 61 -1.43 -19.23 -25.81
C LEU C 61 -1.81 -17.91 -26.49
N THR C 62 -3.02 -17.81 -27.03
CA THR C 62 -3.62 -16.53 -27.51
C THR C 62 -5.06 -16.45 -27.00
N VAL C 63 -5.46 -15.28 -26.51
CA VAL C 63 -6.85 -14.95 -26.11
C VAL C 63 -7.18 -13.57 -26.67
N GLU C 64 -8.20 -13.49 -27.53
CA GLU C 64 -8.71 -12.22 -28.13
C GLU C 64 -9.69 -11.58 -27.15
N TRP C 65 -9.72 -10.26 -27.09
CA TRP C 65 -10.73 -9.46 -26.34
C TRP C 65 -11.25 -8.31 -27.21
N SER C 66 -12.53 -8.00 -27.04
CA SER C 66 -13.21 -6.80 -27.58
C SER C 66 -14.08 -6.20 -26.47
N SER C 67 -14.31 -4.89 -26.50
CA SER C 67 -15.25 -4.18 -25.60
C SER C 67 -16.67 -4.70 -25.85
N GLU C 68 -16.99 -5.01 -27.10
CA GLU C 68 -18.37 -5.39 -27.54
C GLU C 68 -18.71 -6.78 -26.98
N PHE C 69 -17.90 -7.80 -27.29
CA PHE C 69 -18.21 -9.23 -27.04
C PHE C 69 -17.46 -9.75 -25.82
N GLY C 70 -16.43 -9.05 -25.36
CA GLY C 70 -15.61 -9.45 -24.19
C GLY C 70 -14.55 -10.47 -24.59
N TRP C 71 -14.13 -11.29 -23.62
CA TRP C 71 -13.07 -12.33 -23.80
C TRP C 71 -13.57 -13.47 -24.68
N GLU C 72 -12.93 -13.70 -25.83
CA GLU C 72 -13.14 -14.91 -26.67
C GLU C 72 -12.57 -16.12 -25.91
N LYS C 73 -12.77 -17.32 -26.46
CA LYS C 73 -12.26 -18.57 -25.86
C LYS C 73 -10.76 -18.60 -26.06
N PRO C 74 -9.96 -19.06 -25.07
CA PRO C 74 -8.51 -19.11 -25.21
C PRO C 74 -8.07 -20.24 -26.16
N HIS C 75 -6.95 -20.03 -26.86
CA HIS C 75 -6.38 -20.97 -27.86
C HIS C 75 -4.94 -21.31 -27.47
N ILE C 76 -4.62 -22.61 -27.39
CA ILE C 76 -3.22 -23.12 -27.48
C ILE C 76 -3.05 -23.63 -28.91
N LYS C 77 -2.05 -23.11 -29.63
CA LYS C 77 -1.88 -23.36 -31.09
C LYS C 77 -0.41 -23.19 -31.44
N PRO C 78 0.03 -23.56 -32.66
CA PRO C 78 1.44 -23.47 -33.03
C PRO C 78 1.97 -22.04 -32.94
N LEU C 79 3.23 -21.88 -32.52
CA LEU C 79 3.94 -20.57 -32.51
C LEU C 79 3.86 -19.99 -33.93
N GLN C 80 3.31 -18.79 -34.06
CA GLN C 80 3.12 -18.09 -35.35
C GLN C 80 3.27 -16.59 -35.13
N ASN C 81 3.55 -15.85 -36.19
CA ASN C 81 3.50 -14.36 -36.22
C ASN C 81 2.09 -13.93 -35.84
N LEU C 82 1.98 -12.79 -35.16
CA LEU C 82 0.70 -12.08 -34.91
C LEU C 82 0.40 -11.24 -36.16
N SER C 83 -0.82 -11.33 -36.69
CA SER C 83 -1.35 -10.42 -37.73
C SER C 83 -2.03 -9.24 -37.03
N LEU C 84 -1.35 -8.08 -37.00
CA LEU C 84 -1.81 -6.88 -36.25
C LEU C 84 -2.11 -5.75 -37.23
N HIS C 85 -3.27 -5.10 -37.05
CA HIS C 85 -3.61 -3.83 -37.75
C HIS C 85 -2.47 -2.85 -37.46
N PRO C 86 -1.93 -2.15 -38.47
CA PRO C 86 -0.79 -1.26 -38.25
C PRO C 86 -1.06 -0.08 -37.31
N GLY C 87 -2.34 0.17 -36.97
CA GLY C 87 -2.77 1.22 -36.04
C GLY C 87 -2.88 0.73 -34.60
N SER C 88 -2.63 -0.56 -34.36
CA SER C 88 -2.68 -1.21 -33.02
C SER C 88 -1.97 -0.33 -31.99
N SER C 89 -2.66 0.01 -30.89
CA SER C 89 -2.20 0.97 -29.85
C SER C 89 -0.92 0.48 -29.17
N ALA C 90 -0.64 -0.83 -29.19
CA ALA C 90 0.61 -1.42 -28.67
C ALA C 90 1.81 -0.85 -29.43
N LEU C 91 1.65 -0.53 -30.72
CA LEU C 91 2.75 -0.07 -31.62
C LEU C 91 2.92 1.45 -31.56
N HIS C 92 1.86 2.18 -31.19
CA HIS C 92 1.82 3.67 -31.22
C HIS C 92 1.98 4.24 -29.81
N TYR C 93 1.22 3.71 -28.85
CA TYR C 93 1.05 4.30 -27.49
C TYR C 93 1.47 3.30 -26.41
N ALA C 94 2.26 2.28 -26.78
CA ALA C 94 2.86 1.30 -25.85
C ALA C 94 1.80 0.83 -24.84
N VAL C 95 0.57 0.59 -25.31
CA VAL C 95 -0.51 -0.05 -24.51
C VAL C 95 -0.19 -1.53 -24.41
N GLU C 96 0.67 -1.89 -23.46
CA GLU C 96 1.28 -3.24 -23.37
C GLU C 96 1.87 -3.46 -21.98
N LEU C 97 1.88 -4.72 -21.54
CA LEU C 97 2.58 -5.19 -20.33
C LEU C 97 2.99 -6.65 -20.55
N PHE C 98 3.94 -7.13 -19.76
CA PHE C 98 4.44 -8.52 -19.82
C PHE C 98 4.66 -9.03 -18.39
N GLU C 99 4.98 -10.33 -18.31
CA GLU C 99 5.44 -10.98 -17.06
C GLU C 99 6.62 -11.88 -17.41
N GLY C 100 7.37 -12.26 -16.38
CA GLY C 100 8.48 -13.22 -16.44
C GLY C 100 8.40 -14.16 -15.26
N LEU C 101 8.11 -15.43 -15.52
CA LEU C 101 8.19 -16.53 -14.52
C LEU C 101 8.75 -17.77 -15.22
N LYS C 102 9.15 -18.77 -14.46
CA LYS C 102 9.87 -19.97 -14.99
C LYS C 102 9.15 -21.25 -14.56
N ALA C 103 9.27 -22.29 -15.38
CA ALA C 103 9.02 -23.70 -15.03
C ALA C 103 10.38 -24.42 -14.93
N PHE C 104 10.55 -25.25 -13.89
CA PHE C 104 11.82 -25.94 -13.55
C PHE C 104 11.60 -27.46 -13.54
N ARG C 105 12.43 -28.21 -14.27
CA ARG C 105 12.45 -29.70 -14.20
C ARG C 105 13.29 -30.10 -12.98
N GLY C 106 12.64 -30.57 -11.91
CA GLY C 106 13.29 -30.86 -10.62
C GLY C 106 14.15 -32.12 -10.66
N VAL C 107 14.87 -32.38 -9.57
CA VAL C 107 15.77 -33.56 -9.40
C VAL C 107 14.95 -34.86 -9.39
N ASP C 108 13.65 -34.77 -9.08
CA ASP C 108 12.69 -35.91 -9.10
C ASP C 108 11.91 -35.95 -10.42
N ASN C 109 12.36 -35.18 -11.43
CA ASN C 109 11.78 -35.09 -12.80
C ASN C 109 10.34 -34.57 -12.78
N LYS C 110 9.88 -33.98 -11.68
CA LYS C 110 8.58 -33.25 -11.62
C LYS C 110 8.84 -31.80 -12.03
N ILE C 111 7.96 -31.24 -12.86
CA ILE C 111 8.04 -29.83 -13.33
C ILE C 111 7.27 -28.96 -12.32
N ARG C 112 7.89 -27.86 -11.90
CA ARG C 112 7.36 -26.94 -10.87
C ARG C 112 7.33 -25.50 -11.40
N LEU C 113 6.23 -24.79 -11.14
CA LEU C 113 6.14 -23.32 -11.24
C LEU C 113 6.56 -22.73 -9.90
N PHE C 114 7.12 -21.52 -9.90
CA PHE C 114 7.67 -20.85 -8.69
C PHE C 114 6.89 -19.56 -8.44
N GLN C 115 6.09 -19.54 -7.36
CA GLN C 115 5.27 -18.39 -6.91
C GLN C 115 4.51 -17.78 -8.09
N PRO C 116 3.87 -18.58 -8.97
CA PRO C 116 3.23 -18.02 -10.17
C PRO C 116 2.03 -17.11 -9.87
N ASN C 117 1.40 -17.26 -8.69
CA ASN C 117 0.24 -16.44 -8.25
C ASN C 117 0.67 -14.98 -8.06
N LEU C 118 1.92 -14.75 -7.68
CA LEU C 118 2.48 -13.37 -7.51
C LEU C 118 2.62 -12.71 -8.88
N ASN C 119 2.93 -13.48 -9.91
CA ASN C 119 3.05 -12.98 -11.30
C ASN C 119 1.66 -12.60 -11.81
N MET C 120 0.66 -13.45 -11.55
CA MET C 120 -0.76 -13.23 -11.93
C MET C 120 -1.28 -11.97 -11.22
N ASP C 121 -1.04 -11.84 -9.93
CA ASP C 121 -1.39 -10.63 -9.12
C ASP C 121 -0.80 -9.39 -9.78
N ARG C 122 0.49 -9.45 -10.14
CA ARG C 122 1.28 -8.30 -10.65
C ARG C 122 0.84 -7.96 -12.08
N MET C 123 0.48 -8.97 -12.88
CA MET C 123 0.02 -8.79 -14.28
C MET C 123 -1.38 -8.16 -14.27
N TYR C 124 -2.26 -8.60 -13.38
CA TYR C 124 -3.62 -8.04 -13.20
C TYR C 124 -3.49 -6.56 -12.85
N ARG C 125 -2.69 -6.25 -11.82
CA ARG C 125 -2.46 -4.88 -11.31
C ARG C 125 -1.93 -4.00 -12.45
N SER C 126 -1.00 -4.53 -13.25
CA SER C 126 -0.40 -3.85 -14.43
C SER C 126 -1.48 -3.59 -15.49
N ALA C 127 -2.36 -4.56 -15.71
CA ALA C 127 -3.47 -4.48 -16.69
C ALA C 127 -4.39 -3.32 -16.31
N VAL C 128 -4.70 -3.18 -15.03
CA VAL C 128 -5.56 -2.09 -14.48
C VAL C 128 -4.87 -0.74 -14.75
N ARG C 129 -3.56 -0.66 -14.50
CA ARG C 129 -2.77 0.59 -14.64
C ARG C 129 -2.61 0.96 -16.13
N ALA C 130 -2.62 -0.03 -17.04
CA ALA C 130 -2.48 0.15 -18.50
C ALA C 130 -3.83 0.44 -19.15
N THR C 131 -4.92 0.23 -18.41
CA THR C 131 -6.36 0.30 -18.85
C THR C 131 -6.68 -0.83 -19.81
N LEU C 132 -5.88 -1.90 -19.82
CA LEU C 132 -6.21 -3.18 -20.52
C LEU C 132 -7.24 -3.93 -19.68
N PRO C 133 -8.10 -4.75 -20.29
CA PRO C 133 -9.22 -5.38 -19.58
C PRO C 133 -8.75 -6.43 -18.57
N VAL C 134 -9.44 -6.50 -17.43
CA VAL C 134 -9.14 -7.47 -16.35
C VAL C 134 -9.53 -8.87 -16.83
N PHE C 135 -9.05 -9.91 -16.14
CA PHE C 135 -9.25 -11.35 -16.44
C PHE C 135 -9.17 -12.11 -15.11
N ASP C 136 -9.66 -13.35 -15.07
CA ASP C 136 -9.58 -14.19 -13.86
C ASP C 136 -8.16 -14.77 -13.78
N LYS C 137 -7.44 -14.47 -12.69
CA LYS C 137 -6.02 -14.85 -12.49
C LYS C 137 -5.87 -16.38 -12.45
N GLU C 138 -6.81 -17.09 -11.79
CA GLU C 138 -6.83 -18.57 -11.70
C GLU C 138 -6.94 -19.16 -13.11
N GLU C 139 -7.76 -18.56 -13.98
CA GLU C 139 -8.04 -19.07 -15.35
C GLU C 139 -6.79 -18.88 -16.22
N LEU C 140 -6.07 -17.75 -16.09
CA LEU C 140 -4.80 -17.51 -16.83
C LEU C 140 -3.76 -18.55 -16.37
N LEU C 141 -3.56 -18.67 -15.06
CA LEU C 141 -2.56 -19.61 -14.51
C LEU C 141 -2.83 -21.01 -15.08
N GLU C 142 -4.08 -21.46 -15.05
CA GLU C 142 -4.46 -22.83 -15.50
C GLU C 142 -4.21 -22.96 -17.00
N CYS C 143 -4.47 -21.91 -17.79
CA CYS C 143 -4.19 -21.86 -19.25
C CYS C 143 -2.69 -21.99 -19.51
N ILE C 144 -1.87 -21.33 -18.68
CA ILE C 144 -0.38 -21.37 -18.74
C ILE C 144 0.10 -22.78 -18.38
N GLN C 145 -0.50 -23.41 -17.36
CA GLN C 145 -0.17 -24.79 -16.93
C GLN C 145 -0.38 -25.73 -18.13
N GLN C 146 -1.52 -25.61 -18.82
CA GLN C 146 -1.87 -26.48 -19.98
C GLN C 146 -0.86 -26.26 -21.11
N LEU C 147 -0.43 -25.02 -21.34
CA LEU C 147 0.56 -24.64 -22.41
C LEU C 147 1.89 -25.32 -22.10
N VAL C 148 2.39 -25.14 -20.88
CA VAL C 148 3.68 -25.74 -20.40
C VAL C 148 3.55 -27.26 -20.45
N LYS C 149 2.38 -27.80 -20.09
CA LYS C 149 2.15 -29.26 -20.09
C LYS C 149 2.29 -29.80 -21.53
N LEU C 150 1.65 -29.16 -22.51
CA LEU C 150 1.74 -29.56 -23.93
C LEU C 150 3.22 -29.54 -24.36
N ASP C 151 3.95 -28.50 -23.96
CA ASP C 151 5.36 -28.26 -24.39
C ASP C 151 6.33 -28.65 -23.27
N GLN C 152 5.96 -29.61 -22.42
CA GLN C 152 6.70 -29.94 -21.18
C GLN C 152 8.11 -30.45 -21.51
N GLU C 153 8.32 -31.07 -22.67
CA GLU C 153 9.65 -31.60 -23.08
C GLU C 153 10.62 -30.45 -23.37
N TRP C 154 10.12 -29.22 -23.54
CA TRP C 154 10.94 -27.99 -23.75
C TRP C 154 11.54 -27.53 -22.41
N VAL C 155 10.93 -27.89 -21.28
CA VAL C 155 11.53 -27.66 -19.94
C VAL C 155 12.82 -28.47 -19.91
N PRO C 156 14.00 -27.81 -19.93
CA PRO C 156 15.26 -28.52 -20.20
C PRO C 156 15.54 -29.66 -19.21
N TYR C 157 16.14 -30.75 -19.70
CA TYR C 157 16.67 -31.86 -18.87
C TYR C 157 18.05 -31.43 -18.37
N SER C 158 18.04 -30.52 -17.39
CA SER C 158 19.22 -29.82 -16.83
C SER C 158 18.82 -29.13 -15.54
N THR C 159 19.65 -29.25 -14.50
CA THR C 159 19.43 -28.70 -13.13
C THR C 159 19.90 -27.24 -13.08
N SER C 160 20.47 -26.72 -14.18
CA SER C 160 20.99 -25.34 -14.31
C SER C 160 20.22 -24.55 -15.39
N ALA C 161 19.17 -25.12 -15.97
CA ALA C 161 18.36 -24.51 -17.06
C ALA C 161 16.87 -24.59 -16.71
N SER C 162 16.06 -23.81 -17.42
CA SER C 162 14.61 -23.60 -17.11
C SER C 162 13.85 -23.23 -18.39
N LEU C 163 12.53 -23.30 -18.33
CA LEU C 163 11.62 -22.76 -19.37
C LEU C 163 11.14 -21.38 -18.91
N TYR C 164 11.53 -20.32 -19.64
CA TYR C 164 11.03 -18.95 -19.41
C TYR C 164 9.61 -18.85 -19.99
N ILE C 165 8.68 -18.36 -19.17
CA ILE C 165 7.24 -18.15 -19.52
C ILE C 165 7.00 -16.65 -19.65
N ARG C 166 6.62 -16.18 -20.83
CA ARG C 166 6.44 -14.74 -21.17
C ARG C 166 4.98 -14.48 -21.48
N PRO C 167 4.10 -14.28 -20.47
CA PRO C 167 2.77 -13.75 -20.70
C PRO C 167 2.91 -12.30 -21.19
N THR C 168 2.14 -11.93 -22.22
CA THR C 168 2.17 -10.60 -22.87
C THR C 168 0.73 -10.17 -23.14
N PHE C 169 0.43 -8.90 -22.88
CA PHE C 169 -0.91 -8.29 -22.98
C PHE C 169 -0.77 -6.98 -23.77
N ILE C 170 -1.32 -6.93 -24.99
CA ILE C 170 -1.13 -5.79 -25.94
C ILE C 170 -2.49 -5.26 -26.38
N GLY C 171 -2.61 -3.93 -26.51
CA GLY C 171 -3.78 -3.28 -27.12
C GLY C 171 -3.72 -3.40 -28.64
N THR C 172 -4.80 -3.87 -29.27
CA THR C 172 -4.88 -4.10 -30.73
C THR C 172 -5.98 -3.21 -31.33
N GLU C 173 -6.36 -2.14 -30.61
CA GLU C 173 -7.25 -1.05 -31.07
C GLU C 173 -6.74 -0.53 -32.41
N PRO C 174 -7.49 -0.70 -33.53
CA PRO C 174 -7.00 -0.28 -34.84
C PRO C 174 -7.13 1.22 -35.15
N SER C 175 -7.32 2.06 -34.14
CA SER C 175 -7.46 3.53 -34.28
C SER C 175 -6.29 4.26 -33.62
N LEU C 176 -5.94 5.45 -34.15
CA LEU C 176 -4.83 6.29 -33.66
C LEU C 176 -5.33 7.18 -32.52
N GLY C 177 -6.62 7.08 -32.17
CA GLY C 177 -7.21 7.73 -31.00
C GLY C 177 -6.55 7.27 -29.72
N VAL C 178 -6.05 8.22 -28.92
CA VAL C 178 -5.41 7.96 -27.59
C VAL C 178 -6.52 7.76 -26.55
N LYS C 179 -6.91 6.51 -26.29
CA LYS C 179 -7.96 6.16 -25.29
C LYS C 179 -7.86 4.68 -24.90
N LYS C 180 -8.63 4.29 -23.88
CA LYS C 180 -8.84 2.89 -23.44
C LYS C 180 -9.06 2.02 -24.68
N PRO C 181 -8.26 0.94 -24.88
CA PRO C 181 -8.43 0.09 -26.05
C PRO C 181 -9.75 -0.71 -26.00
N THR C 182 -10.41 -0.85 -27.14
CA THR C 182 -11.67 -1.63 -27.32
C THR C 182 -11.36 -3.02 -27.87
N LYS C 183 -10.06 -3.32 -28.07
CA LYS C 183 -9.56 -4.63 -28.58
C LYS C 183 -8.21 -4.90 -27.94
N ALA C 184 -7.95 -6.15 -27.56
CA ALA C 184 -6.69 -6.58 -26.90
C ALA C 184 -6.37 -8.04 -27.25
N LEU C 185 -5.08 -8.37 -27.20
CA LEU C 185 -4.53 -9.74 -27.33
C LEU C 185 -3.72 -10.03 -26.06
N LEU C 186 -4.06 -11.12 -25.36
CA LEU C 186 -3.21 -11.71 -24.29
C LEU C 186 -2.64 -13.01 -24.85
N PHE C 187 -1.32 -13.12 -24.94
CA PHE C 187 -0.62 -14.30 -25.48
C PHE C 187 0.54 -14.67 -24.56
N VAL C 188 0.91 -15.95 -24.55
CA VAL C 188 2.04 -16.48 -23.74
C VAL C 188 3.02 -17.20 -24.65
N LEU C 189 4.31 -16.91 -24.47
CA LEU C 189 5.42 -17.58 -25.17
C LEU C 189 6.25 -18.36 -24.15
N LEU C 190 6.77 -19.51 -24.58
CA LEU C 190 7.72 -20.34 -23.80
C LEU C 190 9.06 -20.31 -24.54
N SER C 191 10.13 -20.04 -23.80
CA SER C 191 11.52 -19.93 -24.30
C SER C 191 12.44 -20.66 -23.34
N PRO C 192 13.07 -21.78 -23.76
CA PRO C 192 14.07 -22.45 -22.92
C PRO C 192 15.28 -21.52 -22.77
N VAL C 193 15.75 -21.35 -21.53
CA VAL C 193 16.91 -20.47 -21.21
C VAL C 193 17.91 -21.30 -20.41
N GLY C 194 19.20 -21.10 -20.69
CA GLY C 194 20.31 -21.76 -19.98
C GLY C 194 20.66 -21.01 -18.70
N PRO C 195 21.79 -21.36 -18.04
CA PRO C 195 22.26 -20.59 -16.89
C PRO C 195 22.56 -19.12 -17.27
N TYR C 196 22.40 -18.19 -16.33
CA TYR C 196 23.00 -16.83 -16.37
C TYR C 196 24.47 -16.99 -15.95
N PHE C 197 25.22 -17.72 -16.78
CA PHE C 197 26.49 -18.43 -16.48
C PHE C 197 26.89 -18.20 -15.03
N GLY C 200 33.15 -22.83 -13.25
CA GLY C 200 31.84 -23.15 -12.66
C GLY C 200 31.48 -22.21 -11.51
N THR C 201 31.67 -20.89 -11.73
CA THR C 201 31.42 -19.80 -10.75
C THR C 201 30.37 -18.84 -11.32
N PHE C 202 29.86 -17.95 -10.46
CA PHE C 202 29.30 -16.61 -10.81
C PHE C 202 30.19 -15.84 -11.80
N ASN C 203 29.54 -15.10 -12.71
CA ASN C 203 30.19 -14.10 -13.59
C ASN C 203 29.71 -12.71 -13.16
N PRO C 204 30.51 -11.94 -12.40
CA PRO C 204 30.03 -10.67 -11.83
C PRO C 204 29.83 -9.61 -12.91
N VAL C 205 28.78 -8.80 -12.79
CA VAL C 205 28.44 -7.71 -13.75
C VAL C 205 29.16 -6.42 -13.34
N SER C 206 29.56 -5.63 -14.33
CA SER C 206 29.96 -4.21 -14.17
C SER C 206 28.75 -3.33 -14.51
N LEU C 207 28.43 -2.35 -13.66
CA LEU C 207 27.25 -1.47 -13.82
C LEU C 207 27.70 -0.10 -14.35
N TRP C 208 26.94 0.45 -15.30
CA TRP C 208 27.07 1.84 -15.80
C TRP C 208 26.14 2.75 -14.98
N ALA C 209 26.71 3.66 -14.19
CA ALA C 209 25.99 4.62 -13.33
C ALA C 209 26.16 6.04 -13.90
N ASN C 210 25.13 6.51 -14.61
CA ASN C 210 25.05 7.87 -15.20
C ASN C 210 23.71 8.49 -14.76
N PRO C 211 23.72 9.45 -13.81
CA PRO C 211 22.47 9.98 -13.25
C PRO C 211 21.68 10.85 -14.24
N LYS C 212 22.23 11.09 -15.44
CA LYS C 212 21.56 11.83 -16.55
C LYS C 212 20.24 11.13 -16.89
N TYR C 213 20.20 9.79 -16.80
CA TYR C 213 19.02 8.94 -17.16
C TYR C 213 18.32 8.48 -15.88
N VAL C 214 16.99 8.46 -15.91
CA VAL C 214 16.12 8.05 -14.78
C VAL C 214 15.11 7.02 -15.30
N ARG C 215 15.08 5.85 -14.69
CA ARG C 215 14.24 4.68 -15.09
C ARG C 215 12.77 5.00 -14.83
N ALA C 216 12.48 5.52 -13.64
CA ALA C 216 11.11 5.71 -13.12
C ALA C 216 11.08 6.89 -12.14
N TRP C 217 9.90 7.49 -11.96
CA TRP C 217 9.65 8.70 -11.13
C TRP C 217 8.38 8.48 -10.30
N LYS C 218 8.26 9.20 -9.19
CA LYS C 218 7.02 9.24 -8.36
C LYS C 218 5.88 9.73 -9.26
N GLY C 219 4.80 8.96 -9.35
CA GLY C 219 3.65 9.26 -10.22
C GLY C 219 3.73 8.57 -11.57
N GLY C 220 4.82 7.82 -11.80
CA GLY C 220 5.04 7.03 -13.03
C GLY C 220 4.49 5.62 -12.89
N THR C 221 5.00 4.68 -13.69
CA THR C 221 4.56 3.26 -13.78
C THR C 221 5.76 2.34 -13.49
N GLY C 222 6.81 2.84 -12.86
CA GLY C 222 8.03 2.08 -12.51
C GLY C 222 7.73 0.83 -11.69
N ASP C 223 6.64 0.85 -10.90
CA ASP C 223 6.25 -0.29 -10.02
C ASP C 223 5.32 -1.25 -10.76
N CYS C 224 5.16 -1.09 -12.08
CA CYS C 224 4.42 -2.00 -12.98
C CYS C 224 5.37 -2.52 -14.06
N LYS C 225 5.10 -3.71 -14.60
CA LYS C 225 5.92 -4.32 -15.68
C LYS C 225 5.24 -3.97 -17.01
N MET C 226 5.20 -2.67 -17.32
CA MET C 226 4.59 -2.10 -18.55
C MET C 226 5.71 -1.72 -19.52
N GLY C 227 5.53 -2.04 -20.82
CA GLY C 227 6.59 -1.95 -21.84
C GLY C 227 7.25 -0.59 -21.90
N GLY C 228 6.49 0.48 -21.63
CA GLY C 228 6.95 1.88 -21.65
C GLY C 228 8.20 2.09 -20.80
N ASN C 229 8.29 1.41 -19.66
CA ASN C 229 9.40 1.54 -18.67
C ASN C 229 10.72 1.06 -19.29
N TYR C 230 10.68 0.23 -20.33
CA TYR C 230 11.86 -0.48 -20.89
C TYR C 230 12.33 0.21 -22.18
N GLY C 231 11.40 0.67 -23.02
CA GLY C 231 11.69 1.50 -24.21
C GLY C 231 12.57 2.68 -23.87
N SER C 232 12.27 3.39 -22.78
CA SER C 232 13.00 4.59 -22.28
C SER C 232 14.37 4.19 -21.70
N SER C 233 14.50 2.97 -21.18
CA SER C 233 15.70 2.45 -20.48
C SER C 233 16.80 2.08 -21.49
N LEU C 234 16.44 1.90 -22.76
CA LEU C 234 17.24 1.14 -23.75
C LEU C 234 18.49 1.92 -24.14
N PHE C 235 18.43 3.26 -24.18
CA PHE C 235 19.56 4.14 -24.55
C PHE C 235 20.70 3.96 -23.55
N ALA C 236 20.38 4.04 -22.26
CA ALA C 236 21.35 3.90 -21.14
C ALA C 236 21.96 2.50 -21.17
N GLN C 237 21.17 1.48 -21.48
CA GLN C 237 21.61 0.06 -21.58
C GLN C 237 22.67 -0.07 -22.68
N CYS C 238 22.46 0.53 -23.86
CA CYS C 238 23.41 0.50 -25.00
C CYS C 238 24.67 1.29 -24.66
N GLU C 239 24.51 2.41 -23.95
CA GLU C 239 25.63 3.26 -23.49
C GLU C 239 26.48 2.48 -22.48
N ALA C 240 25.83 1.64 -21.66
CA ALA C 240 26.50 0.73 -20.69
C ALA C 240 27.35 -0.29 -21.45
N VAL C 241 26.72 -1.04 -22.37
CA VAL C 241 27.38 -2.10 -23.20
C VAL C 241 28.61 -1.50 -23.91
N ASP C 242 28.51 -0.27 -24.39
CA ASP C 242 29.60 0.46 -25.08
C ASP C 242 30.83 0.52 -24.16
N ASN C 243 30.61 0.78 -22.87
CA ASN C 243 31.68 1.00 -21.85
C ASN C 243 31.92 -0.29 -21.06
N GLY C 244 31.63 -1.46 -21.66
CA GLY C 244 32.01 -2.79 -21.15
C GLY C 244 31.18 -3.23 -19.95
N CYS C 245 30.05 -2.57 -19.69
CA CYS C 245 29.11 -2.89 -18.58
C CYS C 245 27.95 -3.74 -19.12
N GLN C 246 27.38 -4.61 -18.30
CA GLN C 246 26.30 -5.56 -18.69
C GLN C 246 24.94 -4.96 -18.32
N GLN C 247 24.88 -4.13 -17.28
CA GLN C 247 23.63 -3.56 -16.72
C GLN C 247 23.86 -2.08 -16.37
N VAL C 248 22.77 -1.35 -16.17
CA VAL C 248 22.73 0.06 -15.73
C VAL C 248 22.39 0.07 -14.23
N LEU C 249 23.12 0.85 -13.43
CA LEU C 249 22.72 1.19 -12.04
C LEU C 249 21.82 2.43 -12.11
N TRP C 250 20.52 2.25 -11.88
CA TRP C 250 19.50 3.32 -12.01
C TRP C 250 19.56 4.22 -10.79
N LEU C 251 20.00 5.48 -10.98
CA LEU C 251 20.09 6.51 -9.92
C LEU C 251 18.85 7.39 -9.97
N TYR C 252 18.39 7.89 -8.82
CA TYR C 252 17.19 8.74 -8.66
C TYR C 252 17.38 9.81 -7.59
N GLY C 253 17.02 11.05 -7.90
CA GLY C 253 16.93 12.15 -6.92
C GLY C 253 18.22 12.95 -6.85
N GLU C 254 18.16 14.11 -6.16
CA GLU C 254 19.33 15.01 -5.95
C GLU C 254 20.46 14.24 -5.29
N ASP C 255 20.13 13.31 -4.37
CA ASP C 255 21.10 12.59 -3.51
C ASP C 255 21.52 11.25 -4.15
N HIS C 256 21.16 11.01 -5.42
CA HIS C 256 21.63 9.85 -6.23
C HIS C 256 21.34 8.53 -5.50
N GLN C 257 20.08 8.27 -5.18
CA GLN C 257 19.62 6.96 -4.63
C GLN C 257 19.91 5.86 -5.65
N ILE C 258 20.55 4.77 -5.22
CA ILE C 258 20.67 3.51 -6.02
C ILE C 258 19.37 2.72 -5.82
N THR C 259 18.66 2.43 -6.91
CA THR C 259 17.25 1.94 -6.92
C THR C 259 17.18 0.49 -7.43
N GLU C 260 17.64 0.27 -8.66
CA GLU C 260 17.61 -1.06 -9.32
C GLU C 260 18.91 -1.25 -10.08
N VAL C 261 19.36 -2.49 -10.23
CA VAL C 261 20.52 -2.84 -11.10
C VAL C 261 19.94 -3.41 -12.40
N GLY C 262 19.75 -2.53 -13.39
CA GLY C 262 19.21 -2.85 -14.71
C GLY C 262 17.78 -3.34 -14.61
N THR C 263 17.57 -4.61 -14.94
CA THR C 263 16.26 -5.30 -15.00
C THR C 263 16.02 -6.05 -13.68
N MET C 264 16.80 -5.76 -12.63
CA MET C 264 16.83 -6.53 -11.37
C MET C 264 16.71 -5.57 -10.18
N ASN C 265 16.15 -6.05 -9.06
CA ASN C 265 16.11 -5.31 -7.79
C ASN C 265 17.54 -5.31 -7.22
N LEU C 266 17.87 -4.28 -6.44
N LEU C 266 17.88 -4.28 -6.43
CA LEU C 266 19.25 -4.02 -5.90
CA LEU C 266 19.24 -4.02 -5.91
C LEU C 266 19.32 -4.42 -4.43
C LEU C 266 19.32 -4.42 -4.43
N PHE C 267 20.25 -5.31 -4.10
CA PHE C 267 20.55 -5.75 -2.70
C PHE C 267 21.98 -5.34 -2.35
N LEU C 268 22.17 -4.81 -1.15
CA LEU C 268 23.49 -4.44 -0.58
C LEU C 268 23.64 -5.14 0.77
N TYR C 269 24.67 -5.97 0.91
CA TYR C 269 25.04 -6.67 2.16
C TYR C 269 26.29 -5.97 2.72
N TRP C 270 26.14 -5.34 3.89
CA TRP C 270 27.15 -4.38 4.42
C TRP C 270 27.00 -4.19 5.94
N ILE C 271 28.01 -3.54 6.54
CA ILE C 271 27.92 -2.94 7.90
C ILE C 271 27.33 -1.55 7.74
N ASN C 272 26.18 -1.26 8.30
CA ASN C 272 25.57 0.02 8.12
C ASN C 272 26.15 1.09 9.03
N GLU C 273 25.53 2.26 9.10
CA GLU C 273 26.14 3.44 9.77
C GLU C 273 26.18 3.25 11.29
N ASP C 274 25.25 2.44 11.83
CA ASP C 274 25.14 2.10 13.28
C ASP C 274 26.11 0.98 13.65
N GLY C 275 26.82 0.37 12.68
CA GLY C 275 27.81 -0.69 12.90
C GLY C 275 27.20 -2.10 12.94
N GLU C 276 25.88 -2.21 12.74
CA GLU C 276 25.16 -3.50 12.57
C GLU C 276 25.40 -4.07 11.16
N GLU C 277 25.53 -5.39 11.06
CA GLU C 277 25.54 -6.17 9.80
C GLU C 277 24.13 -6.11 9.19
N GLU C 278 24.01 -5.77 7.90
CA GLU C 278 22.69 -5.42 7.28
C GLU C 278 22.58 -5.94 5.84
N LEU C 279 21.44 -6.53 5.51
CA LEU C 279 20.94 -6.71 4.11
C LEU C 279 19.92 -5.61 3.81
N ALA C 280 20.27 -4.68 2.92
CA ALA C 280 19.46 -3.49 2.57
C ALA C 280 19.00 -3.59 1.11
N THR C 281 17.76 -3.13 0.85
CA THR C 281 17.16 -3.01 -0.51
C THR C 281 16.25 -1.79 -0.54
N PRO C 282 16.22 -1.01 -1.65
CA PRO C 282 15.33 0.14 -1.73
C PRO C 282 13.87 -0.23 -1.50
N PRO C 283 13.08 0.62 -0.81
CA PRO C 283 11.70 0.31 -0.48
C PRO C 283 10.75 0.54 -1.67
N LEU C 284 9.58 -0.12 -1.63
CA LEU C 284 8.53 -0.05 -2.68
C LEU C 284 7.76 1.26 -2.53
N ASP C 285 8.40 2.38 -2.91
CA ASP C 285 7.81 3.74 -2.78
C ASP C 285 7.34 4.25 -4.15
N GLY C 286 7.20 3.36 -5.16
CA GLY C 286 6.63 3.71 -6.48
C GLY C 286 7.63 3.64 -7.63
N ILE C 287 8.93 3.77 -7.36
CA ILE C 287 9.98 3.77 -8.42
C ILE C 287 10.69 2.40 -8.47
N ILE C 288 10.22 1.42 -7.69
CA ILE C 288 10.81 0.05 -7.60
C ILE C 288 9.78 -0.97 -8.07
N LEU C 289 10.16 -1.82 -9.02
CA LEU C 289 9.35 -2.99 -9.46
C LEU C 289 9.34 -4.02 -8.34
N PRO C 290 8.17 -4.32 -7.73
CA PRO C 290 8.12 -5.28 -6.63
C PRO C 290 8.39 -6.70 -7.17
N GLY C 291 9.67 -7.07 -7.25
CA GLY C 291 10.14 -8.35 -7.81
C GLY C 291 9.71 -9.52 -6.95
N VAL C 292 9.44 -10.66 -7.58
CA VAL C 292 9.14 -11.94 -6.86
C VAL C 292 10.41 -12.39 -6.13
N THR C 293 11.56 -12.40 -6.83
CA THR C 293 12.87 -12.80 -6.24
C THR C 293 13.16 -11.91 -5.02
N ARG C 294 12.96 -10.60 -5.16
CA ARG C 294 13.15 -9.59 -4.08
C ARG C 294 12.33 -9.99 -2.84
N ARG C 295 11.04 -10.31 -3.02
CA ARG C 295 10.11 -10.76 -1.96
C ARG C 295 10.69 -12.01 -1.26
N CYS C 296 11.05 -13.03 -2.04
CA CYS C 296 11.58 -14.33 -1.55
C CYS C 296 12.87 -14.11 -0.75
N ILE C 297 13.78 -13.26 -1.24
CA ILE C 297 15.09 -12.99 -0.57
C ILE C 297 14.83 -12.31 0.78
N LEU C 298 13.94 -11.31 0.82
CA LEU C 298 13.58 -10.61 2.09
C LEU C 298 12.95 -11.63 3.05
N ASP C 299 12.05 -12.49 2.55
CA ASP C 299 11.35 -13.52 3.37
C ASP C 299 12.40 -14.45 4.02
N LEU C 300 13.37 -14.91 3.22
CA LEU C 300 14.45 -15.84 3.68
C LEU C 300 15.31 -15.15 4.74
N ALA C 301 15.80 -13.95 4.45
CA ALA C 301 16.70 -13.17 5.34
C ALA C 301 16.02 -12.92 6.69
N HIS C 302 14.76 -12.49 6.67
CA HIS C 302 13.89 -12.33 7.88
C HIS C 302 13.88 -13.67 8.65
N GLN C 303 13.54 -14.77 7.97
CA GLN C 303 13.36 -16.11 8.56
C GLN C 303 14.66 -16.55 9.27
N TRP C 304 15.82 -16.37 8.61
CA TRP C 304 17.15 -16.78 9.13
C TRP C 304 17.48 -15.99 10.41
N GLY C 305 17.15 -14.70 10.41
CA GLY C 305 17.28 -13.80 11.58
C GLY C 305 18.71 -13.71 12.09
N GLU C 306 19.69 -13.72 11.18
CA GLU C 306 21.15 -13.71 11.48
C GLU C 306 21.73 -12.30 11.33
N PHE C 307 21.02 -11.41 10.65
CA PHE C 307 21.44 -9.99 10.41
C PHE C 307 20.20 -9.12 10.20
N LYS C 308 20.37 -7.81 10.32
CA LYS C 308 19.31 -6.80 10.11
C LYS C 308 18.88 -6.83 8.63
N VAL C 309 17.58 -6.85 8.38
CA VAL C 309 16.96 -6.76 7.03
C VAL C 309 16.18 -5.45 6.96
N SER C 310 16.62 -4.52 6.10
CA SER C 310 16.11 -3.13 6.00
C SER C 310 15.70 -2.83 4.57
N GLU C 311 14.40 -2.63 4.34
CA GLU C 311 13.89 -1.90 3.16
C GLU C 311 14.09 -0.41 3.44
N ARG C 312 15.08 0.22 2.79
CA ARG C 312 15.56 1.58 3.14
C ARG C 312 16.33 2.18 1.96
N TYR C 313 16.39 3.51 1.89
CA TYR C 313 17.07 4.27 0.81
C TYR C 313 18.58 4.09 0.92
N LEU C 314 19.23 3.85 -0.22
CA LEU C 314 20.69 3.74 -0.38
C LEU C 314 21.13 4.76 -1.42
N THR C 315 22.10 5.61 -1.09
CA THR C 315 22.69 6.64 -1.99
C THR C 315 24.10 6.20 -2.41
N MET C 316 24.60 6.75 -3.52
CA MET C 316 26.01 6.52 -3.96
C MET C 316 26.97 7.00 -2.86
N ASP C 317 26.62 8.06 -2.14
CA ASP C 317 27.45 8.62 -1.03
CA ASP C 317 27.45 8.62 -1.03
C ASP C 317 27.51 7.59 0.11
N ASP C 318 26.35 7.02 0.48
CA ASP C 318 26.25 5.94 1.50
C ASP C 318 27.23 4.81 1.11
N LEU C 319 27.21 4.42 -0.17
CA LEU C 319 27.96 3.27 -0.72
C LEU C 319 29.47 3.56 -0.71
N THR C 320 29.89 4.71 -1.24
CA THR C 320 31.32 5.11 -1.35
C THR C 320 31.92 5.31 0.05
N THR C 321 31.16 5.91 0.97
CA THR C 321 31.56 6.13 2.40
C THR C 321 31.85 4.77 3.04
N ALA C 322 31.00 3.77 2.76
CA ALA C 322 31.11 2.39 3.30
C ALA C 322 32.29 1.65 2.66
N LEU C 323 32.57 1.90 1.37
CA LEU C 323 33.64 1.20 0.62
C LEU C 323 35.01 1.59 1.15
N GLU C 324 35.26 2.89 1.36
CA GLU C 324 36.55 3.41 1.88
C GLU C 324 36.71 2.99 3.35
N GLY C 325 35.60 2.67 4.04
CA GLY C 325 35.59 2.14 5.42
C GLY C 325 35.55 0.62 5.50
N ASN C 326 35.67 -0.07 4.34
CA ASN C 326 35.67 -1.56 4.23
C ASN C 326 34.43 -2.16 4.90
N ARG C 327 33.27 -1.50 4.76
CA ARG C 327 32.00 -1.92 5.40
C ARG C 327 31.12 -2.70 4.41
N VAL C 328 31.44 -2.66 3.11
CA VAL C 328 30.67 -3.35 2.04
C VAL C 328 31.19 -4.79 1.91
N ARG C 329 30.30 -5.77 2.05
CA ARG C 329 30.60 -7.21 1.90
C ARG C 329 30.24 -7.64 0.47
N GLU C 330 28.95 -7.56 0.12
CA GLU C 330 28.43 -8.01 -1.21
C GLU C 330 27.35 -7.03 -1.71
N MET C 331 27.30 -6.85 -3.03
CA MET C 331 26.16 -6.23 -3.74
C MET C 331 25.73 -7.19 -4.85
N PHE C 332 24.43 -7.37 -5.05
CA PHE C 332 23.87 -8.24 -6.13
C PHE C 332 22.49 -7.75 -6.58
N GLY C 333 22.17 -8.03 -7.84
CA GLY C 333 20.82 -7.88 -8.40
C GLY C 333 20.03 -9.16 -8.27
N SER C 334 18.70 -9.05 -8.11
CA SER C 334 17.75 -10.18 -8.03
C SER C 334 16.71 -10.04 -9.14
N GLY C 335 16.25 -11.16 -9.69
CA GLY C 335 15.28 -11.19 -10.79
C GLY C 335 15.11 -12.60 -11.32
N THR C 336 14.02 -12.85 -12.04
CA THR C 336 13.66 -14.20 -12.57
C THR C 336 14.79 -14.72 -13.48
N ALA C 337 15.42 -13.85 -14.26
CA ALA C 337 16.40 -14.21 -15.31
C ALA C 337 17.72 -14.68 -14.67
N CYS C 338 18.23 -13.95 -13.67
CA CYS C 338 19.55 -14.23 -13.04
C CYS C 338 19.42 -14.89 -11.66
N VAL C 339 18.34 -14.61 -10.92
CA VAL C 339 18.09 -15.03 -9.51
C VAL C 339 19.00 -14.20 -8.59
N VAL C 340 20.32 -14.41 -8.64
CA VAL C 340 21.35 -13.62 -7.90
C VAL C 340 22.49 -13.28 -8.87
N CYS C 341 22.69 -12.00 -9.17
CA CYS C 341 23.74 -11.47 -10.07
C CYS C 341 24.71 -10.61 -9.27
N PRO C 342 25.86 -11.16 -8.80
CA PRO C 342 26.85 -10.38 -8.07
C PRO C 342 27.34 -9.19 -8.89
N VAL C 343 27.64 -8.08 -8.20
CA VAL C 343 28.21 -6.83 -8.78
C VAL C 343 29.66 -6.69 -8.30
N SER C 344 30.61 -6.60 -9.22
CA SER C 344 32.06 -6.40 -8.93
C SER C 344 32.45 -4.94 -9.08
N ASP C 345 31.84 -4.21 -10.02
CA ASP C 345 32.34 -2.86 -10.45
C ASP C 345 31.18 -1.93 -10.83
N ILE C 346 31.33 -0.64 -10.50
CA ILE C 346 30.39 0.46 -10.87
C ILE C 346 31.21 1.59 -11.51
N LEU C 347 30.90 1.96 -12.74
CA LEU C 347 31.52 3.10 -13.47
C LEU C 347 30.66 4.35 -13.23
N TYR C 348 31.20 5.34 -12.53
CA TYR C 348 30.47 6.53 -11.99
C TYR C 348 31.43 7.73 -11.92
N LYS C 349 31.05 8.87 -12.50
CA LYS C 349 31.89 10.08 -12.61
C LYS C 349 33.24 9.70 -13.24
N GLY C 350 33.23 8.88 -14.29
CA GLY C 350 34.41 8.57 -15.12
C GLY C 350 35.36 7.55 -14.49
N GLU C 351 35.27 7.29 -13.18
CA GLU C 351 36.18 6.36 -12.47
C GLU C 351 35.48 5.00 -12.29
N THR C 352 36.25 3.94 -12.00
CA THR C 352 35.76 2.55 -11.79
C THR C 352 35.81 2.22 -10.30
N ILE C 353 34.68 2.33 -9.61
CA ILE C 353 34.49 1.92 -8.18
C ILE C 353 34.34 0.39 -8.14
N HIS C 354 35.32 -0.32 -7.56
CA HIS C 354 35.27 -1.78 -7.37
C HIS C 354 34.43 -2.11 -6.12
N ILE C 355 33.61 -3.16 -6.22
CA ILE C 355 32.78 -3.72 -5.11
C ILE C 355 33.36 -5.08 -4.77
N PRO C 356 33.69 -5.36 -3.48
CA PRO C 356 34.43 -6.56 -3.12
C PRO C 356 33.57 -7.82 -2.96
N THR C 357 32.48 -7.92 -3.75
CA THR C 357 31.49 -9.01 -3.66
C THR C 357 32.18 -10.37 -3.83
N MET C 358 33.00 -10.52 -4.87
CA MET C 358 33.67 -11.80 -5.23
C MET C 358 34.82 -12.11 -4.25
N GLU C 359 35.40 -11.09 -3.61
CA GLU C 359 36.47 -11.26 -2.59
C GLU C 359 35.87 -11.65 -1.23
N ASN C 360 34.55 -11.57 -1.06
CA ASN C 360 33.83 -11.95 0.18
C ASN C 360 33.00 -13.23 -0.05
N GLY C 361 33.37 -14.04 -1.04
CA GLY C 361 32.79 -15.37 -1.31
C GLY C 361 32.36 -15.53 -2.77
N PRO C 362 31.19 -14.99 -3.17
CA PRO C 362 30.34 -14.20 -2.29
C PRO C 362 29.45 -15.07 -1.37
N LYS C 363 29.60 -14.91 -0.06
CA LYS C 363 29.00 -15.80 0.97
C LYS C 363 27.47 -15.78 0.86
N LEU C 364 26.85 -14.61 1.07
CA LEU C 364 25.37 -14.46 1.16
C LEU C 364 24.73 -14.75 -0.19
N ALA C 365 25.25 -14.14 -1.26
CA ALA C 365 24.81 -14.36 -2.66
C ALA C 365 24.75 -15.86 -2.97
N SER C 366 25.81 -16.60 -2.63
CA SER C 366 25.91 -18.06 -2.91
C SER C 366 24.83 -18.81 -2.12
N ARG C 367 24.61 -18.41 -0.87
CA ARG C 367 23.63 -19.05 0.04
C ARG C 367 22.20 -18.85 -0.48
N ILE C 368 21.89 -17.64 -0.95
CA ILE C 368 20.56 -17.25 -1.49
C ILE C 368 20.32 -18.06 -2.78
N LEU C 369 21.29 -18.05 -3.69
CA LEU C 369 21.18 -18.76 -4.99
C LEU C 369 20.88 -20.23 -4.71
N SER C 370 21.64 -20.85 -3.80
CA SER C 370 21.50 -22.28 -3.41
C SER C 370 20.12 -22.53 -2.79
N LYS C 371 19.63 -21.62 -1.93
CA LYS C 371 18.32 -21.78 -1.26
C LYS C 371 17.20 -21.73 -2.30
N LEU C 372 17.20 -20.69 -3.15
CA LEU C 372 16.18 -20.51 -4.21
C LEU C 372 16.25 -21.67 -5.21
N THR C 373 17.46 -22.04 -5.64
CA THR C 373 17.71 -23.15 -6.60
C THR C 373 17.17 -24.46 -6.01
N ASP C 374 17.52 -24.77 -4.75
CA ASP C 374 17.05 -25.99 -4.05
C ASP C 374 15.52 -26.04 -4.12
N ILE C 375 14.85 -24.92 -3.87
CA ILE C 375 13.36 -24.85 -3.82
C ILE C 375 12.81 -25.06 -5.23
N GLN C 376 13.39 -24.39 -6.23
CA GLN C 376 12.88 -24.37 -7.64
C GLN C 376 12.96 -25.79 -8.24
N TYR C 377 14.05 -26.51 -7.97
CA TYR C 377 14.34 -27.83 -8.58
C TYR C 377 13.93 -28.96 -7.62
N GLY C 378 13.18 -28.65 -6.56
CA GLY C 378 12.52 -29.65 -5.70
C GLY C 378 13.47 -30.39 -4.77
N ARG C 379 14.65 -29.83 -4.47
CA ARG C 379 15.64 -30.43 -3.53
C ARG C 379 15.15 -30.29 -2.09
N GLU C 380 14.34 -29.26 -1.77
CA GLU C 380 13.56 -29.18 -0.51
C GLU C 380 12.12 -28.74 -0.83
N GLU C 381 11.15 -29.17 -0.03
CA GLU C 381 9.72 -28.85 -0.24
C GLU C 381 9.49 -27.40 0.18
N ARG C 382 8.52 -26.72 -0.46
CA ARG C 382 8.14 -25.30 -0.17
C ARG C 382 6.71 -25.05 -0.65
N ASP C 383 6.02 -24.13 0.04
CA ASP C 383 4.70 -23.58 -0.37
C ASP C 383 4.86 -22.78 -1.66
N TRP C 384 6.08 -22.30 -1.94
CA TRP C 384 6.43 -21.43 -3.09
C TRP C 384 6.34 -22.19 -4.42
N THR C 385 6.36 -23.53 -4.40
CA THR C 385 6.34 -24.37 -5.62
C THR C 385 4.98 -25.06 -5.80
N ILE C 386 4.56 -25.19 -7.06
CA ILE C 386 3.37 -25.97 -7.52
C ILE C 386 3.87 -26.92 -8.60
N VAL C 387 3.61 -28.22 -8.45
CA VAL C 387 3.84 -29.26 -9.50
C VAL C 387 2.82 -29.03 -10.60
N LEU C 388 3.23 -29.18 -11.87
CA LEU C 388 2.37 -29.02 -13.08
C LEU C 388 1.11 -29.89 -12.97
N SER C 389 -0.06 -29.31 -13.28
CA SER C 389 -1.38 -29.98 -13.43
C SER C 389 -1.25 -31.21 -14.33
N VAL D 25 24.26 -0.19 -45.37
CA VAL D 25 23.52 0.89 -46.13
C VAL D 25 22.86 1.81 -45.09
N GLY D 26 23.36 3.06 -45.01
CA GLY D 26 23.02 4.05 -43.98
C GLY D 26 21.56 4.50 -44.02
N THR D 27 20.90 4.43 -45.19
CA THR D 27 19.50 4.88 -45.37
C THR D 27 18.85 4.21 -46.59
N PHE D 28 17.53 4.02 -46.52
CA PHE D 28 16.64 3.73 -47.67
C PHE D 28 16.54 5.02 -48.50
N LYS D 29 16.24 4.89 -49.80
CA LYS D 29 16.21 6.00 -50.77
C LYS D 29 14.87 5.98 -51.51
N ALA D 30 14.27 7.15 -51.72
CA ALA D 30 12.97 7.34 -52.42
C ALA D 30 13.06 6.79 -53.84
N LYS D 31 14.21 6.93 -54.49
CA LYS D 31 14.43 6.51 -55.91
C LYS D 31 14.37 4.98 -56.04
N ASP D 32 14.52 4.24 -54.94
CA ASP D 32 14.43 2.75 -54.93
C ASP D 32 13.00 2.30 -54.62
N LEU D 33 12.04 3.24 -54.48
CA LEU D 33 10.64 2.92 -54.11
C LEU D 33 10.07 1.83 -55.01
N ILE D 34 9.49 0.78 -54.41
CA ILE D 34 8.75 -0.30 -55.13
C ILE D 34 7.25 -0.08 -54.85
N VAL D 35 6.53 0.45 -55.83
CA VAL D 35 5.08 0.81 -55.71
C VAL D 35 4.26 -0.40 -56.19
N THR D 36 3.38 -0.91 -55.33
CA THR D 36 2.43 -2.01 -55.64
C THR D 36 1.01 -1.48 -55.50
N PRO D 37 0.42 -0.88 -56.55
CA PRO D 37 -0.95 -0.36 -56.47
C PRO D 37 -1.95 -1.45 -56.04
N ALA D 38 -3.01 -1.03 -55.35
CA ALA D 38 -4.16 -1.89 -54.97
C ALA D 38 -5.03 -2.11 -56.21
N THR D 39 -5.59 -3.31 -56.37
CA THR D 39 -6.47 -3.67 -57.51
C THR D 39 -7.92 -3.26 -57.17
N ILE D 40 -8.27 -3.25 -55.88
CA ILE D 40 -9.61 -2.85 -55.36
C ILE D 40 -9.43 -1.61 -54.46
N LEU D 41 -10.17 -0.55 -54.74
CA LEU D 41 -10.07 0.76 -54.03
C LEU D 41 -11.31 0.94 -53.14
N LYS D 42 -11.14 1.55 -51.98
CA LYS D 42 -12.21 1.77 -50.97
C LYS D 42 -12.90 3.10 -51.26
N GLU D 43 -14.20 3.17 -51.00
CA GLU D 43 -14.97 4.45 -51.08
CA GLU D 43 -15.00 4.43 -51.06
C GLU D 43 -14.48 5.35 -49.96
N LYS D 44 -14.19 6.62 -50.28
CA LYS D 44 -13.77 7.64 -49.30
C LYS D 44 -14.93 7.92 -48.34
N PRO D 45 -14.63 8.39 -47.12
CA PRO D 45 -15.66 8.70 -46.13
C PRO D 45 -16.24 10.10 -46.34
N ASP D 46 -17.40 10.36 -45.74
CA ASP D 46 -18.04 11.70 -45.69
C ASP D 46 -17.17 12.60 -44.81
N PRO D 47 -16.54 13.67 -45.37
CA PRO D 47 -15.66 14.56 -44.59
C PRO D 47 -16.31 15.21 -43.36
N ASN D 48 -17.65 15.28 -43.34
CA ASN D 48 -18.46 15.97 -42.29
C ASN D 48 -18.64 15.05 -41.08
N ASN D 49 -18.54 13.73 -41.25
CA ASN D 49 -18.75 12.73 -40.16
C ASN D 49 -17.52 11.82 -40.06
N LEU D 50 -16.37 12.41 -39.69
CA LEU D 50 -15.07 11.71 -39.58
C LEU D 50 -14.60 11.65 -38.12
N VAL D 51 -14.39 10.45 -37.59
CA VAL D 51 -13.80 10.23 -36.24
C VAL D 51 -12.28 10.08 -36.42
N PHE D 52 -11.50 10.68 -35.52
CA PHE D 52 -10.01 10.80 -35.62
C PHE D 52 -9.36 9.42 -35.56
N GLY D 53 -8.54 9.11 -36.57
CA GLY D 53 -7.68 7.92 -36.64
C GLY D 53 -8.46 6.63 -36.83
N THR D 54 -9.71 6.72 -37.29
CA THR D 54 -10.65 5.58 -37.44
C THR D 54 -10.53 4.96 -38.84
N VAL D 55 -10.48 5.81 -39.88
CA VAL D 55 -10.55 5.41 -41.31
C VAL D 55 -9.16 5.55 -41.93
N PHE D 56 -8.76 4.58 -42.73
CA PHE D 56 -7.42 4.50 -43.38
C PHE D 56 -7.56 4.42 -44.90
N THR D 57 -6.53 4.89 -45.59
CA THR D 57 -6.50 5.02 -47.07
C THR D 57 -6.13 3.68 -47.68
N ASP D 58 -5.93 3.65 -49.00
CA ASP D 58 -5.71 2.40 -49.78
C ASP D 58 -4.30 1.85 -49.52
N HIS D 59 -3.31 2.73 -49.35
CA HIS D 59 -1.87 2.37 -49.35
C HIS D 59 -1.16 2.82 -48.06
N MET D 60 -0.03 2.17 -47.79
CA MET D 60 0.87 2.48 -46.64
C MET D 60 2.31 2.41 -47.15
N LEU D 61 3.23 3.10 -46.48
CA LEU D 61 4.69 2.92 -46.69
C LEU D 61 5.19 1.86 -45.69
N THR D 62 6.06 0.95 -46.11
CA THR D 62 6.82 0.02 -45.23
C THR D 62 8.28 0.00 -45.68
N VAL D 63 9.20 0.06 -44.73
CA VAL D 63 10.67 -0.10 -44.94
C VAL D 63 11.19 -1.04 -43.84
N GLU D 64 11.77 -2.18 -44.24
CA GLU D 64 12.40 -3.18 -43.35
C GLU D 64 13.84 -2.73 -43.07
N TRP D 65 14.34 -3.01 -41.86
CA TRP D 65 15.75 -2.81 -41.45
C TRP D 65 16.24 -4.04 -40.70
N SER D 66 17.52 -4.38 -40.90
CA SER D 66 18.31 -5.36 -40.10
C SER D 66 19.67 -4.76 -39.79
N SER D 67 20.29 -5.16 -38.68
CA SER D 67 21.68 -4.79 -38.31
C SER D 67 22.64 -5.37 -39.35
N GLU D 68 22.34 -6.56 -39.89
CA GLU D 68 23.22 -7.31 -40.81
C GLU D 68 23.28 -6.58 -42.17
N PHE D 69 22.14 -6.38 -42.82
CA PHE D 69 22.03 -5.91 -44.23
C PHE D 69 21.67 -4.41 -44.30
N GLY D 70 21.20 -3.82 -43.20
CA GLY D 70 20.79 -2.41 -43.16
C GLY D 70 19.39 -2.20 -43.71
N TRP D 71 19.12 -0.99 -44.21
CA TRP D 71 17.79 -0.57 -44.75
C TRP D 71 17.52 -1.27 -46.08
N GLU D 72 16.44 -2.06 -46.15
CA GLU D 72 15.90 -2.60 -47.42
C GLU D 72 15.30 -1.44 -48.23
N LYS D 73 14.87 -1.73 -49.46
CA LYS D 73 14.22 -0.73 -50.35
C LYS D 73 12.83 -0.45 -49.78
N PRO D 74 12.36 0.82 -49.81
CA PRO D 74 11.03 1.17 -49.31
C PRO D 74 9.93 0.69 -50.25
N HIS D 75 8.76 0.35 -49.70
CA HIS D 75 7.57 -0.17 -50.41
C HIS D 75 6.35 0.72 -50.13
N ILE D 76 5.69 1.19 -51.18
CA ILE D 76 4.28 1.69 -51.11
C ILE D 76 3.42 0.56 -51.65
N LYS D 77 2.46 0.08 -50.86
CA LYS D 77 1.67 -1.14 -51.15
C LYS D 77 0.32 -1.03 -50.43
N PRO D 78 -0.65 -1.92 -50.72
CA PRO D 78 -1.97 -1.82 -50.10
C PRO D 78 -1.91 -1.91 -48.56
N LEU D 79 -2.76 -1.15 -47.88
CA LEU D 79 -2.94 -1.23 -46.41
C LEU D 79 -3.21 -2.69 -46.05
N GLN D 80 -2.39 -3.26 -45.16
CA GLN D 80 -2.47 -4.67 -44.72
C GLN D 80 -2.04 -4.76 -43.26
N ASN D 81 -2.46 -5.81 -42.56
CA ASN D 81 -1.93 -6.17 -41.22
C ASN D 81 -0.42 -6.36 -41.33
N LEU D 82 0.29 -6.04 -40.25
CA LEU D 82 1.73 -6.36 -40.07
C LEU D 82 1.83 -7.80 -39.57
N SER D 83 2.69 -8.59 -40.19
CA SER D 83 3.08 -9.94 -39.71
C SER D 83 4.29 -9.77 -38.79
N LEU D 84 4.06 -9.84 -37.48
CA LEU D 84 5.11 -9.59 -36.45
C LEU D 84 5.35 -10.87 -35.64
N HIS D 85 6.62 -11.25 -35.48
CA HIS D 85 7.05 -12.29 -34.51
C HIS D 85 6.50 -11.87 -33.16
N PRO D 86 5.87 -12.78 -32.40
CA PRO D 86 5.25 -12.40 -31.12
C PRO D 86 6.24 -11.91 -30.06
N GLY D 87 7.54 -12.08 -30.28
CA GLY D 87 8.64 -11.60 -29.40
C GLY D 87 9.14 -10.21 -29.78
N SER D 88 8.59 -9.61 -30.84
CA SER D 88 8.95 -8.26 -31.34
C SER D 88 9.03 -7.27 -30.17
N SER D 89 10.16 -6.58 -30.04
CA SER D 89 10.49 -5.70 -28.88
C SER D 89 9.49 -4.54 -28.77
N ALA D 90 8.82 -4.17 -29.86
CA ALA D 90 7.74 -3.14 -29.87
C ALA D 90 6.61 -3.57 -28.94
N LEU D 91 6.34 -4.88 -28.84
CA LEU D 91 5.20 -5.44 -28.07
C LEU D 91 5.58 -5.68 -26.61
N HIS D 92 6.86 -5.86 -26.31
CA HIS D 92 7.37 -6.25 -24.96
C HIS D 92 7.97 -5.03 -24.25
N TYR D 93 8.85 -4.29 -24.94
CA TYR D 93 9.71 -3.23 -24.35
C TYR D 93 9.44 -1.88 -25.01
N ALA D 94 8.29 -1.73 -25.67
CA ALA D 94 7.80 -0.45 -26.26
C ALA D 94 8.95 0.25 -27.01
N VAL D 95 9.74 -0.52 -27.74
CA VAL D 95 10.78 0.00 -28.67
C VAL D 95 10.04 0.54 -29.91
N GLU D 96 9.56 1.78 -29.81
CA GLU D 96 8.62 2.36 -30.79
C GLU D 96 8.59 3.88 -30.63
N LEU D 97 8.35 4.58 -31.74
CA LEU D 97 8.06 6.03 -31.78
C LEU D 97 7.13 6.29 -32.96
N PHE D 98 6.45 7.43 -32.95
CA PHE D 98 5.54 7.86 -34.03
C PHE D 98 5.71 9.37 -34.29
N GLU D 99 5.03 9.84 -35.32
CA GLU D 99 4.89 11.28 -35.63
C GLU D 99 3.44 11.56 -36.01
N GLY D 100 3.06 12.83 -35.94
CA GLY D 100 1.74 13.35 -36.35
C GLY D 100 1.93 14.64 -37.13
N LEU D 101 1.65 14.59 -38.43
CA LEU D 101 1.61 15.78 -39.31
C LEU D 101 0.45 15.60 -40.30
N LYS D 102 0.07 16.67 -41.00
CA LYS D 102 -1.15 16.68 -41.86
C LYS D 102 -0.79 17.14 -43.28
N ALA D 103 -1.56 16.65 -44.26
CA ALA D 103 -1.68 17.19 -45.63
C ALA D 103 -3.05 17.88 -45.75
N PHE D 104 -3.10 19.06 -46.37
CA PHE D 104 -4.31 19.93 -46.46
C PHE D 104 -4.63 20.22 -47.93
N ARG D 105 -5.87 19.96 -48.36
CA ARG D 105 -6.39 20.38 -49.68
C ARG D 105 -6.78 21.86 -49.58
N GLY D 106 -6.00 22.75 -50.20
CA GLY D 106 -6.15 24.21 -50.06
C GLY D 106 -7.35 24.74 -50.84
N VAL D 107 -7.63 26.04 -50.72
CA VAL D 107 -8.73 26.75 -51.43
C VAL D 107 -8.46 26.77 -52.94
N ASP D 108 -7.21 26.60 -53.34
CA ASP D 108 -6.76 26.53 -54.76
C ASP D 108 -6.63 25.07 -55.22
N ASN D 109 -7.14 24.12 -54.41
CA ASN D 109 -7.14 22.64 -54.66
C ASN D 109 -5.71 22.09 -54.77
N LYS D 110 -4.69 22.82 -54.33
CA LYS D 110 -3.30 22.32 -54.20
C LYS D 110 -3.16 21.69 -52.80
N ILE D 111 -2.53 20.53 -52.72
CA ILE D 111 -2.28 19.80 -51.45
C ILE D 111 -0.95 20.29 -50.87
N ARG D 112 -0.95 20.63 -49.59
CA ARG D 112 0.22 21.21 -48.87
C ARG D 112 0.53 20.39 -47.62
N LEU D 113 1.82 20.13 -47.39
CA LEU D 113 2.36 19.68 -46.08
C LEU D 113 2.71 20.93 -45.27
N PHE D 114 2.65 20.84 -43.93
CA PHE D 114 2.88 21.98 -43.01
C PHE D 114 4.07 21.66 -42.13
N GLN D 115 5.18 22.37 -42.35
CA GLN D 115 6.45 22.26 -41.57
C GLN D 115 6.84 20.79 -41.40
N PRO D 116 6.78 19.94 -42.45
CA PRO D 116 7.06 18.52 -42.30
C PRO D 116 8.51 18.20 -41.92
N ASN D 117 9.45 19.12 -42.19
CA ASN D 117 10.90 18.97 -41.86
C ASN D 117 11.08 18.96 -40.34
N LEU D 118 10.22 19.64 -39.59
CA LEU D 118 10.27 19.67 -38.11
C LEU D 118 9.85 18.30 -37.56
N ASN D 119 8.94 17.62 -38.25
CA ASN D 119 8.48 16.25 -37.87
C ASN D 119 9.62 15.27 -38.14
N MET D 120 10.30 15.40 -39.28
CA MET D 120 11.45 14.55 -39.67
C MET D 120 12.60 14.75 -38.67
N ASP D 121 12.92 16.00 -38.32
CA ASP D 121 13.94 16.35 -37.30
C ASP D 121 13.59 15.62 -36.00
N ARG D 122 12.33 15.71 -35.58
CA ARG D 122 11.85 15.21 -34.26
C ARG D 122 11.81 13.68 -34.27
N MET D 123 11.46 13.07 -35.40
CA MET D 123 11.40 11.60 -35.57
C MET D 123 12.81 11.01 -35.54
N TYR D 124 13.77 11.66 -36.22
CA TYR D 124 15.20 11.27 -36.23
C TYR D 124 15.71 11.25 -34.79
N ARG D 125 15.51 12.37 -34.09
CA ARG D 125 15.98 12.59 -32.70
C ARG D 125 15.38 11.51 -31.79
N SER D 126 14.09 11.20 -31.99
CA SER D 126 13.35 10.15 -31.25
C SER D 126 13.96 8.77 -31.54
N ALA D 127 14.31 8.51 -32.80
CA ALA D 127 14.92 7.24 -33.25
C ALA D 127 16.24 7.01 -32.50
N VAL D 128 17.05 8.07 -32.38
CA VAL D 128 18.36 8.03 -31.67
C VAL D 128 18.10 7.69 -30.19
N ARG D 129 17.10 8.32 -29.58
CA ARG D 129 16.78 8.16 -28.14
C ARG D 129 16.18 6.77 -27.87
N ALA D 130 15.52 6.17 -28.87
CA ALA D 130 14.89 4.82 -28.76
C ALA D 130 15.90 3.71 -29.07
N THR D 131 17.05 4.08 -29.64
CA THR D 131 18.13 3.19 -30.14
C THR D 131 17.66 2.46 -31.40
N LEU D 132 16.62 2.96 -32.07
CA LEU D 132 16.22 2.52 -33.44
C LEU D 132 17.18 3.15 -34.43
N PRO D 133 17.41 2.51 -35.60
CA PRO D 133 18.45 2.96 -36.53
C PRO D 133 18.08 4.30 -37.21
N VAL D 134 19.07 5.16 -37.43
CA VAL D 134 18.89 6.47 -38.11
C VAL D 134 18.57 6.22 -39.58
N PHE D 135 18.07 7.25 -40.27
CA PHE D 135 17.66 7.25 -41.70
C PHE D 135 17.85 8.66 -42.25
N ASP D 136 17.86 8.83 -43.57
CA ASP D 136 17.97 10.16 -44.21
C ASP D 136 16.59 10.82 -44.16
N LYS D 137 16.49 11.98 -43.50
CA LYS D 137 15.21 12.71 -43.27
C LYS D 137 14.58 13.14 -44.60
N GLU D 138 15.39 13.62 -45.56
CA GLU D 138 14.93 14.04 -46.92
C GLU D 138 14.31 12.83 -47.64
N GLU D 139 14.90 11.64 -47.50
CA GLU D 139 14.44 10.40 -48.18
C GLU D 139 13.10 9.95 -47.60
N LEU D 140 12.91 10.05 -46.27
CA LEU D 140 11.61 9.71 -45.63
C LEU D 140 10.55 10.70 -46.11
N LEU D 141 10.82 11.99 -46.02
CA LEU D 141 9.86 13.03 -46.44
C LEU D 141 9.41 12.74 -47.87
N GLU D 142 10.34 12.49 -48.78
CA GLU D 142 10.04 12.26 -50.22
C GLU D 142 9.20 10.99 -50.37
N CYS D 143 9.48 9.93 -49.59
CA CYS D 143 8.70 8.67 -49.57
C CYS D 143 7.27 8.94 -49.12
N ILE D 144 7.10 9.82 -48.11
CA ILE D 144 5.77 10.24 -47.56
C ILE D 144 5.03 11.04 -48.63
N GLN D 145 5.72 11.94 -49.33
CA GLN D 145 5.13 12.76 -50.43
C GLN D 145 4.54 11.81 -51.48
N GLN D 146 5.30 10.78 -51.89
CA GLN D 146 4.88 9.81 -52.92
C GLN D 146 3.64 9.05 -52.44
N LEU D 147 3.60 8.68 -51.16
CA LEU D 147 2.48 7.93 -50.54
C LEU D 147 1.21 8.79 -50.59
N VAL D 148 1.30 10.03 -50.10
CA VAL D 148 0.18 11.00 -50.08
C VAL D 148 -0.24 11.27 -51.53
N LYS D 149 0.73 11.37 -52.46
CA LYS D 149 0.43 11.64 -53.89
C LYS D 149 -0.42 10.49 -54.45
N LEU D 150 -0.02 9.23 -54.21
CA LEU D 150 -0.77 8.04 -54.69
C LEU D 150 -2.20 8.11 -54.12
N ASP D 151 -2.34 8.48 -52.85
CA ASP D 151 -3.64 8.47 -52.11
C ASP D 151 -4.18 9.90 -51.97
N GLN D 152 -3.87 10.77 -52.93
CA GLN D 152 -4.15 12.23 -52.81
C GLN D 152 -5.67 12.49 -52.74
N GLU D 153 -6.50 11.62 -53.33
CA GLU D 153 -7.98 11.79 -53.32
C GLU D 153 -8.54 11.55 -51.91
N TRP D 154 -7.74 10.98 -51.00
CA TRP D 154 -8.10 10.76 -49.58
C TRP D 154 -7.95 12.06 -48.78
N VAL D 155 -7.12 12.99 -49.25
CA VAL D 155 -7.04 14.36 -48.68
C VAL D 155 -8.42 14.98 -48.89
N PRO D 156 -9.22 15.18 -47.81
CA PRO D 156 -10.65 15.48 -47.96
C PRO D 156 -10.92 16.74 -48.79
N TYR D 157 -12.00 16.69 -49.58
CA TYR D 157 -12.54 17.86 -50.32
C TYR D 157 -13.39 18.68 -49.35
N SER D 158 -12.68 19.40 -48.46
CA SER D 158 -13.24 20.15 -47.32
C SER D 158 -12.15 21.06 -46.75
N THR D 159 -12.51 22.31 -46.45
CA THR D 159 -11.61 23.37 -45.93
C THR D 159 -11.51 23.26 -44.41
N SER D 160 -12.23 22.32 -43.80
CA SER D 160 -12.27 22.07 -42.33
C SER D 160 -11.75 20.67 -41.99
N ALA D 161 -11.24 19.92 -42.99
CA ALA D 161 -10.75 18.53 -42.83
C ALA D 161 -9.35 18.41 -43.45
N SER D 162 -8.66 17.31 -43.15
CA SER D 162 -7.23 17.08 -43.50
C SER D 162 -6.95 15.59 -43.56
N LEU D 163 -5.81 15.22 -44.15
CA LEU D 163 -5.25 13.85 -44.11
C LEU D 163 -4.21 13.80 -42.99
N TYR D 164 -4.46 13.01 -41.94
CA TYR D 164 -3.50 12.75 -40.85
C TYR D 164 -2.47 11.74 -41.37
N ILE D 165 -1.18 12.07 -41.22
CA ILE D 165 -0.02 11.24 -41.65
C ILE D 165 0.64 10.71 -40.38
N ARG D 166 0.68 9.37 -40.22
CA ARG D 166 1.19 8.69 -39.00
C ARG D 166 2.42 7.86 -39.39
N PRO D 167 3.62 8.48 -39.47
CA PRO D 167 4.86 7.70 -39.54
C PRO D 167 5.05 6.96 -38.21
N THR D 168 5.44 5.69 -38.29
CA THR D 168 5.62 4.79 -37.12
C THR D 168 6.91 4.00 -37.32
N PHE D 169 7.69 3.86 -36.25
CA PHE D 169 9.00 3.17 -36.23
C PHE D 169 8.99 2.19 -35.05
N ILE D 170 9.01 0.88 -35.33
CA ILE D 170 8.87 -0.19 -34.30
C ILE D 170 10.05 -1.16 -34.39
N GLY D 171 10.54 -1.62 -33.25
CA GLY D 171 11.52 -2.73 -33.16
C GLY D 171 10.84 -4.06 -33.37
N THR D 172 11.37 -4.89 -34.28
CA THR D 172 10.81 -6.21 -34.65
C THR D 172 11.82 -7.33 -34.32
N GLU D 173 12.78 -7.03 -33.44
CA GLU D 173 13.71 -8.00 -32.81
C GLU D 173 12.91 -9.18 -32.25
N PRO D 174 13.06 -10.42 -32.79
CA PRO D 174 12.26 -11.55 -32.35
C PRO D 174 12.74 -12.21 -31.04
N SER D 175 13.57 -11.53 -30.24
CA SER D 175 14.11 -12.05 -28.96
C SER D 175 13.59 -11.23 -27.77
N LEU D 176 13.46 -11.87 -26.62
CA LEU D 176 12.98 -11.25 -25.35
C LEU D 176 14.15 -10.58 -24.63
N GLY D 177 15.36 -10.66 -25.21
CA GLY D 177 16.54 -9.91 -24.73
C GLY D 177 16.29 -8.41 -24.78
N VAL D 178 16.49 -7.72 -23.66
CA VAL D 178 16.38 -6.24 -23.52
C VAL D 178 17.66 -5.61 -24.08
N LYS D 179 17.61 -5.16 -25.33
CA LYS D 179 18.81 -4.66 -26.05
C LYS D 179 18.39 -3.82 -27.27
N LYS D 180 19.37 -3.11 -27.84
CA LYS D 180 19.28 -2.45 -29.17
C LYS D 180 18.65 -3.45 -30.13
N PRO D 181 17.56 -3.11 -30.84
CA PRO D 181 16.97 -4.03 -31.82
C PRO D 181 17.88 -4.21 -33.04
N THR D 182 17.99 -5.46 -33.54
CA THR D 182 18.77 -5.83 -34.75
C THR D 182 17.83 -5.92 -35.96
N LYS D 183 16.54 -5.64 -35.75
CA LYS D 183 15.48 -5.64 -36.79
C LYS D 183 14.46 -4.55 -36.45
N ALA D 184 13.97 -3.83 -37.47
CA ALA D 184 13.01 -2.72 -37.30
C ALA D 184 12.11 -2.59 -38.54
N LEU D 185 10.91 -2.06 -38.33
CA LEU D 185 9.94 -1.67 -39.38
C LEU D 185 9.64 -0.17 -39.21
N LEU D 186 9.83 0.61 -40.26
CA LEU D 186 9.33 2.00 -40.38
C LEU D 186 8.19 1.97 -41.40
N PHE D 187 6.98 2.35 -40.99
CA PHE D 187 5.78 2.36 -41.83
C PHE D 187 5.01 3.66 -41.63
N VAL D 188 4.25 4.09 -42.65
CA VAL D 188 3.42 5.31 -42.61
C VAL D 188 1.97 4.94 -42.96
N LEU D 189 1.03 5.45 -42.16
CA LEU D 189 -0.42 5.32 -42.39
C LEU D 189 -1.00 6.71 -42.67
N LEU D 190 -2.00 6.75 -43.55
CA LEU D 190 -2.80 7.97 -43.86
C LEU D 190 -4.23 7.73 -43.38
N SER D 191 -4.77 8.70 -42.65
CA SER D 191 -6.13 8.65 -42.05
C SER D 191 -6.80 10.01 -42.27
N PRO D 192 -7.88 10.10 -43.07
CA PRO D 192 -8.64 11.34 -43.20
C PRO D 192 -9.32 11.67 -41.87
N VAL D 193 -9.18 12.91 -41.40
CA VAL D 193 -9.73 13.39 -40.10
C VAL D 193 -10.52 14.68 -40.36
N GLY D 194 -11.66 14.86 -39.70
CA GLY D 194 -12.49 16.06 -39.81
C GLY D 194 -12.06 17.12 -38.81
N PRO D 195 -12.93 18.12 -38.51
CA PRO D 195 -12.64 19.08 -37.45
C PRO D 195 -12.52 18.37 -36.09
N TYR D 196 -11.78 18.96 -35.15
CA TYR D 196 -11.38 18.36 -33.85
C TYR D 196 -12.61 17.91 -33.06
N PHE D 197 -13.56 18.82 -32.83
CA PHE D 197 -14.94 18.52 -32.33
C PHE D 197 -15.90 18.60 -33.52
N SER D 198 -16.85 17.65 -33.61
CA SER D 198 -17.72 17.37 -34.77
C SER D 198 -18.60 18.58 -35.14
N SER D 199 -18.78 19.54 -34.24
CA SER D 199 -19.56 20.79 -34.48
C SER D 199 -18.75 21.79 -35.32
N GLY D 200 -17.41 21.64 -35.37
CA GLY D 200 -16.51 22.58 -36.06
C GLY D 200 -16.15 23.80 -35.22
N THR D 201 -17.11 24.35 -34.46
CA THR D 201 -16.97 25.56 -33.59
C THR D 201 -16.16 25.21 -32.35
N PHE D 202 -15.70 26.23 -31.62
CA PHE D 202 -14.90 26.05 -30.37
C PHE D 202 -15.76 25.35 -29.32
N ASN D 203 -15.33 24.15 -28.89
CA ASN D 203 -15.86 23.43 -27.70
C ASN D 203 -14.76 23.44 -26.66
N PRO D 204 -14.84 24.31 -25.62
CA PRO D 204 -13.76 24.40 -24.63
C PRO D 204 -13.66 23.12 -23.78
N VAL D 205 -12.43 22.69 -23.48
CA VAL D 205 -12.16 21.43 -22.72
C VAL D 205 -12.11 21.76 -21.23
N SER D 206 -12.58 20.84 -20.40
CA SER D 206 -12.35 20.79 -18.93
C SER D 206 -11.17 19.86 -18.67
N LEU D 207 -10.19 20.29 -17.87
CA LEU D 207 -8.95 19.53 -17.58
C LEU D 207 -9.05 18.89 -16.19
N TRP D 208 -8.64 17.62 -16.08
CA TRP D 208 -8.46 16.89 -14.79
C TRP D 208 -7.02 17.08 -14.32
N ALA D 209 -6.83 17.78 -13.20
CA ALA D 209 -5.53 18.09 -12.58
C ALA D 209 -5.39 17.30 -11.28
N ASN D 210 -4.66 16.19 -11.33
CA ASN D 210 -4.34 15.30 -10.19
C ASN D 210 -2.83 15.08 -10.17
N PRO D 211 -2.09 15.71 -9.24
CA PRO D 211 -0.62 15.64 -9.26
C PRO D 211 -0.06 14.25 -8.88
N LYS D 212 -0.94 13.30 -8.52
CA LYS D 212 -0.59 11.89 -8.24
C LYS D 212 0.09 11.27 -9.47
N TYR D 213 -0.32 11.67 -10.67
CA TYR D 213 0.20 11.14 -11.96
C TYR D 213 1.17 12.17 -12.57
N VAL D 214 2.27 11.67 -13.13
CA VAL D 214 3.35 12.49 -13.76
C VAL D 214 3.63 11.92 -15.14
N ARG D 215 3.49 12.76 -16.17
CA ARG D 215 3.63 12.40 -17.60
C ARG D 215 5.10 12.09 -17.91
N ALA D 216 6.01 12.93 -17.44
CA ALA D 216 7.45 12.90 -17.79
C ALA D 216 8.30 13.44 -16.62
N TRP D 217 9.58 13.07 -16.59
CA TRP D 217 10.57 13.43 -15.54
C TRP D 217 11.90 13.83 -16.21
N LYS D 218 12.70 14.65 -15.54
CA LYS D 218 14.05 15.05 -16.00
C LYS D 218 14.89 13.76 -16.11
N GLY D 219 15.46 13.51 -17.29
CA GLY D 219 16.24 12.30 -17.58
C GLY D 219 15.39 11.22 -18.23
N GLY D 220 14.10 11.51 -18.45
CA GLY D 220 13.15 10.62 -19.15
C GLY D 220 13.11 10.92 -20.63
N THR D 221 12.02 10.59 -21.30
CA THR D 221 11.82 10.66 -22.77
C THR D 221 10.62 11.55 -23.10
N GLY D 222 10.19 12.39 -22.16
CA GLY D 222 9.02 13.28 -22.31
C GLY D 222 9.16 14.22 -23.50
N ASP D 223 10.40 14.56 -23.88
CA ASP D 223 10.70 15.52 -24.98
C ASP D 223 10.85 14.76 -26.31
N CYS D 224 10.53 13.46 -26.33
CA CYS D 224 10.47 12.61 -27.55
C CYS D 224 9.05 12.08 -27.72
N LYS D 225 8.66 11.78 -28.96
CA LYS D 225 7.33 11.19 -29.28
C LYS D 225 7.50 9.67 -29.34
N MET D 226 7.83 9.08 -28.20
CA MET D 226 8.05 7.62 -28.01
C MET D 226 6.82 7.03 -27.31
N GLY D 227 6.35 5.86 -27.78
CA GLY D 227 5.08 5.24 -27.35
C GLY D 227 4.97 5.13 -25.84
N GLY D 228 6.08 4.88 -25.15
CA GLY D 228 6.15 4.70 -23.68
C GLY D 228 5.48 5.85 -22.93
N ASN D 229 5.62 7.07 -23.42
CA ASN D 229 5.11 8.31 -22.79
C ASN D 229 3.58 8.30 -22.72
N TYR D 230 2.92 7.51 -23.57
CA TYR D 230 1.45 7.58 -23.80
C TYR D 230 0.76 6.41 -23.09
N GLY D 231 1.38 5.21 -23.11
CA GLY D 231 0.91 4.04 -22.35
C GLY D 231 0.68 4.37 -20.89
N SER D 232 1.63 5.09 -20.28
CA SER D 232 1.60 5.52 -18.84
C SER D 232 0.53 6.60 -18.61
N SER D 233 0.22 7.39 -19.62
CA SER D 233 -0.70 8.56 -19.56
C SER D 233 -2.16 8.11 -19.53
N LEU D 234 -2.43 6.87 -19.94
CA LEU D 234 -3.78 6.41 -20.37
C LEU D 234 -4.73 6.30 -19.16
N PHE D 235 -4.21 5.92 -18.00
CA PHE D 235 -5.02 5.75 -16.75
C PHE D 235 -5.60 7.11 -16.33
N ALA D 236 -4.78 8.14 -16.29
CA ALA D 236 -5.15 9.52 -15.92
C ALA D 236 -6.20 10.06 -16.90
N GLN D 237 -6.05 9.74 -18.19
CA GLN D 237 -6.99 10.15 -19.27
C GLN D 237 -8.39 9.57 -18.99
N CYS D 238 -8.47 8.28 -18.64
CA CYS D 238 -9.75 7.58 -18.33
C CYS D 238 -10.35 8.13 -17.02
N GLU D 239 -9.49 8.45 -16.05
CA GLU D 239 -9.90 9.04 -14.75
C GLU D 239 -10.49 10.44 -15.00
N ALA D 240 -9.92 11.16 -15.97
CA ALA D 240 -10.41 12.50 -16.40
C ALA D 240 -11.81 12.36 -16.99
N VAL D 241 -11.97 11.49 -18.00
CA VAL D 241 -13.27 11.24 -18.70
C VAL D 241 -14.35 10.88 -17.68
N ASP D 242 -14.01 10.09 -16.66
CA ASP D 242 -14.93 9.68 -15.57
C ASP D 242 -15.52 10.93 -14.89
N ASN D 243 -14.69 11.95 -14.66
CA ASN D 243 -15.06 13.19 -13.93
C ASN D 243 -15.41 14.31 -14.92
N GLY D 244 -15.86 13.96 -16.13
CA GLY D 244 -16.46 14.89 -17.10
C GLY D 244 -15.44 15.78 -17.80
N CYS D 245 -14.16 15.45 -17.71
CA CYS D 245 -13.04 16.20 -18.33
C CYS D 245 -12.62 15.51 -19.63
N GLN D 246 -12.11 16.26 -20.61
CA GLN D 246 -11.73 15.74 -21.95
C GLN D 246 -10.22 15.47 -22.01
N GLN D 247 -9.43 16.20 -21.22
CA GLN D 247 -7.94 16.11 -21.20
C GLN D 247 -7.43 16.19 -19.76
N VAL D 248 -6.17 15.81 -19.56
CA VAL D 248 -5.44 15.84 -18.26
C VAL D 248 -4.54 17.06 -18.28
N LEU D 249 -4.53 17.86 -17.20
CA LEU D 249 -3.50 18.90 -16.96
C LEU D 249 -2.34 18.23 -16.23
N TRP D 250 -1.21 18.04 -16.90
CA TRP D 250 -0.03 17.32 -16.37
C TRP D 250 0.75 18.26 -15.44
N LEU D 251 0.76 17.95 -14.14
CA LEU D 251 1.47 18.71 -13.09
C LEU D 251 2.80 18.03 -12.80
N TYR D 252 3.82 18.82 -12.44
CA TYR D 252 5.21 18.35 -12.15
C TYR D 252 5.80 19.14 -10.97
N GLY D 253 6.41 18.42 -10.02
CA GLY D 253 7.29 19.00 -8.98
C GLY D 253 6.54 19.41 -7.74
N GLU D 254 7.29 19.79 -6.70
CA GLU D 254 6.80 20.23 -5.36
C GLU D 254 5.75 21.32 -5.53
N ASP D 255 6.01 22.25 -6.44
CA ASP D 255 5.27 23.53 -6.63
C ASP D 255 4.20 23.38 -7.72
N HIS D 256 3.94 22.16 -8.19
CA HIS D 256 2.82 21.83 -9.13
C HIS D 256 2.90 22.71 -10.39
N GLN D 257 4.01 22.62 -11.12
CA GLN D 257 4.17 23.27 -12.45
C GLN D 257 3.13 22.70 -13.41
N ILE D 258 2.39 23.59 -14.10
CA ILE D 258 1.52 23.19 -15.25
C ILE D 258 2.41 23.10 -16.50
N THR D 259 2.45 21.92 -17.13
CA THR D 259 3.45 21.54 -18.17
C THR D 259 2.78 21.39 -19.53
N GLU D 260 1.82 20.46 -19.64
CA GLU D 260 1.11 20.15 -20.91
C GLU D 260 -0.37 19.96 -20.61
N VAL D 261 -1.24 20.25 -21.58
CA VAL D 261 -2.70 19.95 -21.47
C VAL D 261 -2.94 18.70 -22.34
N GLY D 262 -2.89 17.54 -21.69
CA GLY D 262 -3.11 16.21 -22.30
C GLY D 262 -2.03 15.92 -23.33
N THR D 263 -2.41 15.82 -24.59
CA THR D 263 -1.50 15.50 -25.72
C THR D 263 -1.11 16.80 -26.46
N MET D 264 -1.26 17.93 -25.80
CA MET D 264 -1.02 19.29 -26.38
C MET D 264 -0.10 20.10 -25.47
N ASN D 265 0.66 21.03 -26.06
CA ASN D 265 1.47 22.02 -25.31
C ASN D 265 0.50 23.02 -24.66
N LEU D 266 0.92 23.61 -23.54
N LEU D 266 0.90 23.61 -23.52
CA LEU D 266 0.09 24.51 -22.69
CA LEU D 266 0.04 24.50 -22.70
C LEU D 266 0.50 25.97 -22.92
C LEU D 266 0.47 25.95 -22.89
N PHE D 267 -0.46 26.80 -23.32
CA PHE D 267 -0.30 28.27 -23.47
C PHE D 267 -1.20 28.99 -22.48
N LEU D 268 -0.67 30.02 -21.82
CA LEU D 268 -1.41 30.91 -20.91
C LEU D 268 -1.23 32.35 -21.40
N TYR D 269 -2.34 33.02 -21.71
CA TYR D 269 -2.39 34.45 -22.12
C TYR D 269 -2.95 35.24 -20.95
N TRP D 270 -2.15 36.12 -20.36
CA TRP D 270 -2.44 36.74 -19.03
C TRP D 270 -1.64 38.03 -18.80
N ILE D 271 -2.02 38.78 -17.76
CA ILE D 271 -1.20 39.86 -17.15
C ILE D 271 -0.28 39.18 -16.13
N ASN D 272 1.02 39.27 -16.34
CA ASN D 272 2.02 38.67 -15.46
C ASN D 272 2.30 39.49 -14.21
N GLU D 273 3.13 38.96 -13.31
CA GLU D 273 3.30 39.51 -11.93
C GLU D 273 3.81 40.95 -11.99
N ASP D 274 4.53 41.32 -13.05
CA ASP D 274 5.05 42.69 -13.29
C ASP D 274 3.97 43.61 -13.87
N GLY D 275 2.79 43.08 -14.23
CA GLY D 275 1.66 43.87 -14.79
C GLY D 275 1.72 44.01 -16.30
N GLU D 276 2.74 43.43 -16.96
CA GLU D 276 2.83 43.32 -18.44
C GLU D 276 1.86 42.23 -18.96
N GLU D 277 1.27 42.48 -20.13
CA GLU D 277 0.48 41.49 -20.92
C GLU D 277 1.46 40.44 -21.47
N GLU D 278 1.18 39.14 -21.29
CA GLU D 278 2.14 38.04 -21.58
C GLU D 278 1.46 36.82 -22.19
N LEU D 279 2.09 36.25 -23.23
CA LEU D 279 1.87 34.84 -23.67
C LEU D 279 2.99 33.96 -23.10
N ALA D 280 2.64 33.06 -22.18
CA ALA D 280 3.58 32.18 -21.45
C ALA D 280 3.36 30.72 -21.85
N THR D 281 4.45 29.95 -21.96
CA THR D 281 4.43 28.49 -22.21
C THR D 281 5.63 27.86 -21.48
N PRO D 282 5.48 26.68 -20.85
CA PRO D 282 6.60 26.03 -20.17
C PRO D 282 7.79 25.80 -21.11
N PRO D 283 9.04 25.98 -20.61
CA PRO D 283 10.22 25.85 -21.46
C PRO D 283 10.61 24.38 -21.71
N LEU D 284 11.36 24.15 -22.79
CA LEU D 284 11.83 22.82 -23.24
C LEU D 284 13.02 22.38 -22.37
N ASP D 285 12.76 22.05 -21.10
CA ASP D 285 13.78 21.65 -20.11
C ASP D 285 13.76 20.13 -19.89
N GLY D 286 13.15 19.37 -20.82
CA GLY D 286 13.22 17.89 -20.85
C GLY D 286 11.87 17.23 -20.65
N ILE D 287 10.93 17.88 -19.97
CA ILE D 287 9.61 17.27 -19.63
C ILE D 287 8.52 17.77 -20.57
N ILE D 288 8.87 18.55 -21.60
CA ILE D 288 7.93 19.16 -22.58
C ILE D 288 8.25 18.62 -23.97
N LEU D 289 7.24 18.09 -24.67
CA LEU D 289 7.34 17.69 -26.10
C LEU D 289 7.44 18.96 -26.95
N PRO D 290 8.57 19.20 -27.66
CA PRO D 290 8.69 20.39 -28.49
C PRO D 290 7.75 20.31 -29.70
N GLY D 291 6.51 20.75 -29.51
CA GLY D 291 5.44 20.69 -30.53
C GLY D 291 5.74 21.59 -31.71
N VAL D 292 5.30 21.19 -32.91
CA VAL D 292 5.38 22.03 -34.13
C VAL D 292 4.43 23.23 -33.96
N THR D 293 3.19 22.99 -33.53
CA THR D 293 2.18 24.07 -33.30
C THR D 293 2.74 25.07 -32.28
N ARG D 294 3.33 24.56 -31.19
CA ARG D 294 3.98 25.36 -30.13
C ARG D 294 5.03 26.31 -30.75
N ARG D 295 5.93 25.77 -31.59
CA ARG D 295 6.97 26.53 -32.33
C ARG D 295 6.33 27.64 -33.15
N CYS D 296 5.34 27.31 -33.98
CA CYS D 296 4.64 28.25 -34.89
C CYS D 296 3.97 29.37 -34.08
N ILE D 297 3.30 29.04 -32.96
CA ILE D 297 2.59 30.03 -32.11
C ILE D 297 3.61 31.01 -31.51
N LEU D 298 4.72 30.50 -30.98
CA LEU D 298 5.80 31.36 -30.41
C LEU D 298 6.35 32.26 -31.53
N ASP D 299 6.60 31.69 -32.72
CA ASP D 299 7.16 32.43 -33.88
C ASP D 299 6.22 33.59 -34.24
N LEU D 300 4.91 33.32 -34.31
CA LEU D 300 3.87 34.33 -34.67
C LEU D 300 3.84 35.43 -33.61
N ALA D 301 3.74 35.07 -32.33
CA ALA D 301 3.64 36.02 -31.18
C ALA D 301 4.87 36.93 -31.16
N HIS D 302 6.08 36.37 -31.30
CA HIS D 302 7.35 37.11 -31.45
C HIS D 302 7.21 38.11 -32.61
N GLN D 303 6.82 37.62 -33.80
CA GLN D 303 6.73 38.42 -35.06
C GLN D 303 5.79 39.61 -34.86
N TRP D 304 4.61 39.38 -34.27
CA TRP D 304 3.56 40.42 -34.04
C TRP D 304 4.10 41.51 -33.10
N GLY D 305 4.84 41.12 -32.07
CA GLY D 305 5.54 42.02 -31.14
C GLY D 305 4.59 42.95 -30.41
N GLU D 306 3.39 42.46 -30.08
CA GLU D 306 2.30 43.25 -29.43
C GLU D 306 2.25 42.99 -27.93
N PHE D 307 2.87 41.90 -27.46
CA PHE D 307 2.91 41.50 -26.03
C PHE D 307 4.16 40.68 -25.75
N LYS D 308 4.51 40.56 -24.47
CA LYS D 308 5.68 39.76 -24.00
C LYS D 308 5.41 38.29 -24.30
N VAL D 309 6.40 37.60 -24.87
CA VAL D 309 6.40 36.14 -25.13
C VAL D 309 7.49 35.52 -24.25
N SER D 310 7.08 34.70 -23.28
CA SER D 310 7.96 34.11 -22.25
C SER D 310 7.81 32.58 -22.27
N GLU D 311 8.86 31.87 -22.66
CA GLU D 311 9.08 30.46 -22.26
C GLU D 311 9.55 30.48 -20.81
N ARG D 312 8.68 30.06 -19.89
CA ARG D 312 8.88 30.24 -18.43
C ARG D 312 7.96 29.28 -17.66
N TYR D 313 8.35 28.95 -16.43
CA TYR D 313 7.64 28.01 -15.53
C TYR D 313 6.33 28.66 -15.06
N LEU D 314 5.24 27.89 -15.10
CA LEU D 314 3.90 28.28 -14.60
C LEU D 314 3.47 27.22 -13.58
N THR D 315 3.08 27.68 -12.38
CA THR D 315 2.56 26.82 -11.28
C THR D 315 1.05 27.05 -11.14
N MET D 316 0.35 26.08 -10.52
CA MET D 316 -1.09 26.22 -10.19
C MET D 316 -1.29 27.44 -9.29
N ASP D 317 -0.34 27.74 -8.40
CA ASP D 317 -0.38 28.89 -7.46
CA ASP D 317 -0.41 28.90 -7.47
C ASP D 317 -0.32 30.19 -8.28
N ASP D 318 0.61 30.26 -9.25
CA ASP D 318 0.74 31.41 -10.19
C ASP D 318 -0.62 31.66 -10.85
N LEU D 319 -1.28 30.59 -11.31
CA LEU D 319 -2.53 30.61 -12.10
C LEU D 319 -3.70 31.07 -11.22
N THR D 320 -3.88 30.48 -10.03
CA THR D 320 -4.99 30.77 -9.10
C THR D 320 -4.86 32.20 -8.56
N THR D 321 -3.63 32.64 -8.25
CA THR D 321 -3.31 34.02 -7.79
C THR D 321 -3.77 35.01 -8.85
N ALA D 322 -3.51 34.70 -10.13
CA ALA D 322 -3.86 35.55 -11.30
C ALA D 322 -5.39 35.54 -11.53
N LEU D 323 -6.06 34.41 -11.29
CA LEU D 323 -7.51 34.25 -11.54
C LEU D 323 -8.32 35.12 -10.57
N GLU D 324 -7.99 35.09 -9.28
CA GLU D 324 -8.68 35.89 -8.24
C GLU D 324 -8.37 37.38 -8.45
N GLY D 325 -7.27 37.70 -9.14
CA GLY D 325 -6.89 39.08 -9.53
C GLY D 325 -7.36 39.47 -10.93
N ASN D 326 -8.17 38.63 -11.59
CA ASN D 326 -8.73 38.85 -12.95
C ASN D 326 -7.62 39.17 -13.96
N ARG D 327 -6.46 38.50 -13.84
CA ARG D 327 -5.27 38.75 -14.70
C ARG D 327 -5.21 37.72 -15.85
N VAL D 328 -6.00 36.64 -15.79
CA VAL D 328 -6.02 35.57 -16.82
C VAL D 328 -7.00 35.97 -17.93
N ARG D 329 -6.53 36.00 -19.18
CA ARG D 329 -7.36 36.27 -20.38
C ARG D 329 -7.79 34.94 -21.00
N GLU D 330 -6.82 34.13 -21.48
CA GLU D 330 -7.07 32.86 -22.19
C GLU D 330 -6.04 31.81 -21.77
N MET D 331 -6.47 30.55 -21.69
CA MET D 331 -5.60 29.35 -21.65
C MET D 331 -6.04 28.43 -22.79
N PHE D 332 -5.09 27.83 -23.51
CA PHE D 332 -5.39 26.87 -24.61
C PHE D 332 -4.24 25.87 -24.77
N GLY D 333 -4.59 24.68 -25.25
CA GLY D 333 -3.65 23.65 -25.72
C GLY D 333 -3.38 23.81 -27.21
N SER D 334 -2.16 23.46 -27.64
CA SER D 334 -1.73 23.48 -29.07
C SER D 334 -1.25 22.07 -29.47
N GLY D 335 -1.48 21.67 -30.71
CA GLY D 335 -1.16 20.34 -31.26
C GLY D 335 -1.71 20.15 -32.66
N THR D 336 -1.16 19.19 -33.40
CA THR D 336 -1.51 18.92 -34.83
C THR D 336 -3.01 18.60 -34.96
N ALA D 337 -3.60 17.90 -33.98
CA ALA D 337 -4.99 17.41 -34.05
C ALA D 337 -5.98 18.56 -33.87
N CYS D 338 -5.76 19.44 -32.88
CA CYS D 338 -6.71 20.52 -32.48
C CYS D 338 -6.28 21.89 -33.01
N VAL D 339 -4.97 22.12 -33.18
CA VAL D 339 -4.34 23.44 -33.50
C VAL D 339 -4.43 24.35 -32.26
N VAL D 340 -5.64 24.80 -31.90
CA VAL D 340 -5.91 25.61 -30.68
C VAL D 340 -7.16 25.07 -29.99
N CYS D 341 -7.00 24.56 -28.77
CA CYS D 341 -8.06 23.99 -27.91
C CYS D 341 -8.23 24.86 -26.66
N PRO D 342 -9.19 25.81 -26.66
CA PRO D 342 -9.44 26.64 -25.47
C PRO D 342 -9.76 25.80 -24.23
N VAL D 343 -9.32 26.26 -23.06
CA VAL D 343 -9.59 25.65 -21.73
C VAL D 343 -10.56 26.56 -20.96
N SER D 344 -11.71 26.03 -20.53
CA SER D 344 -12.73 26.75 -19.75
C SER D 344 -12.61 26.43 -18.25
N ASP D 345 -12.22 25.19 -17.91
CA ASP D 345 -12.33 24.68 -16.51
C ASP D 345 -11.18 23.73 -16.16
N ILE D 346 -10.71 23.78 -14.92
CA ILE D 346 -9.68 22.88 -14.33
C ILE D 346 -10.22 22.32 -13.01
N LEU D 347 -10.35 21.00 -12.89
CA LEU D 347 -10.74 20.30 -11.64
C LEU D 347 -9.47 19.91 -10.87
N TYR D 348 -9.26 20.53 -9.70
CA TYR D 348 -8.02 20.44 -8.88
C TYR D 348 -8.38 20.56 -7.39
N LYS D 349 -7.92 19.60 -6.58
CA LYS D 349 -8.22 19.52 -5.13
C LYS D 349 -9.74 19.57 -4.94
N GLY D 350 -10.49 18.82 -5.74
CA GLY D 350 -11.94 18.59 -5.56
C GLY D 350 -12.82 19.73 -6.05
N GLU D 351 -12.27 20.93 -6.26
CA GLU D 351 -13.05 22.12 -6.68
C GLU D 351 -12.89 22.33 -8.19
N THR D 352 -13.79 23.12 -8.80
CA THR D 352 -13.81 23.43 -10.25
C THR D 352 -13.36 24.89 -10.45
N ILE D 353 -12.08 25.08 -10.79
CA ILE D 353 -11.49 26.41 -11.14
C ILE D 353 -11.88 26.74 -12.58
N HIS D 354 -12.71 27.78 -12.78
CA HIS D 354 -13.13 28.27 -14.11
C HIS D 354 -12.02 29.16 -14.69
N ILE D 355 -11.75 29.02 -15.99
CA ILE D 355 -10.80 29.88 -16.78
C ILE D 355 -11.63 30.69 -17.75
N PRO D 356 -11.49 32.04 -17.78
CA PRO D 356 -12.40 32.90 -18.55
C PRO D 356 -12.05 33.03 -20.04
N THR D 357 -11.51 31.96 -20.63
CA THR D 357 -11.01 31.94 -22.03
C THR D 357 -12.13 32.34 -22.99
N MET D 358 -13.30 31.72 -22.87
CA MET D 358 -14.46 31.92 -23.79
C MET D 358 -15.13 33.27 -23.54
N GLU D 359 -15.00 33.82 -22.33
CA GLU D 359 -15.55 35.16 -21.96
C GLU D 359 -14.63 36.28 -22.47
N ASN D 360 -13.41 35.95 -22.92
CA ASN D 360 -12.43 36.92 -23.47
C ASN D 360 -12.26 36.71 -24.99
N GLY D 361 -13.27 36.14 -25.65
CA GLY D 361 -13.34 36.00 -27.13
C GLY D 361 -13.66 34.56 -27.54
N PRO D 362 -12.66 33.65 -27.54
CA PRO D 362 -11.30 33.95 -27.11
C PRO D 362 -10.48 34.64 -28.20
N LYS D 363 -9.99 35.86 -27.91
CA LYS D 363 -9.41 36.77 -28.93
C LYS D 363 -8.16 36.14 -29.55
N LEU D 364 -7.13 35.86 -28.73
CA LEU D 364 -5.79 35.39 -29.20
C LEU D 364 -5.93 34.00 -29.83
N ALA D 365 -6.60 33.08 -29.13
CA ALA D 365 -6.88 31.71 -29.61
C ALA D 365 -7.50 31.75 -31.01
N SER D 366 -8.52 32.58 -31.22
CA SER D 366 -9.24 32.70 -32.52
C SER D 366 -8.28 33.21 -33.59
N ARG D 367 -7.43 34.19 -33.25
CA ARG D 367 -6.47 34.83 -34.19
C ARG D 367 -5.43 33.80 -34.64
N ILE D 368 -4.91 32.99 -33.71
CA ILE D 368 -3.89 31.94 -33.97
C ILE D 368 -4.51 30.88 -34.87
N LEU D 369 -5.69 30.36 -34.50
CA LEU D 369 -6.40 29.30 -35.28
C LEU D 369 -6.56 29.79 -36.73
N SER D 370 -7.05 31.02 -36.91
CA SER D 370 -7.31 31.63 -38.23
C SER D 370 -5.99 31.76 -39.00
N LYS D 371 -4.91 32.21 -38.35
CA LYS D 371 -3.59 32.41 -38.99
C LYS D 371 -3.04 31.06 -39.48
N LEU D 372 -3.03 30.05 -38.60
CA LEU D 372 -2.49 28.70 -38.93
C LEU D 372 -3.36 28.06 -40.01
N THR D 373 -4.68 28.16 -39.88
CA THR D 373 -5.66 27.60 -40.84
C THR D 373 -5.44 28.25 -42.22
N ASP D 374 -5.37 29.59 -42.27
CA ASP D 374 -5.13 30.34 -43.52
C ASP D 374 -3.88 29.80 -44.21
N ILE D 375 -2.81 29.56 -43.45
CA ILE D 375 -1.49 29.11 -43.99
C ILE D 375 -1.64 27.69 -44.53
N GLN D 376 -2.28 26.80 -43.77
CA GLN D 376 -2.40 25.35 -44.07
C GLN D 376 -3.19 25.16 -45.38
N TYR D 377 -4.27 25.93 -45.57
CA TYR D 377 -5.20 25.77 -46.71
C TYR D 377 -4.88 26.76 -47.83
N GLY D 378 -3.72 27.41 -47.77
CA GLY D 378 -3.16 28.22 -48.87
C GLY D 378 -3.85 29.55 -49.07
N ARG D 379 -4.54 30.08 -48.05
CA ARG D 379 -5.22 31.41 -48.13
C ARG D 379 -4.18 32.53 -48.07
N GLU D 380 -3.02 32.31 -47.43
CA GLU D 380 -1.83 33.19 -47.57
C GLU D 380 -0.59 32.33 -47.78
N GLU D 381 0.42 32.86 -48.50
CA GLU D 381 1.69 32.15 -48.77
C GLU D 381 2.53 32.16 -47.49
N ARG D 382 3.35 31.12 -47.31
CA ARG D 382 4.29 30.95 -46.16
C ARG D 382 5.39 29.98 -46.56
N ASP D 383 6.58 30.16 -45.97
CA ASP D 383 7.73 29.23 -46.05
C ASP D 383 7.38 27.92 -45.34
N TRP D 384 6.39 27.96 -44.43
CA TRP D 384 5.93 26.83 -43.59
C TRP D 384 5.24 25.75 -44.42
N THR D 385 4.76 26.08 -45.63
CA THR D 385 4.02 25.13 -46.51
C THR D 385 4.87 24.68 -47.70
N ILE D 386 4.70 23.41 -48.09
CA ILE D 386 5.26 22.80 -49.32
C ILE D 386 4.08 22.19 -50.08
N VAL D 387 3.91 22.57 -51.35
CA VAL D 387 2.93 21.92 -52.28
C VAL D 387 3.49 20.54 -52.61
N LEU D 388 2.63 19.52 -52.68
CA LEU D 388 2.99 18.10 -52.96
C LEU D 388 3.81 18.01 -54.26
N SER D 389 4.94 17.29 -54.22
CA SER D 389 5.74 16.94 -55.44
C SER D 389 4.85 16.10 -56.37
C4 UTQ E . -19.13 6.37 11.89
C5 UTQ E . -17.64 5.20 14.30
C6 UTQ E . -19.14 3.54 13.34
C7 UTQ E . -17.28 5.85 9.88
C10 UTQ E . -17.73 4.57 15.55
N12 UTQ E . -19.24 2.91 14.59
C15 UTQ E . -15.14 4.35 10.60
C17 UTQ E . -18.52 3.43 15.69
C20 UTQ E . -19.23 7.38 7.69
O8 UTQ E . -16.40 4.04 11.22
C3 UTQ E . -17.28 5.06 11.04
C14 UTQ E . -18.22 6.89 9.74
O18 UTQ E . -18.17 7.64 8.59
C9 UTQ E . -19.15 7.15 10.76
CL1 UTQ E . -20.37 8.38 10.74
C1 UTQ E . -18.23 5.34 12.02
N2 UTQ E . -18.33 4.66 13.21
O11 UTQ E . -16.95 6.21 14.15
C19 UTQ E . -18.62 2.75 17.06
F22 UTQ E . -17.45 2.78 17.65
F23 UTQ E . -19.53 3.42 17.78
F21 UTQ E . -18.93 1.47 16.94
O13 UTQ E . -19.75 3.08 12.37
N1 PLP F . -19.11 -4.85 15.02
C2 PLP F . -18.26 -4.31 15.88
C2A PLP F . -16.83 -4.73 15.84
C3 PLP F . -18.70 -3.38 16.83
O3 PLP F . -17.81 -2.86 17.68
C4 PLP F . -20.06 -3.01 16.86
C4A PLP F . -20.50 -2.04 17.85
C5 PLP F . -20.94 -3.60 15.93
C6 PLP F . -20.42 -4.50 15.05
C5A PLP F . -22.40 -3.25 15.89
O4P PLP F . -23.03 -3.25 17.21
P PLP F . -24.41 -2.45 17.40
O1P PLP F . -24.90 -2.77 18.81
O2P PLP F . -24.02 -0.99 17.21
O3P PLP F . -25.34 -2.95 16.32
C4 UTQ G . 6.48 -8.19 37.05
C5 UTQ G . 6.50 -7.88 33.85
C6 UTQ G . 4.76 -6.47 34.81
C7 UTQ G . 4.52 -10.14 37.43
C10 UTQ G . 6.54 -7.04 32.73
N12 UTQ G . 4.81 -5.63 33.68
C15 UTQ G . 2.60 -10.60 35.75
C17 UTQ G . 5.71 -5.91 32.63
C20 UTQ G . 5.04 -9.90 40.72
O8 UTQ G . 3.57 -9.64 35.30
C3 UTQ G . 4.53 -9.39 36.25
C14 UTQ G . 5.48 -9.92 38.42
O18 UTQ G . 5.44 -10.67 39.56
C9 UTQ G . 6.47 -8.94 38.21
CL1 UTQ G . 7.69 -8.62 39.40
C1 UTQ G . 5.52 -8.41 36.05
N2 UTQ G . 5.60 -7.61 34.90
O11 UTQ G . 7.25 -8.85 33.88
C19 UTQ G . 5.75 -5.00 31.39
F22 UTQ G . 5.65 -3.73 31.78
F23 UTQ G . 6.88 -5.17 30.70
F21 UTQ G . 4.72 -5.28 30.58
O13 UTQ G . 3.97 -6.21 35.72
N1 PLP H . 6.96 -10.48 25.32
C2 PLP H . 6.00 -9.56 25.39
C2A PLP H . 4.60 -9.96 25.02
C3 PLP H . 6.28 -8.26 25.80
O3 PLP H . 5.28 -7.36 25.84
C4 PLP H . 7.61 -7.91 26.15
C4A PLP H . 7.90 -6.54 26.57
C5 PLP H . 8.60 -8.90 26.05
C6 PLP H . 8.23 -10.15 25.65
C5A PLP H . 10.04 -8.65 26.44
O4P PLP H . 10.62 -7.47 25.81
P PLP H . 11.95 -6.81 26.44
O1P PLP H . 11.52 -6.31 27.80
O2P PLP H . 13.02 -7.88 26.51
O3P PLP H . 12.32 -5.69 25.48
C4 UTQ I . 19.79 -11.17 -19.71
C5 UTQ I . 17.35 -9.82 -17.76
C6 UTQ I . 16.90 -9.75 -20.17
C7 UTQ I . 21.31 -8.83 -19.85
C10 UTQ I . 15.97 -9.72 -17.52
N12 UTQ I . 15.53 -9.63 -19.90
C15 UTQ I . 19.99 -6.49 -20.05
C17 UTQ I . 15.06 -9.62 -18.58
C20 UTQ I . 23.77 -8.93 -21.09
O8 UTQ I . 19.39 -7.55 -19.25
C3 UTQ I . 19.95 -8.77 -19.51
C14 UTQ I . 21.92 -10.06 -20.12
O18 UTQ I . 23.25 -10.13 -20.45
C9 UTQ I . 21.15 -11.24 -20.04
CL1 UTQ I . 21.87 -12.78 -20.36
C1 UTQ I . 19.20 -9.93 -19.42
N2 UTQ I . 17.83 -9.85 -19.11
O11 UTQ I . 18.13 -9.91 -16.82
C19 UTQ I . 13.54 -9.50 -18.34
F22 UTQ I . 13.24 -10.31 -17.34
F23 UTQ I . 13.19 -8.26 -18.05
F21 UTQ I . 12.90 -9.83 -19.46
O13 UTQ I . 17.29 -9.76 -21.34
N1 PLP J . 13.18 -4.73 -11.64
C2 PLP J . 12.62 -4.49 -12.82
C2A PLP J . 12.67 -3.09 -13.35
C3 PLP J . 11.99 -5.53 -13.54
O3 PLP J . 11.41 -5.25 -14.73
C4 PLP J . 11.97 -6.83 -13.00
C4A PLP J . 11.30 -7.89 -13.76
C5 PLP J . 12.57 -7.04 -11.75
C6 PLP J . 13.18 -5.97 -11.13
C5A PLP J . 12.64 -8.39 -11.09
O4P PLP J . 11.33 -8.98 -10.81
P PLP J . 11.19 -10.58 -10.63
O1P PLP J . 12.00 -10.98 -9.40
O2P PLP J . 11.76 -11.16 -11.91
O3P PLP J . 9.70 -10.81 -10.46
C4 UTQ K . -7.77 13.81 -30.50
C5 UTQ K . -4.64 14.26 -29.86
C6 UTQ K . -5.31 11.95 -30.21
C7 UTQ K . -8.75 13.77 -27.90
C10 UTQ K . -3.35 13.95 -30.27
N12 UTQ K . -4.01 11.65 -30.62
C15 UTQ K . -7.28 12.53 -26.03
C17 UTQ K . -3.03 12.65 -30.64
C20 UTQ K . -11.47 13.41 -27.75
O8 UTQ K . -6.56 13.17 -27.11
C3 UTQ K . -7.40 13.47 -28.13
C14 UTQ K . -9.61 14.08 -28.96
O18 UTQ K . -10.93 14.37 -28.69
C9 UTQ K . -9.10 14.10 -30.27
CL1 UTQ K . -10.02 14.48 -31.70
C1 UTQ K . -6.92 13.52 -29.44
N2 UTQ K . -5.62 13.25 -29.81
O11 UTQ K . -4.90 15.41 -29.52
C19 UTQ K . -1.63 12.29 -31.09
F22 UTQ K . -1.30 13.16 -32.04
F23 UTQ K . -0.75 12.36 -30.09
F21 UTQ K . -1.63 11.05 -31.55
O13 UTQ K . -6.19 11.07 -30.18
N1 PLP L . 2.47 17.42 -26.33
C2 PLP L . 2.72 16.11 -26.48
C2A PLP L . 2.98 15.27 -25.27
C3 PLP L . 2.75 15.54 -27.75
O3 PLP L . 3.01 14.22 -27.86
C4 PLP L . 2.51 16.34 -28.89
C4A PLP L . 2.55 15.70 -30.21
C5 PLP L . 2.25 17.71 -28.69
C6 PLP L . 2.24 18.18 -27.41
C5A PLP L . 1.96 18.64 -29.84
O4P PLP L . 2.94 18.49 -30.91
P PLP L . 2.62 19.01 -32.41
O1P PLP L . 2.22 20.46 -32.25
O2P PLP L . 1.50 18.16 -32.95
O3P PLP L . 3.93 18.80 -33.16
#